data_8OF6
#
_entry.id   8OF6
#
_cell.length_a   137.340
_cell.length_b   70.150
_cell.length_c   149.940
_cell.angle_alpha   90.00
_cell.angle_beta   98.91
_cell.angle_gamma   90.00
#
_symmetry.space_group_name_H-M   'P 1 2 1'
#
loop_
_entity.id
_entity.type
_entity.pdbx_description
1 polymer YtoQ
2 non-polymer 'SULFATE ION'
3 water water
#
_entity_poly.entity_id   1
_entity_poly.type   'polypeptide(L)'
_entity_poly.pdbx_seq_one_letter_code
;MASWSHPQFEKGAETAVPNSSSMEFIVYLAGEIHSNWREEIKEKTKSLKLPITFVGPMENHDRSDNIGEEIMGVQPNAVL
KDDKASDINNFRTAVLMNKADFVIALFGEKYKQWNTAMDASYAIAKGKPLIIIRPESLHHPLKELSNKANITVETVNQAI
KALSYLFETE
;
_entity_poly.pdbx_strand_id   A,B,C,D,E,F,G,H,I,J,K,L,M,N,O,P
#
# COMPACT_ATOMS: atom_id res chain seq x y z
N MET A 23 -23.78 -35.38 0.99
CA MET A 23 -23.72 -33.94 1.23
C MET A 23 -22.36 -33.54 1.79
N GLU A 24 -22.05 -32.26 1.59
CA GLU A 24 -20.72 -31.78 2.00
C GLU A 24 -20.76 -31.17 3.39
N PHE A 25 -19.71 -31.40 4.15
CA PHE A 25 -19.56 -30.80 5.47
C PHE A 25 -18.22 -30.08 5.54
N ILE A 26 -18.25 -28.85 6.04
CA ILE A 26 -17.04 -28.05 6.25
C ILE A 26 -16.79 -28.00 7.75
N VAL A 27 -15.56 -28.29 8.16
CA VAL A 27 -15.22 -28.43 9.58
C VAL A 27 -14.04 -27.53 9.92
N TYR A 28 -14.22 -26.67 10.91
CA TYR A 28 -13.13 -25.82 11.36
C TYR A 28 -12.29 -26.58 12.38
N LEU A 29 -10.96 -26.59 12.19
CA LEU A 29 -10.02 -27.23 13.08
C LEU A 29 -9.30 -26.16 13.91
N ALA A 30 -9.72 -25.98 15.16
CA ALA A 30 -9.15 -24.98 16.04
C ALA A 30 -8.15 -25.60 17.03
N GLY A 31 -7.12 -24.84 17.37
CA GLY A 31 -6.13 -25.35 18.28
C GLY A 31 -4.76 -24.83 17.92
N GLU A 32 -3.75 -25.22 18.69
CA GLU A 32 -2.42 -24.64 18.53
C GLU A 32 -1.84 -24.90 17.14
N ILE A 33 -1.16 -23.88 16.62
CA ILE A 33 -0.55 -23.93 15.29
C ILE A 33 0.92 -24.31 15.36
N HIS A 34 1.38 -24.81 16.51
CA HIS A 34 2.79 -25.11 16.68
C HIS A 34 3.12 -26.54 16.27
N SER A 35 2.17 -27.46 16.41
CA SER A 35 2.36 -28.82 15.98
C SER A 35 1.62 -29.04 14.66
N ASN A 36 1.49 -30.30 14.25
CA ASN A 36 0.84 -30.67 12.99
C ASN A 36 -0.22 -31.74 13.23
N TRP A 37 -0.94 -31.61 14.35
CA TRP A 37 -2.01 -32.55 14.66
C TRP A 37 -3.13 -32.52 13.62
N ARG A 38 -3.34 -31.36 12.98
CA ARG A 38 -4.39 -31.26 11.96
C ARG A 38 -4.14 -32.24 10.81
N GLU A 39 -2.88 -32.40 10.41
CA GLU A 39 -2.58 -33.30 9.30
C GLU A 39 -3.04 -34.72 9.60
N GLU A 40 -2.89 -35.16 10.85
CA GLU A 40 -3.40 -36.47 11.24
C GLU A 40 -4.90 -36.58 10.96
N ILE A 41 -5.66 -35.56 11.35
CA ILE A 41 -7.09 -35.57 11.15
C ILE A 41 -7.42 -35.61 9.67
N LYS A 42 -6.70 -34.81 8.87
CA LYS A 42 -7.06 -34.67 7.47
C LYS A 42 -6.80 -35.95 6.68
N GLU A 43 -5.73 -36.67 7.01
CA GLU A 43 -5.42 -37.89 6.29
C GLU A 43 -6.33 -39.05 6.72
N LYS A 44 -6.54 -39.23 8.02
CA LYS A 44 -7.41 -40.32 8.47
C LYS A 44 -8.84 -40.14 7.96
N THR A 45 -9.29 -38.89 7.81
CA THR A 45 -10.60 -38.61 7.22
C THR A 45 -10.57 -38.88 5.71
N LYS A 46 -9.45 -38.54 5.06
CA LYS A 46 -9.28 -38.83 3.63
C LYS A 46 -9.22 -40.32 3.38
N SER A 47 -8.41 -41.05 4.15
CA SER A 47 -8.39 -42.51 4.07
C SER A 47 -9.80 -43.09 4.04
N LEU A 48 -10.67 -42.59 4.94
CA LEU A 48 -12.05 -43.10 5.11
C LEU A 48 -13.00 -42.53 4.06
N LYS A 49 -12.59 -41.52 3.31
CA LYS A 49 -13.38 -40.93 2.19
C LYS A 49 -14.64 -40.23 2.71
N LEU A 50 -14.63 -39.71 3.94
CA LEU A 50 -15.78 -38.95 4.49
C LEU A 50 -15.97 -37.71 3.64
N PRO A 51 -17.22 -37.24 3.41
CA PRO A 51 -17.50 -36.00 2.65
C PRO A 51 -17.28 -34.75 3.50
N ILE A 52 -16.02 -34.56 3.90
CA ILE A 52 -15.65 -33.53 4.85
C ILE A 52 -14.46 -32.77 4.30
N THR A 53 -14.59 -31.44 4.22
CA THR A 53 -13.48 -30.54 3.95
C THR A 53 -13.13 -29.79 5.22
N PHE A 54 -11.84 -29.72 5.51
CA PHE A 54 -11.33 -29.07 6.71
C PHE A 54 -10.81 -27.69 6.36
N VAL A 55 -11.06 -26.71 7.25
CA VAL A 55 -10.54 -25.36 7.14
C VAL A 55 -9.95 -25.01 8.50
N GLY A 56 -9.10 -24.00 8.52
CA GLY A 56 -8.44 -23.65 9.75
C GLY A 56 -7.58 -22.43 9.59
N PRO A 57 -6.89 -22.07 10.66
CA PRO A 57 -6.03 -20.89 10.62
C PRO A 57 -4.73 -21.20 9.86
N MET A 58 -4.00 -20.12 9.55
CA MET A 58 -2.65 -20.25 9.00
C MET A 58 -1.78 -21.10 9.91
N GLU A 59 -1.22 -22.20 9.38
CA GLU A 59 -0.53 -23.18 10.21
C GLU A 59 0.96 -22.87 10.43
N ASN A 60 1.48 -21.85 9.78
CA ASN A 60 2.88 -21.47 9.91
C ASN A 60 2.98 -20.33 10.92
N HIS A 61 3.58 -20.61 12.09
CA HIS A 61 3.55 -19.66 13.19
C HIS A 61 4.27 -18.37 12.84
N ASP A 62 5.45 -18.46 12.22
CA ASP A 62 6.17 -17.25 11.84
C ASP A 62 5.34 -16.42 10.87
N ARG A 63 4.75 -17.05 9.86
CA ARG A 63 3.85 -16.32 8.96
C ARG A 63 2.68 -15.74 9.74
N SER A 64 2.07 -16.54 10.63
CA SER A 64 0.92 -16.07 11.38
C SER A 64 1.26 -14.86 12.25
N ASP A 65 2.44 -14.86 12.87
CA ASP A 65 2.82 -13.77 13.76
C ASP A 65 3.15 -12.49 13.00
N ASN A 66 3.64 -12.60 11.78
CA ASN A 66 4.13 -11.41 11.09
C ASN A 66 3.16 -10.88 10.04
N ILE A 67 2.01 -11.54 9.82
CA ILE A 67 1.15 -11.11 8.73
C ILE A 67 0.66 -9.68 8.95
N GLY A 68 0.48 -9.27 10.21
CA GLY A 68 0.08 -7.90 10.46
C GLY A 68 1.08 -6.91 9.89
N GLU A 69 2.37 -7.14 10.16
CA GLU A 69 3.38 -6.24 9.62
C GLU A 69 3.57 -6.47 8.12
N GLU A 70 3.42 -7.70 7.65
CA GLU A 70 3.54 -7.93 6.21
C GLU A 70 2.57 -7.06 5.42
N ILE A 71 1.35 -6.88 5.93
CA ILE A 71 0.27 -6.22 5.20
C ILE A 71 0.16 -4.75 5.55
N MET A 72 0.18 -4.41 6.84
CA MET A 72 0.25 -3.01 7.26
C MET A 72 1.70 -2.69 7.58
N GLY A 73 1.97 -1.46 7.96
CA GLY A 73 3.35 -1.11 8.23
C GLY A 73 3.98 -1.95 9.33
N VAL A 74 5.32 -1.95 9.37
CA VAL A 74 6.01 -2.31 10.60
C VAL A 74 5.37 -1.46 11.69
N GLN A 75 5.28 -2.00 12.90
CA GLN A 75 4.49 -1.29 13.90
C GLN A 75 5.38 -0.71 15.00
N PRO A 76 4.93 0.36 15.66
CA PRO A 76 5.73 0.96 16.74
C PRO A 76 6.12 0.02 17.88
N ASN A 77 5.36 -1.05 18.16
CA ASN A 77 5.73 -1.89 19.30
C ASN A 77 5.12 -3.29 19.15
N ALA A 78 5.51 -4.16 20.08
CA ALA A 78 5.11 -5.57 20.02
C ALA A 78 3.59 -5.73 20.13
N VAL A 79 2.94 -4.92 20.96
CA VAL A 79 1.50 -5.07 21.10
C VAL A 79 0.79 -4.72 19.78
N LEU A 80 1.21 -3.64 19.11
CA LEU A 80 0.57 -3.27 17.86
C LEU A 80 0.88 -4.27 16.75
N LYS A 81 2.11 -4.80 16.73
CA LYS A 81 2.43 -5.88 15.81
C LYS A 81 1.46 -7.05 16.00
N ASP A 82 1.20 -7.44 17.25
CA ASP A 82 0.29 -8.54 17.51
C ASP A 82 -1.15 -8.18 17.18
N ASP A 83 -1.58 -6.95 17.51
CA ASP A 83 -2.94 -6.51 17.16
C ASP A 83 -3.16 -6.52 15.65
N LYS A 84 -2.20 -5.98 14.88
CA LYS A 84 -2.35 -5.94 13.44
C LYS A 84 -2.38 -7.36 12.86
N ALA A 85 -1.52 -8.23 13.36
CA ALA A 85 -1.57 -9.63 12.97
C ALA A 85 -2.93 -10.25 13.27
N SER A 86 -3.54 -9.88 14.41
CA SER A 86 -4.85 -10.44 14.76
C SER A 86 -5.97 -9.87 13.88
N ASP A 87 -5.88 -8.63 13.44
CA ASP A 87 -6.81 -8.15 12.41
C ASP A 87 -6.96 -9.16 11.29
N ILE A 88 -5.81 -9.63 10.75
CA ILE A 88 -5.82 -10.50 9.59
C ILE A 88 -6.22 -11.91 9.98
N ASN A 89 -5.67 -12.40 11.11
CA ASN A 89 -5.97 -13.77 11.53
C ASN A 89 -7.42 -13.91 11.94
N ASN A 90 -7.97 -12.94 12.68
CA ASN A 90 -9.38 -13.00 13.07
C ASN A 90 -10.30 -12.83 11.87
N PHE A 91 -9.84 -12.11 10.82
CA PHE A 91 -10.59 -12.04 9.59
C PHE A 91 -10.66 -13.41 8.91
N ARG A 92 -9.52 -14.07 8.73
CA ARG A 92 -9.51 -15.44 8.19
C ARG A 92 -10.39 -16.37 9.00
N THR A 93 -10.28 -16.29 10.34
CA THR A 93 -11.07 -17.17 11.20
C THR A 93 -12.55 -16.93 11.02
N ALA A 94 -12.96 -15.66 10.99
CA ALA A 94 -14.38 -15.35 10.90
C ALA A 94 -14.95 -15.84 9.57
N VAL A 95 -14.24 -15.55 8.48
CA VAL A 95 -14.68 -15.97 7.15
C VAL A 95 -14.80 -17.49 7.08
N LEU A 96 -13.77 -18.21 7.53
CA LEU A 96 -13.80 -19.68 7.46
C LEU A 96 -14.81 -20.28 8.44
N MET A 97 -14.84 -19.77 9.67
CA MET A 97 -15.83 -20.23 10.65
C MET A 97 -17.25 -20.09 10.09
N ASN A 98 -17.54 -18.96 9.42
CA ASN A 98 -18.85 -18.74 8.80
C ASN A 98 -19.18 -19.81 7.74
N LYS A 99 -18.18 -20.51 7.19
CA LYS A 99 -18.45 -21.62 6.29
C LYS A 99 -18.62 -22.93 7.02
N ALA A 100 -18.15 -23.03 8.27
CA ALA A 100 -18.08 -24.32 8.94
C ALA A 100 -19.44 -24.76 9.46
N ASP A 101 -19.77 -26.03 9.22
CA ASP A 101 -20.96 -26.63 9.81
C ASP A 101 -20.70 -27.03 11.26
N PHE A 102 -19.52 -27.54 11.58
CA PHE A 102 -19.18 -27.78 12.97
C PHE A 102 -17.67 -27.64 13.17
N VAL A 103 -17.22 -27.84 14.41
CA VAL A 103 -15.89 -27.45 14.84
C VAL A 103 -15.26 -28.55 15.67
N ILE A 104 -13.98 -28.78 15.47
CA ILE A 104 -13.17 -29.61 16.34
C ILE A 104 -12.05 -28.74 16.89
N ALA A 105 -11.91 -28.72 18.22
CA ALA A 105 -10.85 -27.97 18.90
C ALA A 105 -10.00 -28.94 19.69
N LEU A 106 -8.69 -28.80 19.58
CA LEU A 106 -7.75 -29.68 20.24
C LEU A 106 -6.88 -28.85 21.18
N PHE A 107 -6.82 -29.27 22.44
CA PHE A 107 -5.95 -28.69 23.47
C PHE A 107 -4.80 -29.65 23.76
N GLY A 108 -3.62 -29.08 23.99
CA GLY A 108 -2.45 -29.87 24.36
C GLY A 108 -1.80 -29.32 25.61
N GLU A 109 -0.72 -29.98 26.02
CA GLU A 109 -0.09 -29.63 27.28
C GLU A 109 0.76 -28.36 27.21
N LYS A 110 1.09 -27.87 26.02
CA LYS A 110 1.91 -26.67 25.89
C LYS A 110 1.08 -25.47 25.45
N TYR A 111 1.59 -24.28 25.81
CA TYR A 111 1.11 -22.97 25.35
C TYR A 111 -0.17 -22.54 26.05
N LYS A 112 -0.45 -21.22 26.06
CA LYS A 112 -1.63 -20.71 26.76
C LYS A 112 -2.93 -21.19 26.09
N GLN A 113 -3.00 -21.11 24.76
CA GLN A 113 -4.14 -21.64 24.01
C GLN A 113 -5.44 -20.92 24.35
N TRP A 114 -5.35 -19.64 24.69
CA TRP A 114 -6.57 -18.87 24.88
C TRP A 114 -7.33 -18.71 23.57
N ASN A 115 -6.60 -18.60 22.45
CA ASN A 115 -7.20 -18.61 21.12
C ASN A 115 -8.01 -19.89 20.89
N THR A 116 -7.48 -21.04 21.30
CA THR A 116 -8.22 -22.29 21.19
C THR A 116 -9.54 -22.21 21.96
N ALA A 117 -9.47 -21.84 23.25
CA ALA A 117 -10.68 -21.67 24.04
C ALA A 117 -11.64 -20.67 23.40
N MET A 118 -11.10 -19.57 22.86
CA MET A 118 -11.92 -18.62 22.11
C MET A 118 -12.75 -19.29 21.02
N ASP A 119 -12.09 -20.01 20.12
CA ASP A 119 -12.79 -20.60 18.97
C ASP A 119 -13.83 -21.62 19.41
N ALA A 120 -13.52 -22.42 20.43
CA ALA A 120 -14.47 -23.43 20.90
C ALA A 120 -15.68 -22.76 21.51
N SER A 121 -15.46 -21.78 22.40
CA SER A 121 -16.56 -21.02 22.98
C SER A 121 -17.42 -20.37 21.90
N TYR A 122 -16.77 -19.81 20.87
CA TYR A 122 -17.51 -19.16 19.79
C TYR A 122 -18.44 -20.16 19.08
N ALA A 123 -17.93 -21.36 18.79
CA ALA A 123 -18.74 -22.41 18.17
C ALA A 123 -19.92 -22.78 19.06
N ILE A 124 -19.68 -22.98 20.36
CA ILE A 124 -20.78 -23.19 21.31
C ILE A 124 -21.79 -22.04 21.23
N ALA A 125 -21.29 -20.81 21.33
CA ALA A 125 -22.18 -19.66 21.43
C ALA A 125 -23.01 -19.47 20.15
N LYS A 126 -22.51 -19.89 19.00
CA LYS A 126 -23.23 -19.74 17.75
C LYS A 126 -24.06 -20.96 17.38
N GLY A 127 -24.10 -21.99 18.23
CA GLY A 127 -24.84 -23.18 17.90
C GLY A 127 -24.13 -24.13 16.97
N LYS A 128 -22.81 -24.07 16.88
CA LYS A 128 -22.09 -24.97 16.00
C LYS A 128 -21.65 -26.18 16.81
N PRO A 129 -22.07 -27.40 16.43
CA PRO A 129 -21.63 -28.59 17.14
C PRO A 129 -20.12 -28.59 17.31
N LEU A 130 -19.67 -29.03 18.48
CA LEU A 130 -18.26 -28.91 18.82
C LEU A 130 -17.72 -30.20 19.42
N ILE A 131 -16.61 -30.69 18.86
CA ILE A 131 -15.88 -31.81 19.43
C ILE A 131 -14.62 -31.24 20.04
N ILE A 132 -14.33 -31.61 21.29
CA ILE A 132 -13.10 -31.20 21.95
C ILE A 132 -12.22 -32.43 22.14
N ILE A 133 -10.96 -32.31 21.75
CA ILE A 133 -9.94 -33.32 22.03
C ILE A 133 -8.98 -32.70 23.04
N ARG A 134 -8.81 -33.38 24.18
CA ARG A 134 -7.98 -32.88 25.27
C ARG A 134 -7.54 -34.09 26.07
N PRO A 135 -6.31 -34.14 26.55
CA PRO A 135 -5.91 -35.29 27.39
C PRO A 135 -6.57 -35.21 28.76
N GLU A 136 -6.74 -36.38 29.38
CA GLU A 136 -7.39 -36.42 30.68
C GLU A 136 -6.71 -35.51 31.71
N SER A 137 -5.40 -35.31 31.59
CA SER A 137 -4.70 -34.46 32.54
C SER A 137 -5.16 -33.00 32.51
N LEU A 138 -5.84 -32.56 31.46
CA LEU A 138 -6.33 -31.16 31.34
C LEU A 138 -7.83 -31.09 31.67
N HIS A 139 -8.43 -32.14 32.24
CA HIS A 139 -9.90 -32.12 32.44
C HIS A 139 -10.33 -31.04 33.41
N HIS A 140 -9.61 -30.85 34.49
CA HIS A 140 -10.02 -29.88 35.52
C HIS A 140 -10.02 -28.47 34.92
N PRO A 141 -8.94 -27.93 34.34
CA PRO A 141 -9.03 -26.57 33.76
C PRO A 141 -9.95 -26.47 32.55
N LEU A 142 -10.36 -27.58 31.98
CA LEU A 142 -11.24 -27.55 30.81
C LEU A 142 -12.66 -27.97 31.14
N LYS A 143 -13.02 -28.03 32.44
CA LYS A 143 -14.27 -28.67 32.79
C LYS A 143 -15.47 -27.88 32.28
N GLU A 144 -15.43 -26.55 32.39
CA GLU A 144 -16.54 -25.75 31.89
C GLU A 144 -16.71 -25.93 30.39
N LEU A 145 -15.62 -25.79 29.65
CA LEU A 145 -15.66 -25.91 28.20
C LEU A 145 -16.07 -27.32 27.74
N SER A 146 -15.47 -28.37 28.33
CA SER A 146 -15.85 -29.71 27.87
C SER A 146 -17.31 -30.02 28.18
N ASN A 147 -17.79 -29.53 29.32
CA ASN A 147 -19.21 -29.69 29.70
C ASN A 147 -20.15 -29.10 28.65
N LYS A 148 -19.74 -28.01 27.98
CA LYS A 148 -20.55 -27.37 26.95
C LYS A 148 -20.39 -28.00 25.57
N ALA A 149 -19.26 -28.67 25.32
CA ALA A 149 -19.02 -29.27 24.02
C ALA A 149 -20.02 -30.39 23.75
N ASN A 150 -20.18 -30.72 22.49
CA ASN A 150 -21.01 -31.87 22.14
C ASN A 150 -20.34 -33.17 22.55
N ILE A 151 -19.03 -33.28 22.35
CA ILE A 151 -18.27 -34.49 22.61
C ILE A 151 -16.90 -34.11 23.13
N THR A 152 -16.48 -34.72 24.23
CA THR A 152 -15.10 -34.58 24.69
C THR A 152 -14.43 -35.96 24.67
N VAL A 153 -13.34 -36.07 23.91
CA VAL A 153 -12.55 -37.28 23.82
C VAL A 153 -11.09 -36.92 24.11
N GLU A 154 -10.25 -37.94 24.21
CA GLU A 154 -8.82 -37.76 24.51
C GLU A 154 -7.93 -37.78 23.27
N THR A 155 -8.33 -38.47 22.21
CA THR A 155 -7.43 -38.70 21.08
C THR A 155 -8.07 -38.27 19.77
N VAL A 156 -7.22 -38.14 18.76
CA VAL A 156 -7.72 -37.90 17.42
C VAL A 156 -8.52 -39.12 16.93
N ASN A 157 -8.03 -40.33 17.23
CA ASN A 157 -8.74 -41.53 16.77
C ASN A 157 -10.17 -41.58 17.30
N GLN A 158 -10.38 -41.23 18.58
CA GLN A 158 -11.76 -41.13 19.06
C GLN A 158 -12.57 -40.12 18.27
N ALA A 159 -11.96 -39.00 17.88
CA ALA A 159 -12.69 -37.99 17.13
C ALA A 159 -13.13 -38.54 15.78
N ILE A 160 -12.24 -39.28 15.12
CA ILE A 160 -12.54 -39.86 13.80
C ILE A 160 -13.69 -40.86 13.91
N LYS A 161 -13.78 -41.59 15.03
CA LYS A 161 -14.91 -42.51 15.21
C LYS A 161 -16.22 -41.74 15.32
N ALA A 162 -16.20 -40.59 16.01
CA ALA A 162 -17.39 -39.74 16.03
C ALA A 162 -17.75 -39.27 14.63
N LEU A 163 -16.76 -38.83 13.84
CA LEU A 163 -17.02 -38.36 12.49
C LEU A 163 -17.61 -39.46 11.61
N SER A 164 -17.09 -40.69 11.72
CA SER A 164 -17.59 -41.79 10.90
C SER A 164 -19.02 -42.17 11.28
N TYR A 165 -19.33 -42.14 12.57
CA TYR A 165 -20.69 -42.42 13.02
C TYR A 165 -21.71 -41.50 12.36
N LEU A 166 -21.28 -40.33 11.89
CA LEU A 166 -22.17 -39.39 11.21
C LEU A 166 -22.78 -39.99 9.96
N PHE A 167 -21.99 -40.78 9.23
CA PHE A 167 -22.39 -41.34 7.92
C PHE A 167 -22.70 -42.84 7.99
N GLU A 168 -22.49 -43.50 9.12
CA GLU A 168 -22.66 -44.96 9.24
C GLU A 168 -24.13 -45.34 9.10
N THR A 169 -24.41 -46.55 8.62
CA THR A 169 -25.78 -47.04 8.38
C THR A 169 -26.09 -48.21 9.31
N GLU A 170 -25.11 -48.72 10.06
CA GLU A 170 -25.28 -49.82 11.04
C GLU A 170 -24.19 -49.70 12.10
N MET B 23 -32.10 4.32 34.49
CA MET B 23 -31.56 3.31 33.53
C MET B 23 -30.41 2.55 34.22
N GLU B 24 -30.54 1.23 34.33
CA GLU B 24 -29.53 0.45 35.07
C GLU B 24 -28.87 -0.59 34.17
N PHE B 25 -27.65 -1.00 34.52
CA PHE B 25 -26.90 -1.99 33.72
C PHE B 25 -26.42 -3.16 34.57
N ILE B 26 -26.46 -4.36 34.01
CA ILE B 26 -25.94 -5.55 34.69
C ILE B 26 -24.68 -5.99 33.96
N VAL B 27 -23.62 -6.24 34.72
CA VAL B 27 -22.30 -6.49 34.17
C VAL B 27 -21.77 -7.79 34.76
N TYR B 28 -21.42 -8.73 33.88
CA TYR B 28 -20.84 -10.00 34.29
C TYR B 28 -19.34 -9.84 34.48
N LEU B 29 -18.82 -10.28 35.62
CA LEU B 29 -17.38 -10.25 35.92
C LEU B 29 -16.81 -11.65 35.73
N ALA B 30 -16.21 -11.88 34.57
CA ALA B 30 -15.59 -13.17 34.23
C ALA B 30 -14.12 -13.15 34.63
N GLY B 31 -13.58 -14.29 35.06
CA GLY B 31 -12.18 -14.39 35.47
C GLY B 31 -11.94 -15.46 36.51
N GLU B 32 -10.69 -15.59 36.94
CA GLU B 32 -10.29 -16.59 37.97
C GLU B 32 -10.95 -16.23 39.30
N ILE B 33 -11.39 -17.23 40.07
CA ILE B 33 -12.10 -17.01 41.37
C ILE B 33 -11.18 -17.40 42.52
N HIS B 34 -9.86 -17.24 42.35
CA HIS B 34 -8.86 -17.53 43.40
C HIS B 34 -8.52 -16.23 44.10
N SER B 35 -8.52 -15.10 43.39
CA SER B 35 -8.20 -13.76 43.94
C SER B 35 -9.46 -12.93 44.21
N ASN B 36 -9.31 -11.66 44.59
CA ASN B 36 -10.42 -10.75 44.98
C ASN B 36 -10.41 -9.52 44.07
N TRP B 37 -9.94 -9.65 42.85
CA TRP B 37 -9.92 -8.54 41.86
C TRP B 37 -11.33 -7.98 41.73
N ARG B 38 -12.35 -8.80 41.91
CA ARG B 38 -13.71 -8.34 41.64
C ARG B 38 -14.16 -7.30 42.66
N GLU B 39 -13.83 -7.48 43.94
CA GLU B 39 -14.33 -6.55 44.94
C GLU B 39 -13.76 -5.16 44.73
N GLU B 40 -12.55 -5.06 44.14
CA GLU B 40 -12.00 -3.77 43.77
C GLU B 40 -12.89 -3.06 42.76
N ILE B 41 -13.34 -3.78 41.73
CA ILE B 41 -14.26 -3.23 40.76
C ILE B 41 -15.56 -2.81 41.42
N LYS B 42 -16.11 -3.68 42.27
CA LYS B 42 -17.41 -3.38 42.86
C LYS B 42 -17.33 -2.16 43.79
N GLU B 43 -16.30 -2.09 44.62
CA GLU B 43 -16.20 -0.98 45.56
C GLU B 43 -16.06 0.35 44.82
N LYS B 44 -15.08 0.44 43.90
CA LYS B 44 -14.85 1.70 43.19
C LYS B 44 -16.08 2.11 42.39
N THR B 45 -16.78 1.14 41.79
CA THR B 45 -18.01 1.48 41.08
C THR B 45 -19.02 2.07 42.03
N LYS B 46 -19.18 1.47 43.20
CA LYS B 46 -20.14 1.97 44.18
C LYS B 46 -19.75 3.37 44.65
N SER B 47 -18.46 3.59 44.92
CA SER B 47 -18.02 4.94 45.30
C SER B 47 -18.41 5.95 44.23
N LEU B 48 -18.33 5.56 42.97
CA LEU B 48 -18.75 6.50 41.92
C LEU B 48 -20.25 6.54 41.73
N LYS B 49 -21.00 5.65 42.40
CA LYS B 49 -22.46 5.62 42.33
C LYS B 49 -22.98 5.33 40.92
N LEU B 50 -22.22 4.58 40.12
CA LEU B 50 -22.70 4.24 38.77
C LEU B 50 -23.88 3.26 38.86
N PRO B 51 -24.87 3.37 37.98
CA PRO B 51 -26.03 2.45 38.06
C PRO B 51 -25.72 1.07 37.48
N ILE B 52 -24.83 0.36 38.15
CA ILE B 52 -24.32 -0.91 37.66
C ILE B 52 -24.46 -1.95 38.75
N THR B 53 -25.04 -3.09 38.42
CA THR B 53 -25.10 -4.22 39.32
C THR B 53 -24.25 -5.33 38.72
N PHE B 54 -23.36 -5.89 39.52
CA PHE B 54 -22.41 -6.86 39.02
C PHE B 54 -22.88 -8.27 39.32
N VAL B 55 -22.63 -9.19 38.41
CA VAL B 55 -22.92 -10.59 38.62
C VAL B 55 -21.67 -11.36 38.22
N GLY B 56 -21.62 -12.62 38.62
CA GLY B 56 -20.53 -13.46 38.20
C GLY B 56 -20.64 -14.85 38.78
N PRO B 57 -19.60 -15.66 38.60
CA PRO B 57 -19.62 -17.04 39.09
C PRO B 57 -19.46 -17.05 40.61
N MET B 58 -19.71 -18.21 41.19
CA MET B 58 -19.44 -18.37 42.62
C MET B 58 -17.96 -18.11 42.85
N GLU B 59 -17.67 -17.24 43.82
CA GLU B 59 -16.31 -16.77 43.99
C GLU B 59 -15.49 -17.63 44.94
N ASN B 60 -16.16 -18.46 45.75
CA ASN B 60 -15.51 -19.40 46.67
C ASN B 60 -15.04 -20.60 45.86
N HIS B 61 -13.72 -20.77 45.78
CA HIS B 61 -13.16 -21.83 44.94
C HIS B 61 -13.58 -23.22 45.42
N ASP B 62 -13.59 -23.43 46.74
CA ASP B 62 -13.90 -24.77 47.26
C ASP B 62 -15.37 -25.09 47.07
N ARG B 63 -16.25 -24.14 47.33
CA ARG B 63 -17.66 -24.32 47.04
C ARG B 63 -17.85 -24.66 45.56
N SER B 64 -17.20 -23.89 44.67
CA SER B 64 -17.37 -24.06 43.24
C SER B 64 -16.92 -25.45 42.76
N ASP B 65 -15.75 -25.89 43.21
CA ASP B 65 -15.25 -27.21 42.80
C ASP B 65 -16.14 -28.35 43.29
N ASN B 66 -16.85 -28.15 44.41
CA ASN B 66 -17.57 -29.24 45.06
C ASN B 66 -19.08 -29.17 44.90
N ILE B 67 -19.61 -28.12 44.26
CA ILE B 67 -21.06 -27.95 44.16
C ILE B 67 -21.69 -29.13 43.44
N GLY B 68 -20.94 -29.75 42.52
CA GLY B 68 -21.48 -30.90 41.81
C GLY B 68 -21.75 -32.07 42.74
N GLU B 69 -20.75 -32.42 43.57
CA GLU B 69 -20.95 -33.49 44.54
C GLU B 69 -21.92 -33.08 45.64
N GLU B 70 -21.93 -31.79 46.02
CA GLU B 70 -22.83 -31.32 47.06
C GLU B 70 -24.30 -31.53 46.69
N ILE B 71 -24.64 -31.40 45.42
CA ILE B 71 -26.03 -31.44 44.98
C ILE B 71 -26.39 -32.83 44.51
N MET B 72 -25.42 -33.53 43.93
CA MET B 72 -25.66 -34.74 43.18
C MET B 72 -24.95 -35.95 43.75
N GLY B 73 -24.30 -35.80 44.89
CA GLY B 73 -23.59 -36.92 45.51
C GLY B 73 -22.17 -37.03 45.03
N VAL B 74 -21.32 -37.58 45.90
CA VAL B 74 -19.97 -37.95 45.54
C VAL B 74 -19.98 -38.74 44.24
N GLN B 75 -19.05 -38.42 43.35
CA GLN B 75 -18.96 -39.00 42.02
C GLN B 75 -17.85 -40.06 41.95
N PRO B 76 -17.92 -40.98 40.99
CA PRO B 76 -16.92 -42.07 40.96
C PRO B 76 -15.48 -41.61 40.78
N ASN B 77 -15.21 -40.49 40.10
CA ASN B 77 -13.85 -40.07 39.83
C ASN B 77 -13.79 -38.54 39.69
N ALA B 78 -12.56 -38.02 39.58
CA ALA B 78 -12.39 -36.57 39.52
C ALA B 78 -12.99 -35.97 38.24
N VAL B 79 -12.96 -36.71 37.13
CA VAL B 79 -13.55 -36.20 35.89
C VAL B 79 -15.04 -35.99 36.07
N LEU B 80 -15.71 -36.94 36.73
CA LEU B 80 -17.15 -36.80 36.91
C LEU B 80 -17.45 -35.76 37.98
N LYS B 81 -16.59 -35.64 39.00
CA LYS B 81 -16.76 -34.58 39.99
C LYS B 81 -16.68 -33.19 39.33
N ASP B 82 -15.74 -33.00 38.41
CA ASP B 82 -15.66 -31.76 37.67
C ASP B 82 -16.85 -31.56 36.73
N ASP B 83 -17.34 -32.63 36.11
CA ASP B 83 -18.43 -32.42 35.16
C ASP B 83 -19.74 -32.13 35.85
N LYS B 84 -19.98 -32.73 37.04
CA LYS B 84 -21.18 -32.41 37.78
C LYS B 84 -21.12 -30.99 38.31
N ALA B 85 -19.96 -30.57 38.85
CA ALA B 85 -19.76 -29.16 39.18
C ALA B 85 -20.02 -28.25 37.99
N SER B 86 -19.59 -28.66 36.79
CA SER B 86 -19.75 -27.79 35.63
C SER B 86 -21.21 -27.73 35.16
N ASP B 87 -21.98 -28.80 35.35
CA ASP B 87 -23.42 -28.69 35.13
C ASP B 87 -23.99 -27.53 35.90
N ILE B 88 -23.61 -27.43 37.19
CA ILE B 88 -24.17 -26.41 38.06
C ILE B 88 -23.56 -25.05 37.76
N ASN B 89 -22.25 -25.00 37.57
CA ASN B 89 -21.61 -23.71 37.39
C ASN B 89 -21.97 -23.09 36.04
N ASN B 90 -21.97 -23.91 34.99
CA ASN B 90 -22.43 -23.41 33.70
C ASN B 90 -23.89 -23.00 33.74
N PHE B 91 -24.73 -23.65 34.55
CA PHE B 91 -26.11 -23.16 34.68
C PHE B 91 -26.15 -21.75 35.25
N ARG B 92 -25.46 -21.54 36.38
CA ARG B 92 -25.34 -20.19 36.94
C ARG B 92 -24.84 -19.21 35.89
N THR B 93 -23.83 -19.61 35.12
CA THR B 93 -23.18 -18.68 34.20
C THR B 93 -24.12 -18.32 33.05
N ALA B 94 -24.86 -19.30 32.55
CA ALA B 94 -25.79 -19.02 31.47
C ALA B 94 -26.90 -18.09 31.95
N VAL B 95 -27.40 -18.32 33.17
CA VAL B 95 -28.54 -17.57 33.68
C VAL B 95 -28.17 -16.12 33.96
N LEU B 96 -27.00 -15.89 34.55
CA LEU B 96 -26.59 -14.52 34.83
C LEU B 96 -26.15 -13.79 33.56
N MET B 97 -25.51 -14.50 32.63
CA MET B 97 -25.06 -13.88 31.39
C MET B 97 -26.25 -13.46 30.53
N ASN B 98 -27.30 -14.28 30.52
CA ASN B 98 -28.53 -13.87 29.86
C ASN B 98 -29.08 -12.58 30.44
N LYS B 99 -28.75 -12.25 31.71
CA LYS B 99 -29.15 -10.99 32.33
C LYS B 99 -28.18 -9.84 32.07
N ALA B 100 -26.95 -10.12 31.66
CA ALA B 100 -25.93 -9.08 31.60
C ALA B 100 -26.03 -8.25 30.31
N ASP B 101 -25.88 -6.93 30.47
CA ASP B 101 -25.79 -6.02 29.33
C ASP B 101 -24.38 -6.08 28.72
N PHE B 102 -23.33 -6.11 29.55
CA PHE B 102 -21.98 -6.26 29.01
C PHE B 102 -21.12 -7.03 30.01
N VAL B 103 -19.87 -7.28 29.64
CA VAL B 103 -19.01 -8.23 30.34
C VAL B 103 -17.65 -7.59 30.56
N ILE B 104 -17.06 -7.84 31.73
CA ILE B 104 -15.65 -7.51 31.98
C ILE B 104 -14.93 -8.79 32.33
N ALA B 105 -13.82 -9.07 31.61
CA ALA B 105 -13.02 -10.26 31.81
C ALA B 105 -11.61 -9.85 32.22
N LEU B 106 -11.10 -10.46 33.29
CA LEU B 106 -9.77 -10.17 33.79
C LEU B 106 -8.92 -11.41 33.67
N PHE B 107 -7.71 -11.26 33.14
CA PHE B 107 -6.70 -12.31 33.05
C PHE B 107 -5.54 -11.94 33.94
N GLY B 108 -5.00 -12.92 34.66
CA GLY B 108 -3.78 -12.73 35.42
C GLY B 108 -2.70 -13.68 34.95
N GLU B 109 -1.60 -13.76 35.66
CA GLU B 109 -0.54 -14.67 35.24
C GLU B 109 -0.73 -16.10 35.75
N LYS B 110 -1.54 -16.32 36.78
CA LYS B 110 -1.67 -17.66 37.33
C LYS B 110 -2.91 -18.36 36.76
N TYR B 111 -2.79 -19.69 36.60
CA TYR B 111 -3.87 -20.63 36.23
C TYR B 111 -4.20 -20.64 34.73
N LYS B 112 -4.86 -21.70 34.26
CA LYS B 112 -5.06 -21.88 32.82
C LYS B 112 -6.00 -20.83 32.26
N GLN B 113 -7.08 -20.54 32.99
CA GLN B 113 -8.02 -19.46 32.66
C GLN B 113 -8.72 -19.68 31.32
N TRP B 114 -8.90 -20.94 30.95
CA TRP B 114 -9.69 -21.23 29.75
C TRP B 114 -11.16 -20.89 29.97
N ASN B 115 -11.63 -20.94 31.23
CA ASN B 115 -12.99 -20.53 31.51
C ASN B 115 -13.15 -19.02 31.31
N THR B 116 -12.11 -18.26 31.63
CA THR B 116 -12.16 -16.83 31.36
C THR B 116 -12.21 -16.54 29.87
N ALA B 117 -11.35 -17.19 29.09
CA ALA B 117 -11.41 -17.05 27.62
C ALA B 117 -12.79 -17.47 27.11
N MET B 118 -13.35 -18.54 27.68
CA MET B 118 -14.65 -19.03 27.23
C MET B 118 -15.73 -17.96 27.39
N ASP B 119 -15.80 -17.34 28.58
CA ASP B 119 -16.87 -16.37 28.80
C ASP B 119 -16.64 -15.10 27.99
N ALA B 120 -15.38 -14.74 27.78
CA ALA B 120 -15.07 -13.56 26.98
C ALA B 120 -15.47 -13.79 25.51
N SER B 121 -15.07 -14.92 24.96
CA SER B 121 -15.51 -15.27 23.61
C SER B 121 -17.03 -15.33 23.53
N TYR B 122 -17.70 -15.86 24.53
CA TYR B 122 -19.18 -15.97 24.52
C TYR B 122 -19.77 -14.58 24.38
N ALA B 123 -19.25 -13.61 25.14
CA ALA B 123 -19.72 -12.22 25.12
C ALA B 123 -19.56 -11.69 23.69
N ILE B 124 -18.39 -11.81 23.10
CA ILE B 124 -18.18 -11.35 21.73
C ILE B 124 -19.21 -11.99 20.78
N ALA B 125 -19.35 -13.32 20.87
CA ALA B 125 -20.19 -14.04 19.93
C ALA B 125 -21.66 -13.67 20.04
N LYS B 126 -22.11 -13.24 21.22
CA LYS B 126 -23.51 -12.88 21.42
C LYS B 126 -23.76 -11.39 21.31
N GLY B 127 -22.78 -10.60 20.86
CA GLY B 127 -22.99 -9.17 20.77
C GLY B 127 -23.00 -8.42 22.10
N LYS B 128 -22.49 -9.02 23.15
CA LYS B 128 -22.37 -8.23 24.36
C LYS B 128 -21.03 -7.50 24.38
N PRO B 129 -21.01 -6.19 24.62
CA PRO B 129 -19.73 -5.46 24.68
C PRO B 129 -18.81 -6.00 25.76
N LEU B 130 -17.49 -5.84 25.53
CA LEU B 130 -16.51 -6.54 26.34
C LEU B 130 -15.29 -5.68 26.63
N ILE B 131 -14.94 -5.59 27.91
CA ILE B 131 -13.69 -4.99 28.37
C ILE B 131 -12.82 -6.13 28.88
N ILE B 132 -11.60 -6.22 28.36
CA ILE B 132 -10.62 -7.17 28.88
C ILE B 132 -9.60 -6.40 29.68
N ILE B 133 -9.25 -6.95 30.84
CA ILE B 133 -8.18 -6.44 31.69
C ILE B 133 -7.09 -7.49 31.68
N ARG B 134 -5.88 -7.11 31.26
CA ARG B 134 -4.82 -8.11 31.19
C ARG B 134 -3.48 -7.42 31.30
N PRO B 135 -2.48 -8.02 31.95
CA PRO B 135 -1.18 -7.37 32.00
C PRO B 135 -0.55 -7.35 30.61
N GLU B 136 0.17 -6.28 30.33
CA GLU B 136 0.81 -6.17 29.02
C GLU B 136 1.71 -7.36 28.72
N SER B 137 2.27 -7.98 29.75
CA SER B 137 3.13 -9.16 29.56
C SER B 137 2.38 -10.33 28.95
N LEU B 138 1.06 -10.34 29.02
CA LEU B 138 0.26 -11.44 28.47
C LEU B 138 -0.37 -11.08 27.12
N HIS B 139 0.10 -10.01 26.47
CA HIS B 139 -0.56 -9.53 25.25
C HIS B 139 -0.48 -10.57 24.13
N HIS B 140 0.67 -11.22 23.96
CA HIS B 140 0.81 -12.14 22.83
C HIS B 140 -0.16 -13.34 22.91
N PRO B 141 -0.21 -14.12 23.99
CA PRO B 141 -1.22 -15.21 24.03
C PRO B 141 -2.66 -14.68 24.02
N LEU B 142 -2.88 -13.40 24.26
CA LEU B 142 -4.24 -12.87 24.25
C LEU B 142 -4.57 -12.06 23.00
N LYS B 143 -3.74 -12.09 21.94
CA LYS B 143 -3.86 -11.07 20.90
C LYS B 143 -5.16 -11.21 20.12
N GLU B 144 -5.61 -12.44 19.86
CA GLU B 144 -6.82 -12.64 19.07
C GLU B 144 -8.04 -12.25 19.86
N LEU B 145 -8.07 -12.65 21.13
CA LEU B 145 -9.20 -12.30 21.99
C LEU B 145 -9.25 -10.79 22.23
N SER B 146 -8.12 -10.18 22.53
CA SER B 146 -8.10 -8.75 22.79
C SER B 146 -8.46 -7.96 21.54
N ASN B 147 -8.04 -8.44 20.36
CA ASN B 147 -8.41 -7.76 19.12
C ASN B 147 -9.93 -7.67 18.95
N LYS B 148 -10.68 -8.68 19.40
CA LYS B 148 -12.14 -8.68 19.26
C LYS B 148 -12.87 -7.99 20.41
N ALA B 149 -12.21 -7.68 21.51
CA ALA B 149 -12.88 -7.00 22.61
C ALA B 149 -13.05 -5.52 22.25
N ASN B 150 -14.08 -4.88 22.82
CA ASN B 150 -14.23 -3.44 22.65
C ASN B 150 -13.04 -2.67 23.20
N ILE B 151 -12.56 -3.07 24.38
CA ILE B 151 -11.53 -2.35 25.13
C ILE B 151 -10.62 -3.36 25.79
N THR B 152 -9.31 -3.16 25.65
CA THR B 152 -8.33 -3.92 26.40
C THR B 152 -7.47 -2.94 27.19
N VAL B 153 -7.38 -3.14 28.50
CA VAL B 153 -6.57 -2.30 29.37
C VAL B 153 -5.77 -3.21 30.30
N GLU B 154 -4.87 -2.58 31.04
CA GLU B 154 -3.99 -3.32 31.93
C GLU B 154 -4.49 -3.34 33.36
N THR B 155 -5.27 -2.34 33.80
CA THR B 155 -5.65 -2.25 35.22
C THR B 155 -7.15 -2.06 35.40
N VAL B 156 -7.58 -2.35 36.62
CA VAL B 156 -8.96 -2.08 37.02
C VAL B 156 -9.25 -0.59 36.99
N ASN B 157 -8.25 0.24 37.30
CA ASN B 157 -8.48 1.68 37.29
C ASN B 157 -8.82 2.17 35.89
N GLN B 158 -8.13 1.66 34.87
CA GLN B 158 -8.46 2.02 33.50
C GLN B 158 -9.87 1.57 33.14
N ALA B 159 -10.26 0.37 33.57
CA ALA B 159 -11.60 -0.13 33.27
C ALA B 159 -12.67 0.72 33.93
N ILE B 160 -12.38 1.26 35.12
CA ILE B 160 -13.33 2.12 35.82
C ILE B 160 -13.51 3.44 35.08
N LYS B 161 -12.44 3.95 34.48
CA LYS B 161 -12.51 5.18 33.66
C LYS B 161 -13.43 4.91 32.46
N ALA B 162 -13.42 3.70 31.90
CA ALA B 162 -14.31 3.38 30.78
C ALA B 162 -15.76 3.29 31.25
N LEU B 163 -16.00 2.65 32.40
CA LEU B 163 -17.35 2.56 32.94
C LEU B 163 -17.95 3.94 33.21
N SER B 164 -17.15 4.82 33.78
CA SER B 164 -17.62 6.16 34.13
C SER B 164 -17.86 7.00 32.87
N TYR B 165 -17.00 6.87 31.86
CA TYR B 165 -17.25 7.56 30.58
C TYR B 165 -18.62 7.23 30.00
N LEU B 166 -19.09 6.02 30.22
CA LEU B 166 -20.41 5.62 29.75
C LEU B 166 -21.49 6.60 30.20
N PHE B 167 -21.42 7.15 31.40
CA PHE B 167 -22.49 7.98 31.99
C PHE B 167 -22.13 9.47 32.00
N GLU B 168 -20.93 9.84 31.57
CA GLU B 168 -20.42 11.24 31.67
C GLU B 168 -21.20 12.21 30.79
N THR B 169 -21.27 13.49 31.19
CA THR B 169 -21.96 14.54 30.41
C THR B 169 -20.89 15.45 29.78
N GLU B 170 -19.64 15.36 30.24
CA GLU B 170 -18.50 16.12 29.67
C GLU B 170 -17.19 15.46 30.10
N MET C 23 27.14 31.04 -35.14
CA MET C 23 27.11 29.55 -35.14
C MET C 23 25.67 29.09 -34.89
N GLU C 24 25.40 27.78 -34.97
CA GLU C 24 24.01 27.27 -34.85
C GLU C 24 23.71 26.77 -33.42
N PHE C 25 22.45 26.84 -33.02
CA PHE C 25 22.06 26.45 -31.64
C PHE C 25 20.76 25.64 -31.68
N ILE C 26 20.76 24.48 -31.04
CA ILE C 26 19.51 23.69 -30.94
C ILE C 26 18.88 24.03 -29.59
N VAL C 27 17.59 24.30 -29.60
CA VAL C 27 16.88 24.76 -28.42
C VAL C 27 15.66 23.86 -28.20
N TYR C 28 15.58 23.25 -27.03
CA TYR C 28 14.47 22.40 -26.65
C TYR C 28 13.35 23.24 -26.04
N LEU C 29 12.12 23.02 -26.49
CA LEU C 29 10.96 23.80 -26.06
C LEU C 29 10.08 22.90 -25.20
N ALA C 30 10.19 23.05 -23.88
CA ALA C 30 9.48 22.19 -22.95
C ALA C 30 8.23 22.89 -22.46
N GLY C 31 7.21 22.11 -22.19
CA GLY C 31 5.98 22.71 -21.74
C GLY C 31 4.77 21.99 -22.31
N GLU C 32 3.59 22.41 -21.88
CA GLU C 32 2.35 21.73 -22.25
C GLU C 32 2.18 21.72 -23.76
N ILE C 33 1.65 20.60 -24.28
CA ILE C 33 1.44 20.41 -25.71
C ILE C 33 -0.01 20.63 -26.11
N HIS C 34 -0.85 21.09 -25.16
CA HIS C 34 -2.26 21.24 -25.41
C HIS C 34 -2.59 22.52 -26.15
N SER C 35 -1.71 23.52 -26.11
CA SER C 35 -1.87 24.76 -26.86
C SER C 35 -0.69 24.95 -27.81
N ASN C 36 -0.60 26.13 -28.41
CA ASN C 36 0.18 26.32 -29.62
C ASN C 36 1.23 27.40 -29.43
N TRP C 37 1.77 27.48 -28.21
CA TRP C 37 2.74 28.51 -27.88
C TRP C 37 4.05 28.36 -28.66
N ARG C 38 4.43 27.12 -29.01
CA ARG C 38 5.72 26.87 -29.67
C ARG C 38 5.81 27.50 -31.06
N GLU C 39 4.69 27.56 -31.80
CA GLU C 39 4.72 28.10 -33.14
C GLU C 39 4.97 29.60 -33.14
N GLU C 40 4.49 30.26 -32.10
CA GLU C 40 4.73 31.70 -31.87
C GLU C 40 6.23 31.91 -31.76
N ILE C 41 6.92 31.20 -30.88
CA ILE C 41 8.36 31.33 -30.74
C ILE C 41 9.07 31.02 -32.04
N LYS C 42 8.64 29.95 -32.74
CA LYS C 42 9.38 29.52 -33.92
C LYS C 42 9.27 30.56 -35.04
N GLU C 43 8.05 31.05 -35.31
CA GLU C 43 7.88 32.02 -36.39
C GLU C 43 8.51 33.37 -36.04
N LYS C 44 8.38 33.82 -34.80
CA LYS C 44 8.98 35.09 -34.37
C LYS C 44 10.50 34.98 -34.49
N THR C 45 11.09 33.87 -34.06
CA THR C 45 12.53 33.66 -34.22
C THR C 45 12.91 33.60 -35.70
N LYS C 46 12.12 32.90 -36.53
CA LYS C 46 12.44 32.78 -37.95
C LYS C 46 12.44 34.13 -38.65
N SER C 47 11.61 35.07 -38.17
CA SER C 47 11.56 36.39 -38.78
C SER C 47 12.87 37.13 -38.56
N LEU C 48 13.36 37.14 -37.33
CA LEU C 48 14.63 37.74 -36.98
C LEU C 48 15.81 37.02 -37.59
N LYS C 49 15.59 35.83 -38.16
CA LYS C 49 16.65 35.05 -38.78
C LYS C 49 17.76 34.69 -37.79
N LEU C 50 17.36 34.30 -36.56
CA LEU C 50 18.35 33.82 -35.60
C LEU C 50 18.78 32.40 -35.94
N PRO C 51 20.06 32.06 -35.77
CA PRO C 51 20.57 30.72 -36.10
C PRO C 51 20.22 29.68 -35.04
N ILE C 52 18.93 29.38 -34.94
CA ILE C 52 18.41 28.51 -33.90
C ILE C 52 17.46 27.52 -34.54
N THR C 53 17.66 26.24 -34.24
CA THR C 53 16.70 25.19 -34.55
C THR C 53 16.01 24.77 -33.26
N PHE C 54 14.70 24.62 -33.32
CA PHE C 54 13.95 24.24 -32.14
C PHE C 54 13.58 22.77 -32.22
N VAL C 55 13.49 22.13 -31.05
CA VAL C 55 13.11 20.74 -30.95
C VAL C 55 12.20 20.63 -29.74
N GLY C 56 11.39 19.58 -29.72
CA GLY C 56 10.59 19.31 -28.55
C GLY C 56 9.74 18.07 -28.66
N PRO C 57 8.74 17.95 -27.78
CA PRO C 57 7.93 16.74 -27.74
C PRO C 57 6.93 16.70 -28.88
N MET C 58 6.43 15.51 -29.15
CA MET C 58 5.27 15.33 -30.01
C MET C 58 4.16 16.25 -29.56
N GLU C 59 3.73 17.16 -30.44
CA GLU C 59 2.79 18.20 -30.04
C GLU C 59 1.32 17.81 -30.25
N ASN C 60 1.05 16.65 -30.82
CA ASN C 60 -0.30 16.14 -30.95
C ASN C 60 -0.65 15.33 -29.71
N HIS C 61 -1.58 15.86 -28.90
CA HIS C 61 -1.83 15.27 -27.59
C HIS C 61 -2.30 13.83 -27.70
N ASP C 62 -3.18 13.55 -28.66
CA ASP C 62 -3.79 12.24 -28.74
C ASP C 62 -2.78 11.20 -29.19
N ARG C 63 -2.01 11.52 -30.23
CA ARG C 63 -0.91 10.64 -30.63
C ARG C 63 0.03 10.37 -29.46
N SER C 64 0.38 11.43 -28.71
CA SER C 64 1.36 11.29 -27.63
C SER C 64 0.85 10.38 -26.51
N ASP C 65 -0.45 10.45 -26.20
CA ASP C 65 -1.00 9.53 -25.19
C ASP C 65 -1.10 8.08 -25.70
N ASN C 66 -1.19 7.86 -27.00
CA ASN C 66 -1.42 6.49 -27.49
C ASN C 66 -0.20 5.85 -28.13
N ILE C 67 0.93 6.57 -28.24
CA ILE C 67 2.08 5.98 -28.91
C ILE C 67 2.57 4.72 -28.20
N GLY C 68 2.37 4.65 -26.87
CA GLY C 68 2.75 3.45 -26.15
C GLY C 68 2.01 2.22 -26.65
N GLU C 69 0.67 2.32 -26.77
CA GLU C 69 -0.08 1.19 -27.27
C GLU C 69 0.10 1.02 -28.79
N GLU C 70 0.37 2.11 -29.49
CA GLU C 70 0.57 1.99 -30.92
C GLU C 70 1.79 1.13 -31.23
N ILE C 71 2.88 1.32 -30.46
CA ILE C 71 4.15 0.59 -30.71
C ILE C 71 4.15 -0.71 -29.93
N MET C 72 3.89 -0.73 -28.61
CA MET C 72 4.04 -1.93 -27.74
C MET C 72 2.76 -2.76 -27.61
N GLY C 73 1.64 -2.28 -28.14
CA GLY C 73 0.38 -3.05 -28.14
C GLY C 73 -0.57 -2.63 -27.03
N VAL C 74 -1.80 -3.10 -27.08
CA VAL C 74 -2.84 -2.75 -26.07
C VAL C 74 -2.34 -3.20 -24.71
N GLN C 75 -2.48 -2.36 -23.70
CA GLN C 75 -2.01 -2.66 -22.36
C GLN C 75 -3.18 -3.05 -21.47
N PRO C 76 -2.90 -3.74 -20.36
CA PRO C 76 -4.00 -4.25 -19.52
C PRO C 76 -4.73 -3.19 -18.70
N ASN C 77 -4.13 -2.01 -18.48
CA ASN C 77 -4.79 -0.98 -17.67
C ASN C 77 -4.21 0.38 -18.06
N ALA C 78 -4.81 1.45 -17.51
CA ALA C 78 -4.42 2.78 -17.94
C ALA C 78 -3.08 3.22 -17.37
N VAL C 79 -2.61 2.63 -16.27
CA VAL C 79 -1.26 2.93 -15.81
C VAL C 79 -0.24 2.40 -16.82
N LEU C 80 -0.38 1.14 -17.21
CA LEU C 80 0.53 0.56 -18.18
C LEU C 80 0.46 1.29 -19.52
N LYS C 81 -0.75 1.64 -19.96
CA LYS C 81 -0.87 2.44 -21.18
C LYS C 81 -0.08 3.74 -21.09
N ASP C 82 -0.10 4.40 -19.93
CA ASP C 82 0.62 5.65 -19.80
C ASP C 82 2.13 5.42 -19.66
N ASP C 83 2.51 4.35 -18.98
CA ASP C 83 3.93 4.04 -18.86
C ASP C 83 4.55 3.69 -20.22
N LYS C 84 3.86 2.88 -21.03
CA LYS C 84 4.40 2.58 -22.36
C LYS C 84 4.49 3.83 -23.22
N ALA C 85 3.48 4.72 -23.15
CA ALA C 85 3.59 6.00 -23.82
C ALA C 85 4.83 6.76 -23.32
N SER C 86 5.13 6.65 -22.03
CA SER C 86 6.26 7.40 -21.51
C SER C 86 7.60 6.76 -21.91
N ASP C 87 7.68 5.43 -22.01
CA ASP C 87 8.86 4.81 -22.59
C ASP C 87 9.27 5.53 -23.88
N ILE C 88 8.29 5.76 -24.77
CA ILE C 88 8.56 6.34 -26.09
C ILE C 88 8.80 7.84 -25.99
N ASN C 89 7.92 8.54 -25.25
CA ASN C 89 8.06 10.00 -25.15
C ASN C 89 9.35 10.39 -24.42
N ASN C 90 9.69 9.66 -23.35
CA ASN C 90 10.96 9.92 -22.67
C ASN C 90 12.14 9.57 -23.57
N PHE C 91 11.98 8.59 -24.47
CA PHE C 91 13.06 8.32 -25.41
C PHE C 91 13.26 9.52 -26.34
N ARG C 92 12.17 10.02 -26.92
CA ARG C 92 12.29 11.18 -27.81
C ARG C 92 12.83 12.41 -27.08
N THR C 93 12.35 12.65 -25.86
CA THR C 93 12.82 13.82 -25.12
C THR C 93 14.32 13.72 -24.81
N ALA C 94 14.77 12.54 -24.42
CA ALA C 94 16.18 12.32 -24.11
C ALA C 94 17.06 12.54 -25.33
N VAL C 95 16.65 12.03 -26.49
CA VAL C 95 17.49 12.15 -27.70
C VAL C 95 17.57 13.60 -28.14
N LEU C 96 16.44 14.30 -28.13
CA LEU C 96 16.44 15.69 -28.57
C LEU C 96 17.10 16.59 -27.53
N MET C 97 16.86 16.33 -26.25
CA MET C 97 17.48 17.12 -25.21
C MET C 97 19.00 16.95 -25.23
N ASN C 98 19.49 15.76 -25.62
CA ASN C 98 20.93 15.60 -25.76
C ASN C 98 21.49 16.43 -26.92
N LYS C 99 20.67 16.81 -27.91
CA LYS C 99 21.14 17.72 -28.95
C LYS C 99 21.09 19.19 -28.52
N ALA C 100 20.34 19.50 -27.47
CA ALA C 100 19.95 20.88 -27.20
C ALA C 100 21.08 21.62 -26.49
N ASP C 101 21.42 22.80 -27.01
CA ASP C 101 22.35 23.68 -26.32
C ASP C 101 21.70 24.38 -25.13
N PHE C 102 20.44 24.84 -25.25
CA PHE C 102 19.72 25.29 -24.07
C PHE C 102 18.22 25.05 -24.25
N VAL C 103 17.46 25.48 -23.26
CA VAL C 103 16.07 25.06 -23.07
C VAL C 103 15.20 26.28 -22.80
N ILE C 104 13.99 26.28 -23.34
CA ILE C 104 12.95 27.21 -22.93
C ILE C 104 11.75 26.38 -22.47
N ALA C 105 11.27 26.66 -21.24
CA ALA C 105 10.15 25.94 -20.62
C ALA C 105 9.03 26.92 -20.32
N LEU C 106 7.86 26.69 -20.90
CA LEU C 106 6.74 27.60 -20.70
C LEU C 106 5.74 26.95 -19.76
N PHE C 107 5.29 27.71 -18.76
CA PHE C 107 4.25 27.26 -17.84
C PHE C 107 2.99 28.07 -18.07
N GLY C 108 1.84 27.40 -18.05
CA GLY C 108 0.55 28.07 -18.14
C GLY C 108 -0.31 27.78 -16.93
N GLU C 109 -1.56 28.24 -16.95
CA GLU C 109 -2.41 28.10 -15.76
C GLU C 109 -3.16 26.78 -15.72
N LYS C 110 -3.27 26.10 -16.86
CA LYS C 110 -4.01 24.82 -16.95
C LYS C 110 -3.06 23.63 -16.90
N TYR C 111 -3.51 22.51 -16.34
CA TYR C 111 -2.85 21.21 -16.35
C TYR C 111 -1.76 21.10 -15.27
N LYS C 112 -1.43 19.87 -14.85
CA LYS C 112 -0.49 19.70 -13.74
C LYS C 112 0.93 20.13 -14.14
N GLN C 113 1.32 19.92 -15.39
CA GLN C 113 2.58 20.39 -15.96
C GLN C 113 3.80 19.88 -15.20
N TRP C 114 3.69 18.70 -14.57
CA TRP C 114 4.86 18.12 -13.92
C TRP C 114 5.92 17.69 -14.94
N ASN C 115 5.51 17.30 -16.16
CA ASN C 115 6.50 17.03 -17.19
C ASN C 115 7.31 18.27 -17.49
N THR C 116 6.67 19.43 -17.52
CA THR C 116 7.38 20.70 -17.74
C THR C 116 8.42 20.94 -16.65
N ALA C 117 8.02 20.78 -15.38
CA ALA C 117 9.00 20.99 -14.29
C ALA C 117 10.15 20.00 -14.41
N MET C 118 9.85 18.77 -14.83
CA MET C 118 10.88 17.76 -14.99
C MET C 118 11.91 18.17 -16.04
N ASP C 119 11.45 18.61 -17.21
CA ASP C 119 12.36 19.03 -18.28
C ASP C 119 13.20 20.23 -17.85
N ALA C 120 12.56 21.24 -17.25
CA ALA C 120 13.32 22.45 -16.91
C ALA C 120 14.35 22.14 -15.84
N SER C 121 14.02 21.26 -14.89
CA SER C 121 14.93 20.88 -13.78
C SER C 121 16.04 19.99 -14.32
N TYR C 122 15.76 19.20 -15.33
CA TYR C 122 16.79 18.37 -15.98
C TYR C 122 17.80 19.32 -16.62
N ALA C 123 17.32 20.34 -17.32
CA ALA C 123 18.18 21.34 -17.98
C ALA C 123 19.12 21.92 -16.92
N ILE C 124 18.62 22.49 -15.83
CA ILE C 124 19.44 23.12 -14.76
C ILE C 124 20.48 22.11 -14.24
N ALA C 125 20.05 20.87 -13.97
CA ALA C 125 20.93 19.80 -13.45
C ALA C 125 22.05 19.48 -14.43
N LYS C 126 21.80 19.50 -15.73
CA LYS C 126 22.79 19.12 -16.76
C LYS C 126 23.62 20.32 -17.19
N GLY C 127 23.37 21.49 -16.60
CA GLY C 127 24.09 22.72 -16.96
C GLY C 127 23.63 23.32 -18.28
N LYS C 128 22.42 23.04 -18.75
CA LYS C 128 21.90 23.71 -19.93
C LYS C 128 21.26 25.01 -19.47
N PRO C 129 21.69 26.17 -19.98
CA PRO C 129 21.00 27.42 -19.65
C PRO C 129 19.51 27.28 -19.90
N LEU C 130 18.70 27.88 -19.03
CA LEU C 130 17.25 27.71 -19.05
C LEU C 130 16.56 29.06 -19.06
N ILE C 131 15.58 29.23 -19.95
CA ILE C 131 14.63 30.32 -19.87
C ILE C 131 13.28 29.74 -19.49
N ILE C 132 12.66 30.29 -18.44
CA ILE C 132 11.30 29.93 -18.05
C ILE C 132 10.38 31.08 -18.44
N ILE C 133 9.27 30.75 -19.11
CA ILE C 133 8.21 31.71 -19.38
C ILE C 133 7.05 31.37 -18.47
N ARG C 134 6.58 32.35 -17.69
CA ARG C 134 5.50 32.00 -16.79
C ARG C 134 4.74 33.24 -16.37
N PRO C 135 3.41 33.16 -16.27
CA PRO C 135 2.62 34.28 -15.75
C PRO C 135 3.01 34.61 -14.32
N GLU C 136 3.08 35.90 -14.04
CA GLU C 136 3.44 36.36 -12.70
C GLU C 136 2.49 35.78 -11.63
N SER C 137 1.24 35.50 -12.01
CA SER C 137 0.29 34.85 -11.12
C SER C 137 0.72 33.46 -10.70
N LEU C 138 1.69 32.85 -11.39
CA LEU C 138 2.22 31.56 -10.96
C LEU C 138 3.60 31.68 -10.31
N HIS C 139 4.00 32.88 -9.88
CA HIS C 139 5.34 33.05 -9.34
C HIS C 139 5.55 32.17 -8.10
N HIS C 140 4.54 32.11 -7.21
CA HIS C 140 4.75 31.44 -5.93
C HIS C 140 5.02 29.96 -6.09
N PRO C 141 4.16 29.17 -6.75
CA PRO C 141 4.49 27.73 -6.90
C PRO C 141 5.74 27.48 -7.75
N LEU C 142 6.17 28.45 -8.54
CA LEU C 142 7.35 28.29 -9.40
C LEU C 142 8.61 28.86 -8.79
N LYS C 143 8.56 29.33 -7.54
CA LYS C 143 9.61 30.20 -7.04
C LYS C 143 10.97 29.49 -7.00
N GLU C 144 11.00 28.25 -6.52
CA GLU C 144 12.27 27.52 -6.43
C GLU C 144 12.88 27.34 -7.80
N LEU C 145 12.02 27.11 -8.81
CA LEU C 145 12.46 26.72 -10.14
C LEU C 145 12.90 27.93 -10.95
N SER C 146 12.14 29.04 -10.86
CA SER C 146 12.64 30.28 -11.48
C SER C 146 13.88 30.77 -10.78
N ASN C 147 14.00 30.54 -9.47
CA ASN C 147 15.25 30.91 -8.79
C ASN C 147 16.46 30.27 -9.46
N LYS C 148 16.37 28.99 -9.85
CA LYS C 148 17.50 28.31 -10.49
C LYS C 148 17.64 28.61 -11.97
N ALA C 149 16.58 29.07 -12.64
CA ALA C 149 16.68 29.35 -14.07
C ALA C 149 17.59 30.56 -14.32
N ASN C 150 18.20 30.58 -15.51
CA ASN C 150 18.97 31.76 -15.92
C ASN C 150 18.08 32.98 -16.04
N ILE C 151 16.96 32.83 -16.76
CA ILE C 151 16.05 33.91 -17.10
C ILE C 151 14.63 33.46 -16.82
N THR C 152 13.84 34.31 -16.16
CA THR C 152 12.43 34.08 -15.93
C THR C 152 11.66 35.30 -16.43
N VAL C 153 10.81 35.09 -17.43
CA VAL C 153 10.08 36.18 -18.05
C VAL C 153 8.60 35.84 -18.03
N GLU C 154 7.79 36.81 -18.43
CA GLU C 154 6.35 36.60 -18.41
C GLU C 154 5.79 36.29 -19.78
N THR C 155 6.47 36.66 -20.87
CA THR C 155 5.89 36.56 -22.21
C THR C 155 6.85 35.97 -23.22
N VAL C 156 6.25 35.46 -24.31
CA VAL C 156 7.03 34.94 -25.42
C VAL C 156 7.90 36.04 -26.02
N ASN C 157 7.36 37.26 -26.13
CA ASN C 157 8.14 38.36 -26.70
C ASN C 157 9.36 38.69 -25.82
N GLN C 158 9.21 38.64 -24.49
CA GLN C 158 10.37 38.88 -23.64
C GLN C 158 11.47 37.84 -23.88
N ALA C 159 11.10 36.57 -24.04
CA ALA C 159 12.09 35.53 -24.28
C ALA C 159 12.77 35.71 -25.64
N ILE C 160 12.01 36.14 -26.65
CA ILE C 160 12.60 36.45 -27.95
C ILE C 160 13.66 37.54 -27.85
N LYS C 161 13.38 38.59 -27.07
CA LYS C 161 14.39 39.65 -26.89
C LYS C 161 15.66 39.08 -26.28
N ALA C 162 15.51 38.10 -25.37
CA ALA C 162 16.67 37.45 -24.78
C ALA C 162 17.40 36.58 -25.81
N LEU C 163 16.66 35.87 -26.66
CA LEU C 163 17.30 35.12 -27.74
C LEU C 163 18.06 36.05 -28.67
N SER C 164 17.41 37.13 -29.10
CA SER C 164 18.09 38.09 -29.97
C SER C 164 19.36 38.64 -29.32
N TYR C 165 19.31 38.91 -28.01
CA TYR C 165 20.45 39.51 -27.32
C TYR C 165 21.71 38.66 -27.46
N LEU C 166 21.54 37.34 -27.64
CA LEU C 166 22.68 36.44 -27.82
C LEU C 166 23.62 36.92 -28.91
N PHE C 167 23.06 37.42 -30.01
CA PHE C 167 23.78 37.69 -31.24
C PHE C 167 23.95 39.16 -31.53
N GLU C 168 23.41 40.00 -30.66
CA GLU C 168 23.45 41.46 -30.88
C GLU C 168 24.87 42.01 -30.64
N THR C 169 25.22 43.07 -31.35
CA THR C 169 26.58 43.65 -31.27
C THR C 169 26.54 45.03 -30.61
N GLU C 170 25.37 45.66 -30.52
CA GLU C 170 25.21 47.02 -29.95
C GLU C 170 23.92 47.07 -29.11
N MET D 23 28.81 1.76 5.64
CA MET D 23 27.54 1.36 4.98
C MET D 23 26.36 2.07 5.62
N GLU D 24 26.43 3.38 5.69
CA GLU D 24 25.28 4.19 6.14
C GLU D 24 24.81 4.96 4.90
N PHE D 25 23.56 5.35 4.86
CA PHE D 25 23.02 6.06 3.68
C PHE D 25 22.28 7.32 4.10
N ILE D 26 22.46 8.41 3.36
CA ILE D 26 21.65 9.63 3.62
C ILE D 26 20.56 9.68 2.53
N VAL D 27 19.36 10.02 2.91
CA VAL D 27 18.24 10.02 1.98
C VAL D 27 17.53 11.37 2.05
N TYR D 28 17.39 12.00 0.90
CA TYR D 28 16.64 13.24 0.78
C TYR D 28 15.17 12.93 0.58
N LEU D 29 14.34 13.49 1.47
CA LEU D 29 12.87 13.33 1.39
C LEU D 29 12.36 14.62 0.78
N ALA D 30 11.98 14.59 -0.48
CA ALA D 30 11.44 15.75 -1.22
C ALA D 30 9.94 15.59 -1.27
N GLY D 31 9.21 16.70 -1.37
CA GLY D 31 7.75 16.66 -1.43
C GLY D 31 7.07 17.76 -0.66
N GLU D 32 5.74 17.75 -0.67
CA GLU D 32 4.93 18.76 0.05
C GLU D 32 5.30 18.75 1.52
N ILE D 33 5.54 19.91 2.11
CA ILE D 33 5.85 20.03 3.56
C ILE D 33 4.53 20.37 4.26
N HIS D 34 3.40 20.21 3.55
CA HIS D 34 2.13 20.64 4.13
C HIS D 34 1.45 19.56 4.94
N SER D 35 2.13 18.43 5.13
CA SER D 35 1.59 17.32 5.89
C SER D 35 2.78 16.55 6.46
N ASN D 36 2.46 15.46 7.17
CA ASN D 36 3.42 14.74 8.04
C ASN D 36 3.96 13.43 7.47
N TRP D 37 3.97 13.25 6.17
CA TRP D 37 4.38 11.96 5.63
C TRP D 37 5.83 11.64 5.99
N ARG D 38 6.67 12.66 6.22
CA ARG D 38 8.07 12.39 6.50
C ARG D 38 8.27 11.71 7.85
N GLU D 39 7.41 12.03 8.81
CA GLU D 39 7.52 11.50 10.18
C GLU D 39 7.17 10.01 10.19
N GLU D 40 6.31 9.57 9.29
CA GLU D 40 5.98 8.16 9.14
C GLU D 40 7.16 7.38 8.57
N ILE D 41 7.78 7.91 7.50
CA ILE D 41 8.98 7.28 6.94
C ILE D 41 10.07 7.17 7.99
N LYS D 42 10.31 8.27 8.71
CA LYS D 42 11.39 8.28 9.70
C LYS D 42 11.11 7.30 10.83
N GLU D 43 9.88 7.33 11.37
CA GLU D 43 9.56 6.44 12.50
C GLU D 43 9.65 4.98 12.08
N LYS D 44 9.08 4.63 10.90
CA LYS D 44 9.13 3.25 10.46
C LYS D 44 10.56 2.80 10.16
N THR D 45 11.41 3.69 9.65
CA THR D 45 12.78 3.28 9.39
C THR D 45 13.50 2.99 10.68
N LYS D 46 13.15 3.70 11.76
CA LYS D 46 13.84 3.46 13.01
C LYS D 46 13.35 2.20 13.70
N SER D 47 12.07 1.83 13.53
CA SER D 47 11.59 0.54 14.04
C SER D 47 12.37 -0.61 13.43
N LEU D 48 12.72 -0.50 12.15
CA LEU D 48 13.50 -1.51 11.48
C LEU D 48 14.99 -1.35 11.72
N LYS D 49 15.41 -0.27 12.39
CA LYS D 49 16.82 0.03 12.64
C LYS D 49 17.63 -0.10 11.35
N LEU D 50 17.12 0.54 10.27
CA LEU D 50 17.91 0.56 9.04
C LEU D 50 18.97 1.66 9.13
N PRO D 51 20.18 1.40 8.62
CA PRO D 51 21.22 2.44 8.68
C PRO D 51 21.01 3.59 7.70
N ILE D 52 19.98 4.41 7.95
CA ILE D 52 19.59 5.46 7.03
C ILE D 52 19.32 6.73 7.82
N THR D 53 19.90 7.84 7.38
CA THR D 53 19.59 9.14 7.93
C THR D 53 18.83 9.93 6.88
N PHE D 54 17.79 10.63 7.32
CA PHE D 54 17.00 11.42 6.40
C PHE D 54 17.35 12.89 6.55
N VAL D 55 17.41 13.59 5.41
CA VAL D 55 17.50 15.05 5.32
C VAL D 55 16.37 15.52 4.43
N GLY D 56 16.09 16.82 4.48
CA GLY D 56 14.99 17.39 3.73
C GLY D 56 14.82 18.88 3.90
N PRO D 57 13.78 19.44 3.29
CA PRO D 57 13.59 20.89 3.34
C PRO D 57 13.01 21.26 4.70
N MET D 58 13.03 22.56 4.97
CA MET D 58 12.37 23.06 6.15
C MET D 58 10.88 22.77 6.06
N GLU D 59 10.34 22.16 7.12
CA GLU D 59 9.01 21.58 7.08
C GLU D 59 7.93 22.50 7.63
N ASN D 60 8.30 23.67 8.13
CA ASN D 60 7.36 24.65 8.66
C ASN D 60 7.12 25.65 7.52
N HIS D 61 5.87 25.73 7.06
CA HIS D 61 5.60 26.44 5.81
C HIS D 61 5.75 27.92 5.98
N ASP D 62 5.31 28.48 7.11
CA ASP D 62 5.40 29.91 7.25
C ASP D 62 6.85 30.36 7.36
N ARG D 63 7.67 29.61 8.08
CA ARG D 63 9.10 29.92 8.15
C ARG D 63 9.75 29.82 6.77
N SER D 64 9.53 28.69 6.08
CA SER D 64 10.07 28.53 4.72
C SER D 64 9.62 29.67 3.81
N ASP D 65 8.34 30.03 3.85
CA ASP D 65 7.86 31.13 3.01
C ASP D 65 8.52 32.46 3.39
N ASN D 66 8.80 32.68 4.66
CA ASN D 66 9.25 33.98 5.12
C ASN D 66 10.76 34.07 5.34
N ILE D 67 11.52 33.00 5.09
CA ILE D 67 12.95 32.97 5.46
C ILE D 67 13.75 33.99 4.65
N GLY D 68 13.33 34.29 3.43
CA GLY D 68 14.04 35.30 2.65
C GLY D 68 13.97 36.67 3.29
N GLU D 69 12.77 37.07 3.73
CA GLU D 69 12.61 38.41 4.31
C GLU D 69 13.23 38.46 5.70
N GLU D 70 13.14 37.36 6.45
CA GLU D 70 13.76 37.21 7.76
C GLU D 70 15.26 37.51 7.73
N ILE D 71 15.94 37.17 6.64
CA ILE D 71 17.39 37.34 6.55
C ILE D 71 17.77 38.58 5.74
N MET D 72 17.08 38.87 4.63
CA MET D 72 17.43 40.01 3.81
C MET D 72 16.43 41.16 3.91
N GLY D 73 15.62 41.19 4.96
CA GLY D 73 14.65 42.26 5.16
C GLY D 73 13.47 42.20 4.21
N VAL D 74 12.44 43.00 4.50
CA VAL D 74 11.22 42.99 3.70
C VAL D 74 11.53 43.38 2.26
N GLN D 75 10.88 42.69 1.29
CA GLN D 75 11.18 42.85 -0.12
C GLN D 75 10.16 43.76 -0.81
N PRO D 76 10.52 44.33 -1.96
CA PRO D 76 9.61 45.28 -2.63
C PRO D 76 8.26 44.69 -3.01
N ASN D 77 8.18 43.39 -3.34
CA ASN D 77 6.91 42.81 -3.73
C ASN D 77 6.93 41.32 -3.42
N ALA D 78 5.77 40.67 -3.59
CA ALA D 78 5.67 39.25 -3.24
C ALA D 78 6.58 38.38 -4.11
N VAL D 79 6.75 38.75 -5.39
CA VAL D 79 7.66 38.00 -6.27
C VAL D 79 9.08 38.01 -5.69
N LEU D 80 9.54 39.17 -5.26
CA LEU D 80 10.88 39.26 -4.68
C LEU D 80 10.94 38.54 -3.35
N LYS D 81 9.87 38.59 -2.56
CA LYS D 81 9.86 37.88 -1.29
C LYS D 81 10.03 36.37 -1.51
N ASP D 82 9.43 35.84 -2.58
CA ASP D 82 9.57 34.41 -2.86
C ASP D 82 10.96 34.09 -3.42
N ASP D 83 11.47 34.97 -4.30
CA ASP D 83 12.81 34.78 -4.84
C ASP D 83 13.86 34.75 -3.74
N LYS D 84 13.76 35.68 -2.78
CA LYS D 84 14.66 35.68 -1.64
C LYS D 84 14.50 34.44 -0.79
N ALA D 85 13.26 33.98 -0.60
CA ALA D 85 13.06 32.73 0.10
C ALA D 85 13.66 31.57 -0.68
N SER D 86 13.54 31.62 -2.00
CA SER D 86 14.04 30.53 -2.84
C SER D 86 15.57 30.47 -2.81
N ASP D 87 16.26 31.61 -2.80
CA ASP D 87 17.71 31.62 -2.59
C ASP D 87 18.09 30.76 -1.38
N ILE D 88 17.42 30.98 -0.24
CA ILE D 88 17.80 30.29 0.98
C ILE D 88 17.34 28.83 0.97
N ASN D 89 16.12 28.58 0.53
CA ASN D 89 15.64 27.20 0.49
C ASN D 89 16.42 26.37 -0.54
N ASN D 90 16.73 26.95 -1.72
CA ASN D 90 17.51 26.21 -2.71
C ASN D 90 18.94 25.98 -2.25
N PHE D 91 19.51 26.92 -1.49
CA PHE D 91 20.81 26.66 -0.86
C PHE D 91 20.73 25.47 0.06
N ARG D 92 19.69 25.41 0.91
CA ARG D 92 19.55 24.27 1.79
C ARG D 92 19.32 23.00 1.00
N THR D 93 18.44 23.06 -0.01
CA THR D 93 18.21 21.86 -0.84
C THR D 93 19.49 21.43 -1.52
N ALA D 94 20.24 22.39 -2.03
CA ALA D 94 21.48 22.05 -2.72
C ALA D 94 22.47 21.36 -1.80
N VAL D 95 22.64 21.87 -0.57
CA VAL D 95 23.68 21.34 0.30
C VAL D 95 23.33 19.94 0.78
N LEU D 96 22.08 19.73 1.19
CA LEU D 96 21.69 18.42 1.70
C LEU D 96 21.65 17.38 0.58
N MET D 97 21.17 17.77 -0.59
CA MET D 97 21.10 16.87 -1.73
C MET D 97 22.50 16.42 -2.16
N ASN D 98 23.52 17.29 -2.01
CA ASN D 98 24.88 16.86 -2.32
C ASN D 98 25.37 15.78 -1.37
N LYS D 99 24.79 15.71 -0.15
CA LYS D 99 25.11 14.64 0.78
C LYS D 99 24.30 13.35 0.52
N ALA D 100 23.17 13.44 -0.17
CA ALA D 100 22.25 12.30 -0.20
C ALA D 100 22.72 11.25 -1.20
N ASP D 101 22.60 9.98 -0.79
CA ASP D 101 22.88 8.87 -1.70
C ASP D 101 21.72 8.59 -2.64
N PHE D 102 20.49 8.73 -2.17
CA PHE D 102 19.34 8.56 -3.05
C PHE D 102 18.18 9.35 -2.47
N VAL D 103 17.05 9.33 -3.18
CA VAL D 103 15.98 10.29 -2.98
C VAL D 103 14.63 9.57 -2.96
N ILE D 104 13.74 10.05 -2.09
CA ILE D 104 12.34 9.65 -2.07
C ILE D 104 11.51 10.92 -2.21
N ALA D 105 10.66 10.97 -3.23
CA ALA D 105 9.80 12.10 -3.52
C ALA D 105 8.35 11.68 -3.40
N LEU D 106 7.55 12.45 -2.67
CA LEU D 106 6.13 12.12 -2.50
C LEU D 106 5.27 13.20 -3.12
N PHE D 107 4.24 12.76 -3.87
CA PHE D 107 3.26 13.64 -4.49
C PHE D 107 1.91 13.37 -3.83
N GLY D 108 1.18 14.44 -3.52
CA GLY D 108 -0.17 14.35 -3.02
C GLY D 108 -1.12 15.06 -3.97
N GLU D 109 -2.40 15.03 -3.63
CA GLU D 109 -3.39 15.61 -4.53
C GLU D 109 -3.46 17.13 -4.42
N LYS D 110 -2.95 17.71 -3.33
CA LYS D 110 -3.04 19.17 -3.12
C LYS D 110 -1.77 19.89 -3.56
N TYR D 111 -1.89 21.13 -4.03
CA TYR D 111 -0.76 22.04 -4.38
C TYR D 111 -0.17 21.75 -5.77
N LYS D 112 0.50 22.74 -6.35
CA LYS D 112 1.09 22.57 -7.68
C LYS D 112 2.26 21.58 -7.64
N GLN D 113 3.08 21.65 -6.59
CA GLN D 113 4.14 20.68 -6.36
C GLN D 113 5.15 20.65 -7.50
N TRP D 114 5.33 21.78 -8.19
CA TRP D 114 6.42 21.89 -9.14
C TRP D 114 7.78 21.82 -8.45
N ASN D 115 7.86 22.19 -7.18
CA ASN D 115 9.12 21.98 -6.47
C ASN D 115 9.41 20.50 -6.26
N THR D 116 8.38 19.68 -5.99
CA THR D 116 8.61 18.25 -5.83
C THR D 116 9.14 17.63 -7.13
N ALA D 117 8.50 17.94 -8.26
CA ALA D 117 8.96 17.43 -9.55
C ALA D 117 10.37 17.89 -9.86
N MET D 118 10.69 19.16 -9.58
CA MET D 118 12.05 19.66 -9.77
C MET D 118 13.08 18.78 -9.05
N ASP D 119 12.78 18.43 -7.79
CA ASP D 119 13.76 17.68 -7.00
C ASP D 119 13.89 16.25 -7.48
N ALA D 120 12.75 15.59 -7.77
CA ALA D 120 12.82 14.24 -8.34
C ALA D 120 13.64 14.24 -9.61
N SER D 121 13.36 15.19 -10.51
CA SER D 121 14.04 15.23 -11.79
C SER D 121 15.52 15.56 -11.62
N TYR D 122 15.87 16.42 -10.66
CA TYR D 122 17.28 16.66 -10.35
C TYR D 122 17.97 15.36 -9.96
N ALA D 123 17.31 14.53 -9.16
CA ALA D 123 17.86 13.23 -8.72
C ALA D 123 18.15 12.37 -9.95
N ILE D 124 17.18 12.19 -10.83
CA ILE D 124 17.33 11.35 -12.05
C ILE D 124 18.49 11.88 -12.90
N ALA D 125 18.58 13.19 -13.11
CA ALA D 125 19.62 13.82 -13.93
C ALA D 125 20.99 13.54 -13.32
N LYS D 126 21.12 13.57 -12.00
CA LYS D 126 22.43 13.46 -11.31
C LYS D 126 22.78 12.02 -10.94
N GLY D 127 22.05 11.04 -11.43
CA GLY D 127 22.34 9.61 -11.18
C GLY D 127 22.01 9.17 -9.76
N LYS D 128 21.18 9.90 -9.05
CA LYS D 128 20.73 9.54 -7.68
C LYS D 128 19.51 8.62 -7.80
N PRO D 129 19.55 7.35 -7.36
CA PRO D 129 18.33 6.51 -7.38
C PRO D 129 17.15 7.22 -6.73
N LEU D 130 15.95 6.94 -7.24
CA LEU D 130 14.77 7.72 -6.93
C LEU D 130 13.57 6.80 -6.77
N ILE D 131 12.92 6.89 -5.61
CA ILE D 131 11.60 6.29 -5.37
C ILE D 131 10.59 7.40 -5.39
N ILE D 132 9.52 7.24 -6.15
CA ILE D 132 8.42 8.19 -6.15
C ILE D 132 7.24 7.55 -5.44
N ILE D 133 6.59 8.31 -4.57
CA ILE D 133 5.35 7.88 -3.92
C ILE D 133 4.24 8.75 -4.45
N ARG D 134 3.26 8.12 -5.09
CA ARG D 134 2.19 8.91 -5.67
C ARG D 134 0.96 8.03 -5.65
N PRO D 135 -0.22 8.57 -5.35
CA PRO D 135 -1.44 7.78 -5.43
C PRO D 135 -1.78 7.50 -6.88
N GLU D 136 -2.32 6.30 -7.13
CA GLU D 136 -2.61 5.90 -8.51
C GLU D 136 -3.49 6.90 -9.24
N SER D 137 -4.26 7.72 -8.52
CA SER D 137 -5.12 8.69 -9.18
C SER D 137 -4.31 9.72 -9.96
N LEU D 138 -3.05 9.93 -9.59
CA LEU D 138 -2.21 10.92 -10.24
C LEU D 138 -1.26 10.29 -11.26
N HIS D 139 -1.44 9.02 -11.60
CA HIS D 139 -0.51 8.34 -12.50
C HIS D 139 -0.36 9.09 -13.81
N HIS D 140 -1.47 9.56 -14.39
CA HIS D 140 -1.38 10.17 -15.71
C HIS D 140 -0.55 11.45 -15.72
N PRO D 141 -0.79 12.45 -14.86
CA PRO D 141 0.06 13.64 -14.92
C PRO D 141 1.51 13.37 -14.54
N LEU D 142 1.80 12.26 -13.87
CA LEU D 142 3.15 11.91 -13.44
C LEU D 142 3.85 10.91 -14.34
N LYS D 143 3.22 10.50 -15.46
CA LYS D 143 3.66 9.30 -16.18
C LYS D 143 5.11 9.43 -16.64
N GLU D 144 5.48 10.57 -17.20
CA GLU D 144 6.87 10.74 -17.66
C GLU D 144 7.83 10.63 -16.50
N LEU D 145 7.51 11.31 -15.39
CA LEU D 145 8.40 11.34 -14.24
C LEU D 145 8.50 9.96 -13.59
N SER D 146 7.37 9.29 -13.34
CA SER D 146 7.53 7.98 -12.71
C SER D 146 8.20 6.98 -13.64
N ASN D 147 8.07 7.15 -14.97
CA ASN D 147 8.76 6.24 -15.90
C ASN D 147 10.29 6.34 -15.76
N LYS D 148 10.82 7.51 -15.37
CA LYS D 148 12.26 7.66 -15.15
C LYS D 148 12.69 7.28 -13.74
N ALA D 149 11.77 7.11 -12.81
CA ALA D 149 12.15 6.78 -11.45
C ALA D 149 12.47 5.29 -11.36
N ASN D 150 13.33 4.95 -10.40
CA ASN D 150 13.63 3.54 -10.16
C ASN D 150 12.39 2.78 -9.73
N ILE D 151 11.61 3.35 -8.81
CA ILE D 151 10.47 2.67 -8.19
C ILE D 151 9.36 3.67 -8.03
N THR D 152 8.15 3.30 -8.45
CA THR D 152 6.99 4.13 -8.22
C THR D 152 5.98 3.29 -7.47
N VAL D 153 5.55 3.78 -6.31
CA VAL D 153 4.62 3.05 -5.46
C VAL D 153 3.58 4.05 -4.99
N GLU D 154 2.57 3.53 -4.31
CA GLU D 154 1.43 4.34 -3.91
C GLU D 154 1.52 4.86 -2.48
N THR D 155 2.27 4.19 -1.61
CA THR D 155 2.23 4.51 -0.18
C THR D 155 3.63 4.54 0.40
N VAL D 156 3.72 5.14 1.59
CA VAL D 156 4.93 5.09 2.40
C VAL D 156 5.28 3.66 2.78
N ASN D 157 4.27 2.83 3.09
CA ASN D 157 4.54 1.44 3.49
C ASN D 157 5.28 0.66 2.40
N GLN D 158 4.91 0.88 1.13
CA GLN D 158 5.64 0.19 0.06
C GLN D 158 7.07 0.71 -0.07
N ALA D 159 7.27 2.02 0.05
CA ALA D 159 8.63 2.57 -0.01
C ALA D 159 9.51 1.97 1.08
N ILE D 160 8.95 1.77 2.28
CA ILE D 160 9.69 1.17 3.39
C ILE D 160 10.11 -0.26 3.05
N LYS D 161 9.22 -1.03 2.40
CA LYS D 161 9.59 -2.40 2.05
C LYS D 161 10.76 -2.43 1.06
N ALA D 162 10.84 -1.44 0.17
CA ALA D 162 11.98 -1.33 -0.72
C ALA D 162 13.27 -1.02 0.05
N LEU D 163 13.21 -0.11 1.03
CA LEU D 163 14.40 0.21 1.82
C LEU D 163 14.87 -1.00 2.60
N SER D 164 13.94 -1.78 3.20
CA SER D 164 14.31 -3.04 3.85
C SER D 164 14.98 -3.99 2.89
N TYR D 165 14.44 -4.10 1.68
CA TYR D 165 14.98 -5.04 0.66
C TYR D 165 16.45 -4.73 0.43
N LEU D 166 16.87 -3.48 0.48
CA LEU D 166 18.28 -3.06 0.26
C LEU D 166 19.19 -3.83 1.22
N PHE D 167 18.76 -4.11 2.45
CA PHE D 167 19.60 -4.72 3.49
C PHE D 167 19.26 -6.19 3.76
N GLU D 168 18.17 -6.71 3.20
CA GLU D 168 17.71 -8.10 3.50
C GLU D 168 18.72 -9.12 2.97
N THR D 169 18.68 -10.35 3.45
CA THR D 169 19.66 -11.41 3.08
C THR D 169 18.96 -12.62 2.48
N GLU D 170 17.64 -12.71 2.58
CA GLU D 170 16.83 -13.79 1.98
C GLU D 170 15.39 -13.31 1.88
N MET E 23 -44.32 1.12 29.37
CA MET E 23 -44.42 2.05 28.21
C MET E 23 -43.40 3.19 28.35
N GLU E 24 -42.15 2.86 28.64
CA GLU E 24 -41.08 3.88 28.65
C GLU E 24 -40.20 3.57 27.42
N PHE E 25 -39.60 4.58 26.82
CA PHE E 25 -38.85 4.34 25.56
C PHE E 25 -37.48 5.00 25.63
N ILE E 26 -36.45 4.23 25.36
CA ILE E 26 -35.10 4.79 25.33
C ILE E 26 -34.76 5.05 23.87
N VAL E 27 -34.25 6.25 23.59
CA VAL E 27 -34.06 6.71 22.22
C VAL E 27 -32.65 7.25 22.06
N TYR E 28 -31.95 6.71 21.06
CA TYR E 28 -30.56 7.08 20.80
C TYR E 28 -30.52 8.24 19.81
N LEU E 29 -29.79 9.29 20.18
CA LEU E 29 -29.67 10.51 19.37
C LEU E 29 -28.33 10.49 18.66
N ALA E 30 -28.33 10.04 17.42
CA ALA E 30 -27.10 9.91 16.65
C ALA E 30 -26.92 11.15 15.79
N GLY E 31 -25.68 11.56 15.64
CA GLY E 31 -25.41 12.75 14.85
C GLY E 31 -24.22 13.50 15.42
N GLU E 32 -23.79 14.49 14.64
CA GLU E 32 -22.62 15.29 14.98
C GLU E 32 -22.76 15.89 16.38
N ILE E 33 -21.64 15.94 17.12
CA ILE E 33 -21.63 16.42 18.49
C ILE E 33 -21.10 17.83 18.59
N HIS E 34 -20.72 18.44 17.46
CA HIS E 34 -20.09 19.76 17.48
C HIS E 34 -21.10 20.86 17.81
N SER E 35 -22.36 20.67 17.47
CA SER E 35 -23.43 21.64 17.75
C SER E 35 -24.43 21.03 18.74
N ASN E 36 -25.53 21.73 18.99
CA ASN E 36 -26.32 21.49 20.19
C ASN E 36 -27.77 21.13 19.85
N TRP E 37 -27.95 20.37 18.77
CA TRP E 37 -29.30 20.01 18.34
C TRP E 37 -30.01 19.09 19.34
N ARG E 38 -29.26 18.31 20.11
CA ARG E 38 -29.88 17.33 20.99
C ARG E 38 -30.67 17.98 22.12
N GLU E 39 -30.23 19.14 22.63
CA GLU E 39 -30.92 19.77 23.76
C GLU E 39 -32.31 20.26 23.39
N GLU E 40 -32.47 20.70 22.15
CA GLU E 40 -33.76 21.17 21.59
C GLU E 40 -34.73 20.00 21.55
N ILE E 41 -34.33 18.86 21.00
CA ILE E 41 -35.12 17.64 21.08
C ILE E 41 -35.42 17.29 22.53
N LYS E 42 -34.40 17.39 23.40
CA LYS E 42 -34.62 16.93 24.77
C LYS E 42 -35.58 17.85 25.51
N GLU E 43 -35.41 19.17 25.36
CA GLU E 43 -36.32 20.09 26.04
C GLU E 43 -37.74 19.95 25.50
N LYS E 44 -37.89 20.01 24.17
CA LYS E 44 -39.24 19.99 23.55
C LYS E 44 -39.95 18.71 23.96
N THR E 45 -39.27 17.57 24.00
CA THR E 45 -39.87 16.29 24.44
C THR E 45 -40.34 16.42 25.89
N LYS E 46 -39.51 16.95 26.78
CA LYS E 46 -39.84 17.02 28.23
C LYS E 46 -41.03 17.93 28.48
N SER E 47 -41.18 19.00 27.70
CA SER E 47 -42.30 19.94 27.83
C SER E 47 -43.61 19.21 27.52
N LEU E 48 -43.62 18.38 26.47
CA LEU E 48 -44.82 17.60 26.08
C LEU E 48 -44.96 16.42 27.02
N LYS E 49 -43.97 16.19 27.89
CA LYS E 49 -44.01 15.12 28.91
C LYS E 49 -44.09 13.74 28.26
N LEU E 50 -43.31 13.48 27.21
CA LEU E 50 -43.35 12.14 26.62
C LEU E 50 -42.54 11.17 27.47
N PRO E 51 -42.97 9.91 27.60
CA PRO E 51 -42.21 8.93 28.38
C PRO E 51 -40.99 8.43 27.62
N ILE E 52 -40.06 9.34 27.37
CA ILE E 52 -38.90 9.01 26.56
C ILE E 52 -37.66 9.48 27.30
N THR E 53 -36.65 8.61 27.36
CA THR E 53 -35.32 8.98 27.82
C THR E 53 -34.34 8.89 26.66
N PHE E 54 -33.49 9.89 26.53
CA PHE E 54 -32.56 9.94 25.42
C PHE E 54 -31.16 9.50 25.86
N VAL E 55 -30.43 8.87 24.95
CA VAL E 55 -29.03 8.54 25.17
C VAL E 55 -28.28 8.95 23.92
N GLY E 56 -26.98 9.15 24.07
CA GLY E 56 -26.14 9.46 22.94
C GLY E 56 -24.65 9.42 23.23
N PRO E 57 -23.86 9.89 22.27
CA PRO E 57 -22.42 9.94 22.47
C PRO E 57 -22.06 11.06 23.44
N MET E 58 -20.81 11.02 23.89
CA MET E 58 -20.26 12.14 24.64
C MET E 58 -20.30 13.38 23.76
N GLU E 59 -20.97 14.44 24.25
CA GLU E 59 -21.24 15.62 23.42
C GLU E 59 -20.12 16.66 23.47
N ASN E 60 -19.04 16.40 24.21
CA ASN E 60 -17.91 17.33 24.28
C ASN E 60 -16.83 16.84 23.32
N HIS E 61 -16.59 17.62 22.25
CA HIS E 61 -15.75 17.12 21.17
C HIS E 61 -14.32 16.87 21.63
N ASP E 62 -13.79 17.75 22.48
CA ASP E 62 -12.41 17.60 22.90
C ASP E 62 -12.23 16.38 23.80
N ARG E 63 -13.16 16.12 24.72
CA ARG E 63 -13.12 14.93 25.61
C ARG E 63 -13.25 13.68 24.74
N SER E 64 -14.11 13.72 23.72
CA SER E 64 -14.36 12.55 22.90
C SER E 64 -13.16 12.20 22.02
N ASP E 65 -12.45 13.21 21.49
CA ASP E 65 -11.25 12.89 20.71
C ASP E 65 -10.11 12.37 21.59
N ASN E 66 -10.08 12.73 22.87
CA ASN E 66 -8.93 12.46 23.71
C ASN E 66 -9.13 11.31 24.70
N ILE E 67 -10.32 10.71 24.75
CA ILE E 67 -10.58 9.71 25.81
C ILE E 67 -9.70 8.47 25.58
N GLY E 68 -9.35 8.19 24.34
CA GLY E 68 -8.44 7.08 24.05
C GLY E 68 -7.10 7.23 24.75
N GLU E 69 -6.54 8.43 24.77
CA GLU E 69 -5.20 8.65 25.36
C GLU E 69 -5.34 8.85 26.87
N GLU E 70 -6.50 9.29 27.34
CA GLU E 70 -6.75 9.48 28.78
C GLU E 70 -6.77 8.12 29.46
N ILE E 71 -7.44 7.14 28.86
CA ILE E 71 -7.61 5.80 29.47
C ILE E 71 -6.42 4.93 29.10
N MET E 72 -6.09 4.75 27.81
CA MET E 72 -5.05 3.78 27.35
C MET E 72 -3.65 4.41 27.29
N GLY E 73 -3.54 5.72 27.41
CA GLY E 73 -2.24 6.40 27.44
C GLY E 73 -1.86 7.06 26.14
N VAL E 74 -0.79 7.86 26.15
CA VAL E 74 -0.34 8.59 24.95
C VAL E 74 -0.01 7.57 23.87
N GLN E 75 -0.43 7.84 22.64
CA GLN E 75 -0.22 6.91 21.53
C GLN E 75 0.88 7.42 20.62
N PRO E 76 1.49 6.53 19.82
CA PRO E 76 2.61 6.96 18.96
C PRO E 76 2.22 7.87 17.81
N ASN E 77 0.98 7.81 17.32
CA ASN E 77 0.62 8.63 16.16
C ASN E 77 -0.86 8.95 16.23
N ALA E 78 -1.31 9.79 15.29
CA ALA E 78 -2.68 10.31 15.37
C ALA E 78 -3.70 9.26 14.97
N VAL E 79 -3.33 8.29 14.15
CA VAL E 79 -4.23 7.17 13.86
C VAL E 79 -4.49 6.36 15.12
N LEU E 80 -3.42 5.96 15.80
CA LEU E 80 -3.58 5.19 17.03
C LEU E 80 -4.34 5.99 18.07
N LYS E 81 -4.05 7.29 18.18
CA LYS E 81 -4.84 8.14 19.07
C LYS E 81 -6.32 8.07 18.74
N ASP E 82 -6.67 8.11 17.44
CA ASP E 82 -8.07 8.07 17.06
C ASP E 82 -8.67 6.68 17.23
N ASP E 83 -7.89 5.64 16.97
CA ASP E 83 -8.40 4.30 17.15
C ASP E 83 -8.66 4.00 18.63
N LYS E 84 -7.75 4.42 19.53
CA LYS E 84 -8.02 4.19 20.95
C LYS E 84 -9.22 4.99 21.43
N ALA E 85 -9.37 6.24 20.98
CA ALA E 85 -10.59 6.99 21.26
C ALA E 85 -11.82 6.22 20.77
N SER E 86 -11.71 5.54 19.62
CA SER E 86 -12.89 4.84 19.10
C SER E 86 -13.18 3.55 19.87
N ASP E 87 -12.15 2.87 20.38
CA ASP E 87 -12.39 1.77 21.32
C ASP E 87 -13.40 2.19 22.39
N ILE E 88 -13.17 3.36 23.01
CA ILE E 88 -14.02 3.79 24.13
C ILE E 88 -15.37 4.28 23.63
N ASN E 89 -15.37 5.10 22.59
CA ASN E 89 -16.60 5.70 22.09
C ASN E 89 -17.53 4.66 21.46
N ASN E 90 -16.95 3.69 20.72
CA ASN E 90 -17.77 2.60 20.20
C ASN E 90 -18.26 1.70 21.34
N PHE E 91 -17.53 1.61 22.44
CA PHE E 91 -18.05 0.89 23.60
C PHE E 91 -19.28 1.59 24.15
N ARG E 92 -19.17 2.90 24.38
CA ARG E 92 -20.33 3.65 24.87
C ARG E 92 -21.51 3.59 23.90
N THR E 93 -21.24 3.78 22.60
CA THR E 93 -22.34 3.73 21.63
C THR E 93 -23.01 2.36 21.61
N ALA E 94 -22.23 1.28 21.61
CA ALA E 94 -22.79 -0.07 21.63
C ALA E 94 -23.63 -0.33 22.88
N VAL E 95 -23.14 0.06 24.06
CA VAL E 95 -23.89 -0.20 25.29
C VAL E 95 -25.20 0.59 25.31
N LEU E 96 -25.17 1.84 24.85
CA LEU E 96 -26.39 2.63 24.88
C LEU E 96 -27.33 2.24 23.73
N MET E 97 -26.79 2.08 22.52
CA MET E 97 -27.56 1.53 21.40
C MET E 97 -28.30 0.25 21.80
N ASN E 98 -27.66 -0.62 22.59
CA ASN E 98 -28.30 -1.86 23.01
C ASN E 98 -29.50 -1.60 23.91
N LYS E 99 -29.49 -0.50 24.68
CA LYS E 99 -30.66 -0.12 25.48
C LYS E 99 -31.78 0.49 24.64
N ALA E 100 -31.47 0.99 23.44
CA ALA E 100 -32.36 1.90 22.72
C ALA E 100 -33.47 1.15 22.00
N ASP E 101 -34.70 1.61 22.18
CA ASP E 101 -35.84 1.11 21.39
C ASP E 101 -35.82 1.66 19.96
N PHE E 102 -35.47 2.94 19.78
CA PHE E 102 -35.33 3.45 18.42
C PHE E 102 -34.34 4.62 18.41
N VAL E 103 -34.08 5.13 17.20
CA VAL E 103 -32.96 6.01 16.95
C VAL E 103 -33.47 7.24 16.20
N ILE E 104 -32.96 8.41 16.58
CA ILE E 104 -33.03 9.62 15.77
C ILE E 104 -31.62 9.99 15.38
N ALA E 105 -31.40 10.17 14.07
CA ALA E 105 -30.11 10.56 13.50
C ALA E 105 -30.31 11.86 12.72
N LEU E 106 -29.51 12.87 13.03
CA LEU E 106 -29.60 14.16 12.39
C LEU E 106 -28.35 14.45 11.59
N PHE E 107 -28.51 14.83 10.33
CA PHE E 107 -27.39 15.20 9.44
C PHE E 107 -27.44 16.71 9.19
N GLY E 108 -26.27 17.33 9.03
CA GLY E 108 -26.14 18.76 8.75
C GLY E 108 -25.20 18.96 7.58
N GLU E 109 -24.83 20.20 7.26
CA GLU E 109 -24.04 20.52 6.04
C GLU E 109 -22.54 20.50 6.35
N LYS E 110 -22.13 20.65 7.61
CA LYS E 110 -20.70 20.65 7.99
C LYS E 110 -20.25 19.28 8.52
N TYR E 111 -19.03 18.85 8.19
CA TYR E 111 -18.38 17.61 8.69
C TYR E 111 -18.75 16.39 7.84
N LYS E 112 -17.83 15.42 7.79
CA LYS E 112 -18.03 14.18 7.01
C LYS E 112 -19.31 13.54 7.51
N GLN E 113 -19.42 13.18 8.80
CA GLN E 113 -20.62 12.59 9.45
C GLN E 113 -20.78 11.13 9.03
N TRP E 114 -19.69 10.44 8.75
CA TRP E 114 -19.74 9.01 8.49
C TRP E 114 -20.11 8.22 9.73
N ASN E 115 -19.84 8.79 10.92
CA ASN E 115 -20.31 8.16 12.15
C ASN E 115 -21.84 8.21 12.24
N THR E 116 -22.45 9.31 11.82
CA THR E 116 -23.91 9.40 11.78
C THR E 116 -24.50 8.37 10.84
N ALA E 117 -23.90 8.21 9.65
CA ALA E 117 -24.39 7.22 8.71
C ALA E 117 -24.21 5.83 9.28
N MET E 118 -23.10 5.61 9.99
CA MET E 118 -22.85 4.33 10.65
C MET E 118 -23.97 4.01 11.65
N ASP E 119 -24.26 4.93 12.57
CA ASP E 119 -25.25 4.65 13.62
C ASP E 119 -26.64 4.45 13.01
N ALA E 120 -27.02 5.31 12.06
CA ALA E 120 -28.33 5.17 11.42
C ALA E 120 -28.43 3.85 10.70
N SER E 121 -27.41 3.42 9.95
CA SER E 121 -27.44 2.14 9.19
C SER E 121 -27.52 0.96 10.17
N TYR E 122 -26.81 1.04 11.29
CA TYR E 122 -26.82 -0.01 12.32
C TYR E 122 -28.25 -0.17 12.82
N ALA E 123 -28.90 0.94 13.17
CA ALA E 123 -30.29 0.93 13.65
C ALA E 123 -31.13 0.13 12.66
N ILE E 124 -31.10 0.49 11.40
CA ILE E 124 -31.94 -0.14 10.35
C ILE E 124 -31.60 -1.64 10.20
N ALA E 125 -30.33 -2.02 10.25
CA ALA E 125 -29.86 -3.42 10.14
C ALA E 125 -30.38 -4.28 11.29
N LYS E 126 -30.46 -3.69 12.48
CA LYS E 126 -30.91 -4.39 13.70
C LYS E 126 -32.42 -4.25 13.87
N GLY E 127 -33.14 -3.60 12.95
CA GLY E 127 -34.56 -3.43 13.17
C GLY E 127 -34.97 -2.42 14.21
N LYS E 128 -34.11 -1.46 14.56
CA LYS E 128 -34.62 -0.35 15.36
C LYS E 128 -35.27 0.68 14.44
N PRO E 129 -36.54 1.02 14.66
CA PRO E 129 -37.13 2.13 13.89
C PRO E 129 -36.24 3.34 13.95
N LEU E 130 -36.24 4.12 12.87
CA LEU E 130 -35.27 5.18 12.71
C LEU E 130 -35.97 6.41 12.14
N ILE E 131 -35.63 7.57 12.71
CA ILE E 131 -36.00 8.88 12.19
C ILE E 131 -34.74 9.58 11.75
N ILE E 132 -34.69 10.03 10.49
CA ILE E 132 -33.61 10.87 10.00
C ILE E 132 -34.10 12.31 9.89
N ILE E 133 -33.30 13.24 10.41
CA ILE E 133 -33.50 14.67 10.26
C ILE E 133 -32.38 15.23 9.39
N ARG E 134 -32.76 15.84 8.26
CA ARG E 134 -31.74 16.31 7.33
C ARG E 134 -32.30 17.43 6.48
N PRO E 135 -31.53 18.47 6.19
CA PRO E 135 -31.99 19.52 5.28
C PRO E 135 -32.26 18.96 3.89
N GLU E 136 -33.31 19.47 3.24
CA GLU E 136 -33.65 19.03 1.89
C GLU E 136 -32.48 19.16 0.92
N SER E 137 -31.57 20.11 1.14
CA SER E 137 -30.41 20.27 0.26
C SER E 137 -29.45 19.10 0.36
N LEU E 138 -29.61 18.23 1.34
CA LEU E 138 -28.77 17.04 1.41
C LEU E 138 -29.51 15.78 0.96
N HIS E 139 -30.69 15.92 0.32
CA HIS E 139 -31.49 14.76 -0.07
C HIS E 139 -30.68 13.78 -0.91
N HIS E 140 -29.87 14.31 -1.86
CA HIS E 140 -29.23 13.42 -2.83
C HIS E 140 -28.17 12.53 -2.18
N PRO E 141 -27.16 13.05 -1.46
CA PRO E 141 -26.19 12.13 -0.84
C PRO E 141 -26.82 11.18 0.18
N LEU E 142 -27.97 11.52 0.73
CA LEU E 142 -28.64 10.71 1.74
C LEU E 142 -29.77 9.86 1.17
N LYS E 143 -29.85 9.72 -0.16
CA LYS E 143 -31.06 9.14 -0.73
C LYS E 143 -31.23 7.66 -0.36
N GLU E 144 -30.15 6.88 -0.39
CA GLU E 144 -30.27 5.45 -0.04
C GLU E 144 -30.66 5.29 1.42
N LEU E 145 -30.13 6.17 2.27
CA LEU E 145 -30.28 6.05 3.71
C LEU E 145 -31.65 6.53 4.15
N SER E 146 -32.13 7.66 3.60
CA SER E 146 -33.49 8.07 3.92
C SER E 146 -34.50 7.08 3.39
N ASN E 147 -34.19 6.45 2.26
CA ASN E 147 -35.10 5.44 1.71
C ASN E 147 -35.30 4.27 2.69
N LYS E 148 -34.23 3.83 3.36
CA LYS E 148 -34.35 2.75 4.35
C LYS E 148 -34.90 3.21 5.69
N ALA E 149 -34.91 4.51 6.00
CA ALA E 149 -35.38 4.94 7.31
C ALA E 149 -36.91 4.96 7.37
N ASN E 150 -37.45 4.92 8.60
CA ASN E 150 -38.91 4.96 8.75
C ASN E 150 -39.47 6.32 8.38
N ILE E 151 -38.83 7.38 8.88
CA ILE E 151 -39.29 8.75 8.69
C ILE E 151 -38.07 9.59 8.38
N THR E 152 -38.17 10.42 7.34
CA THR E 152 -37.16 11.42 7.02
C THR E 152 -37.82 12.79 7.01
N VAL E 153 -37.39 13.66 7.91
CA VAL E 153 -37.97 14.99 8.07
C VAL E 153 -36.86 16.01 7.96
N GLU E 154 -37.26 17.27 7.81
CA GLU E 154 -36.31 18.38 7.66
C GLU E 154 -35.93 19.00 8.98
N THR E 155 -36.84 19.02 9.97
CA THR E 155 -36.65 19.82 11.17
C THR E 155 -36.83 19.02 12.45
N VAL E 156 -36.30 19.59 13.53
CA VAL E 156 -36.46 19.02 14.86
C VAL E 156 -37.94 18.99 15.25
N ASN E 157 -38.70 20.00 14.86
CA ASN E 157 -40.11 20.11 15.27
C ASN E 157 -40.91 19.06 14.53
N GLN E 158 -40.51 18.71 13.31
CA GLN E 158 -41.18 17.63 12.62
C GLN E 158 -40.98 16.31 13.37
N ALA E 159 -39.75 16.05 13.81
CA ALA E 159 -39.45 14.82 14.53
C ALA E 159 -40.31 14.72 15.79
N ILE E 160 -40.35 15.82 16.56
CA ILE E 160 -41.17 15.88 17.76
C ILE E 160 -42.63 15.56 17.46
N LYS E 161 -43.19 16.11 16.36
CA LYS E 161 -44.56 15.75 16.01
C LYS E 161 -44.70 14.26 15.81
N ALA E 162 -43.67 13.61 15.26
CA ALA E 162 -43.78 12.16 15.05
C ALA E 162 -43.72 11.42 16.39
N LEU E 163 -42.83 11.86 17.30
CA LEU E 163 -42.78 11.28 18.64
C LEU E 163 -44.10 11.47 19.38
N SER E 164 -44.71 12.66 19.30
CA SER E 164 -46.01 12.85 19.95
C SER E 164 -47.03 11.88 19.39
N TYR E 165 -47.01 11.65 18.07
CA TYR E 165 -47.99 10.80 17.42
C TYR E 165 -47.99 9.40 18.01
N LEU E 166 -46.86 8.99 18.60
CA LEU E 166 -46.73 7.65 19.16
C LEU E 166 -47.76 7.40 20.26
N PHE E 167 -48.02 8.43 21.05
CA PHE E 167 -48.88 8.26 22.24
C PHE E 167 -50.23 8.93 22.03
N GLU E 168 -50.43 9.57 20.89
CA GLU E 168 -51.69 10.33 20.65
C GLU E 168 -52.87 9.36 20.51
N THR E 169 -54.05 9.80 20.92
CA THR E 169 -55.26 8.93 20.92
C THR E 169 -56.23 9.41 19.83
N GLU E 170 -56.09 10.65 19.37
CA GLU E 170 -57.04 11.23 18.39
C GLU E 170 -56.32 12.29 17.54
N MET F 23 -14.94 -24.72 -2.09
CA MET F 23 -15.34 -23.53 -1.29
C MET F 23 -15.16 -22.26 -2.11
N GLU F 24 -16.26 -21.57 -2.38
CA GLU F 24 -16.19 -20.30 -3.13
C GLU F 24 -16.78 -19.21 -2.22
N PHE F 25 -16.46 -17.97 -2.53
CA PHE F 25 -16.95 -16.85 -1.68
C PHE F 25 -17.50 -15.72 -2.55
N ILE F 26 -18.60 -15.11 -2.12
CA ILE F 26 -19.15 -13.93 -2.75
C ILE F 26 -18.81 -12.73 -1.90
N VAL F 27 -18.33 -11.66 -2.54
CA VAL F 27 -17.85 -10.48 -1.85
C VAL F 27 -18.52 -9.24 -2.43
N TYR F 28 -19.13 -8.44 -1.57
CA TYR F 28 -19.79 -7.23 -2.00
C TYR F 28 -18.76 -6.11 -1.94
N LEU F 29 -18.69 -5.33 -3.02
CA LEU F 29 -17.76 -4.22 -3.16
C LEU F 29 -18.60 -2.94 -3.06
N ALA F 30 -18.63 -2.37 -1.86
CA ALA F 30 -19.36 -1.13 -1.57
C ALA F 30 -18.41 0.04 -1.77
N GLY F 31 -18.92 1.18 -2.19
CA GLY F 31 -18.09 2.37 -2.41
C GLY F 31 -18.57 3.26 -3.53
N GLU F 32 -17.83 4.32 -3.80
CA GLU F 32 -18.17 5.28 -4.87
C GLU F 32 -18.04 4.57 -6.21
N ILE F 33 -19.00 4.71 -7.10
CA ILE F 33 -18.96 4.08 -8.44
C ILE F 33 -18.30 5.05 -9.38
N HIS F 34 -17.87 6.21 -8.87
CA HIS F 34 -17.43 7.27 -9.78
C HIS F 34 -16.04 7.01 -10.35
N SER F 35 -15.30 6.05 -9.81
CA SER F 35 -13.97 5.71 -10.32
C SER F 35 -13.98 4.20 -10.58
N ASN F 36 -12.79 3.61 -10.74
CA ASN F 36 -12.68 2.25 -11.25
C ASN F 36 -11.98 1.29 -10.30
N TRP F 37 -12.04 1.55 -8.99
CA TRP F 37 -11.31 0.69 -8.08
C TRP F 37 -11.77 -0.76 -8.16
N ARG F 38 -13.04 -1.00 -8.49
CA ARG F 38 -13.55 -2.37 -8.47
C ARG F 38 -12.91 -3.24 -9.54
N GLU F 39 -12.56 -2.65 -10.69
CA GLU F 39 -11.90 -3.42 -11.75
C GLU F 39 -10.52 -3.88 -11.30
N GLU F 40 -9.79 -3.01 -10.61
CA GLU F 40 -8.46 -3.36 -10.08
C GLU F 40 -8.59 -4.57 -9.13
N ILE F 41 -9.60 -4.61 -8.27
CA ILE F 41 -9.78 -5.73 -7.35
C ILE F 41 -10.10 -7.00 -8.12
N LYS F 42 -11.04 -6.93 -9.05
CA LYS F 42 -11.43 -8.12 -9.81
C LYS F 42 -10.26 -8.63 -10.65
N GLU F 43 -9.55 -7.74 -11.33
CA GLU F 43 -8.39 -8.13 -12.12
C GLU F 43 -7.37 -8.89 -11.28
N LYS F 44 -6.90 -8.28 -10.20
CA LYS F 44 -5.85 -8.87 -9.35
C LYS F 44 -6.35 -10.17 -8.71
N THR F 45 -7.63 -10.29 -8.40
CA THR F 45 -8.13 -11.54 -7.82
C THR F 45 -8.06 -12.67 -8.82
N LYS F 46 -8.43 -12.39 -10.07
CA LYS F 46 -8.41 -13.44 -11.09
C LYS F 46 -6.99 -13.81 -11.49
N SER F 47 -6.04 -12.89 -11.39
CA SER F 47 -4.65 -13.27 -11.59
C SER F 47 -4.21 -14.29 -10.56
N LEU F 48 -4.67 -14.13 -9.32
CA LEU F 48 -4.39 -15.08 -8.26
C LEU F 48 -5.28 -16.32 -8.32
N LYS F 49 -6.29 -16.32 -9.19
CA LYS F 49 -7.23 -17.44 -9.30
C LYS F 49 -7.84 -17.77 -7.94
N LEU F 50 -8.18 -16.74 -7.18
CA LEU F 50 -8.86 -16.97 -5.92
C LEU F 50 -10.32 -17.32 -6.17
N PRO F 51 -10.90 -18.21 -5.34
CA PRO F 51 -12.34 -18.58 -5.50
C PRO F 51 -13.31 -17.55 -4.93
N ILE F 52 -13.35 -16.39 -5.58
CA ILE F 52 -14.15 -15.26 -5.13
C ILE F 52 -14.90 -14.69 -6.31
N THR F 53 -16.19 -14.47 -6.15
CA THR F 53 -17.01 -13.73 -7.10
C THR F 53 -17.43 -12.41 -6.47
N PHE F 54 -17.25 -11.31 -7.19
CA PHE F 54 -17.62 -10.01 -6.64
C PHE F 54 -19.01 -9.59 -7.13
N VAL F 55 -19.73 -8.87 -6.27
CA VAL F 55 -21.01 -8.27 -6.60
C VAL F 55 -20.98 -6.85 -6.04
N GLY F 56 -21.87 -6.01 -6.55
CA GLY F 56 -21.86 -4.61 -6.17
C GLY F 56 -22.94 -3.81 -6.86
N PRO F 57 -22.94 -2.50 -6.59
CA PRO F 57 -24.00 -1.65 -7.13
C PRO F 57 -23.81 -1.50 -8.63
N MET F 58 -24.85 -0.97 -9.27
CA MET F 58 -24.71 -0.50 -10.64
C MET F 58 -23.65 0.59 -10.73
N GLU F 59 -22.67 0.39 -11.60
CA GLU F 59 -21.50 1.27 -11.58
C GLU F 59 -21.58 2.44 -12.56
N ASN F 60 -22.58 2.50 -13.44
CA ASN F 60 -22.77 3.62 -14.35
C ASN F 60 -23.58 4.67 -13.58
N HIS F 61 -22.95 5.81 -13.27
CA HIS F 61 -23.56 6.75 -12.34
C HIS F 61 -24.86 7.32 -12.88
N ASP F 62 -24.91 7.61 -14.18
CA ASP F 62 -26.11 8.27 -14.67
C ASP F 62 -27.30 7.31 -14.71
N ARG F 63 -27.05 6.05 -15.07
CA ARG F 63 -28.08 5.02 -15.01
C ARG F 63 -28.58 4.83 -13.58
N SER F 64 -27.66 4.67 -12.61
CA SER F 64 -28.04 4.56 -11.20
C SER F 64 -28.87 5.76 -10.74
N ASP F 65 -28.53 6.97 -11.16
CA ASP F 65 -29.33 8.14 -10.77
C ASP F 65 -30.72 8.11 -11.38
N ASN F 66 -30.86 7.60 -12.60
CA ASN F 66 -32.10 7.76 -13.34
C ASN F 66 -32.97 6.51 -13.31
N ILE F 67 -32.52 5.43 -12.68
CA ILE F 67 -33.23 4.15 -12.76
C ILE F 67 -34.62 4.24 -12.13
N GLY F 68 -34.81 5.10 -11.14
CA GLY F 68 -36.14 5.27 -10.57
C GLY F 68 -37.14 5.75 -11.61
N GLU F 69 -36.78 6.78 -12.37
CA GLU F 69 -37.66 7.30 -13.39
C GLU F 69 -37.70 6.42 -14.64
N GLU F 70 -36.59 5.72 -14.93
CA GLU F 70 -36.58 4.69 -15.96
C GLU F 70 -37.72 3.69 -15.79
N ILE F 71 -38.04 3.33 -14.55
CA ILE F 71 -39.00 2.26 -14.27
C ILE F 71 -40.36 2.82 -13.85
N MET F 72 -40.38 3.89 -13.07
CA MET F 72 -41.63 4.41 -12.53
C MET F 72 -41.98 5.80 -13.07
N GLY F 73 -41.34 6.23 -14.17
CA GLY F 73 -41.71 7.47 -14.81
C GLY F 73 -41.28 8.72 -14.05
N VAL F 74 -41.22 9.84 -14.78
CA VAL F 74 -40.73 11.10 -14.24
C VAL F 74 -41.45 11.44 -12.95
N GLN F 75 -40.69 11.88 -11.94
CA GLN F 75 -41.24 12.12 -10.62
C GLN F 75 -41.56 13.60 -10.42
N PRO F 76 -42.42 13.93 -9.46
CA PRO F 76 -42.82 15.35 -9.29
C PRO F 76 -41.69 16.28 -8.91
N ASN F 77 -40.60 15.79 -8.30
CA ASN F 77 -39.50 16.66 -7.91
C ASN F 77 -38.24 15.82 -7.73
N ALA F 78 -37.13 16.52 -7.50
CA ALA F 78 -35.84 15.85 -7.39
C ALA F 78 -35.77 14.92 -6.17
N VAL F 79 -36.40 15.31 -5.06
CA VAL F 79 -36.42 14.40 -3.91
C VAL F 79 -37.11 13.09 -4.28
N LEU F 80 -38.22 13.16 -5.00
CA LEU F 80 -38.94 11.95 -5.36
C LEU F 80 -38.19 11.16 -6.43
N LYS F 81 -37.49 11.85 -7.32
CA LYS F 81 -36.65 11.15 -8.29
C LYS F 81 -35.54 10.37 -7.60
N ASP F 82 -34.98 10.92 -6.51
CA ASP F 82 -33.89 10.18 -5.87
C ASP F 82 -34.44 9.03 -5.02
N ASP F 83 -35.61 9.22 -4.42
CA ASP F 83 -36.19 8.15 -3.61
C ASP F 83 -36.57 6.95 -4.46
N LYS F 84 -37.20 7.19 -5.63
CA LYS F 84 -37.51 6.09 -6.54
C LYS F 84 -36.25 5.36 -6.99
N ALA F 85 -35.19 6.10 -7.34
CA ALA F 85 -33.92 5.46 -7.64
C ALA F 85 -33.44 4.63 -6.45
N SER F 86 -33.71 5.11 -5.24
CA SER F 86 -33.27 4.42 -4.04
C SER F 86 -34.07 3.15 -3.78
N ASP F 87 -35.38 3.18 -4.05
CA ASP F 87 -36.16 1.95 -4.06
C ASP F 87 -35.47 0.87 -4.89
N ILE F 88 -34.96 1.22 -6.08
CA ILE F 88 -34.41 0.18 -6.95
C ILE F 88 -32.98 -0.16 -6.56
N ASN F 89 -32.15 0.84 -6.29
CA ASN F 89 -30.77 0.52 -5.94
C ASN F 89 -30.70 -0.23 -4.61
N ASN F 90 -31.54 0.15 -3.63
CA ASN F 90 -31.53 -0.56 -2.35
C ASN F 90 -32.09 -1.98 -2.47
N PHE F 91 -33.04 -2.20 -3.38
CA PHE F 91 -33.44 -3.57 -3.68
C PHE F 91 -32.26 -4.36 -4.24
N ARG F 92 -31.50 -3.76 -5.16
CA ARG F 92 -30.32 -4.45 -5.69
C ARG F 92 -29.30 -4.69 -4.59
N THR F 93 -29.09 -3.70 -3.73
CA THR F 93 -28.09 -3.88 -2.66
C THR F 93 -28.51 -4.95 -1.67
N ALA F 94 -29.78 -4.93 -1.25
CA ALA F 94 -30.26 -5.95 -0.33
C ALA F 94 -30.06 -7.34 -0.90
N VAL F 95 -30.46 -7.57 -2.15
CA VAL F 95 -30.42 -8.93 -2.72
C VAL F 95 -28.97 -9.42 -2.84
N LEU F 96 -28.09 -8.58 -3.37
CA LEU F 96 -26.72 -9.02 -3.56
C LEU F 96 -25.99 -9.16 -2.23
N MET F 97 -26.26 -8.25 -1.29
CA MET F 97 -25.68 -8.30 0.05
C MET F 97 -26.09 -9.58 0.77
N ASN F 98 -27.34 -10.02 0.58
CA ASN F 98 -27.83 -11.26 1.18
C ASN F 98 -27.06 -12.48 0.68
N LYS F 99 -26.47 -12.42 -0.53
CA LYS F 99 -25.64 -13.51 -1.04
C LYS F 99 -24.20 -13.43 -0.53
N ALA F 100 -23.72 -12.25 -0.16
CA ALA F 100 -22.30 -12.08 0.09
C ALA F 100 -21.88 -12.67 1.44
N ASP F 101 -20.74 -13.35 1.43
CA ASP F 101 -20.11 -13.86 2.64
C ASP F 101 -19.40 -12.73 3.41
N PHE F 102 -18.71 -11.83 2.71
CA PHE F 102 -18.11 -10.69 3.39
C PHE F 102 -18.04 -9.50 2.44
N VAL F 103 -17.55 -8.37 2.97
CA VAL F 103 -17.70 -7.07 2.33
C VAL F 103 -16.36 -6.34 2.28
N ILE F 104 -16.12 -5.64 1.17
CA ILE F 104 -15.02 -4.69 1.04
C ILE F 104 -15.63 -3.34 0.69
N ALA F 105 -15.28 -2.32 1.45
CA ALA F 105 -15.82 -0.98 1.28
C ALA F 105 -14.66 -0.02 1.12
N LEU F 106 -14.74 0.83 0.09
CA LEU F 106 -13.67 1.78 -0.21
C LEU F 106 -14.17 3.21 -0.10
N PHE F 107 -13.41 4.04 0.59
CA PHE F 107 -13.72 5.45 0.73
C PHE F 107 -12.64 6.22 0.00
N GLY F 108 -13.03 7.31 -0.63
CA GLY F 108 -12.09 8.21 -1.28
C GLY F 108 -12.37 9.64 -0.84
N GLU F 109 -11.55 10.55 -1.38
CA GLU F 109 -11.62 11.93 -0.95
C GLU F 109 -12.82 12.67 -1.54
N LYS F 110 -13.37 12.20 -2.66
CA LYS F 110 -14.46 12.90 -3.31
C LYS F 110 -15.80 12.38 -2.83
N TYR F 111 -16.77 13.30 -2.68
CA TYR F 111 -18.18 13.01 -2.46
C TYR F 111 -18.51 12.69 -0.99
N LYS F 112 -19.80 12.80 -0.62
CA LYS F 112 -20.20 12.61 0.76
C LYS F 112 -20.06 11.15 1.19
N GLN F 113 -20.42 10.22 0.31
CA GLN F 113 -20.18 8.81 0.52
C GLN F 113 -20.92 8.27 1.74
N TRP F 114 -22.02 8.92 2.14
CA TRP F 114 -22.85 8.37 3.19
C TRP F 114 -23.43 7.01 2.82
N ASN F 115 -23.55 6.70 1.52
CA ASN F 115 -23.99 5.37 1.12
C ASN F 115 -22.92 4.31 1.42
N THR F 116 -21.63 4.65 1.23
CA THR F 116 -20.58 3.70 1.53
C THR F 116 -20.57 3.35 3.03
N ALA F 117 -20.71 4.36 3.88
CA ALA F 117 -20.73 4.09 5.33
C ALA F 117 -21.95 3.27 5.70
N MET F 118 -23.10 3.51 5.05
CA MET F 118 -24.28 2.70 5.29
C MET F 118 -24.01 1.21 5.03
N ASP F 119 -23.40 0.89 3.89
CA ASP F 119 -23.18 -0.52 3.55
C ASP F 119 -22.15 -1.15 4.47
N ALA F 120 -21.04 -0.44 4.73
CA ALA F 120 -20.04 -0.95 5.66
C ALA F 120 -20.66 -1.23 7.01
N SER F 121 -21.44 -0.26 7.52
CA SER F 121 -22.09 -0.45 8.81
C SER F 121 -23.11 -1.56 8.75
N TYR F 122 -23.81 -1.72 7.62
CA TYR F 122 -24.72 -2.86 7.47
C TYR F 122 -23.99 -4.18 7.63
N ALA F 123 -22.80 -4.29 7.03
CA ALA F 123 -22.01 -5.52 7.13
C ALA F 123 -21.66 -5.83 8.58
N ILE F 124 -21.12 -4.84 9.29
CA ILE F 124 -20.76 -5.02 10.69
C ILE F 124 -21.96 -5.52 11.51
N ALA F 125 -23.10 -4.83 11.38
CA ALA F 125 -24.29 -5.19 12.16
C ALA F 125 -24.79 -6.61 11.87
N LYS F 126 -24.54 -7.10 10.66
CA LYS F 126 -25.01 -8.41 10.23
C LYS F 126 -23.97 -9.51 10.42
N GLY F 127 -22.87 -9.21 11.13
CA GLY F 127 -21.85 -10.23 11.29
C GLY F 127 -21.09 -10.57 10.02
N LYS F 128 -21.15 -9.75 8.99
CA LYS F 128 -20.35 -10.00 7.79
C LYS F 128 -18.98 -9.37 7.96
N PRO F 129 -17.90 -10.15 7.97
CA PRO F 129 -16.55 -9.58 7.95
C PRO F 129 -16.43 -8.46 6.92
N LEU F 130 -15.68 -7.43 7.29
CA LEU F 130 -15.58 -6.19 6.54
C LEU F 130 -14.11 -5.76 6.45
N ILE F 131 -13.65 -5.48 5.23
CA ILE F 131 -12.39 -4.77 5.01
C ILE F 131 -12.75 -3.37 4.54
N ILE F 132 -12.11 -2.36 5.12
CA ILE F 132 -12.27 -0.99 4.68
C ILE F 132 -10.96 -0.54 4.05
N ILE F 133 -11.06 0.10 2.89
CA ILE F 133 -9.94 0.72 2.20
C ILE F 133 -10.16 2.21 2.27
N ARG F 134 -9.19 2.93 2.84
CA ARG F 134 -9.35 4.37 2.98
C ARG F 134 -7.96 4.97 3.03
N PRO F 135 -7.73 6.14 2.43
CA PRO F 135 -6.42 6.79 2.56
C PRO F 135 -6.26 7.34 3.96
N GLU F 136 -5.03 7.20 4.50
CA GLU F 136 -4.75 7.67 5.85
C GLU F 136 -5.22 9.10 6.08
N SER F 137 -5.22 9.92 5.03
CA SER F 137 -5.76 11.27 5.13
C SER F 137 -7.16 11.28 5.72
N LEU F 138 -7.94 10.22 5.50
CA LEU F 138 -9.31 10.22 5.98
C LEU F 138 -9.46 9.46 7.31
N HIS F 139 -8.36 9.16 8.00
CA HIS F 139 -8.47 8.29 9.18
C HIS F 139 -9.39 8.88 10.23
N HIS F 140 -9.30 10.20 10.48
CA HIS F 140 -10.04 10.76 11.61
C HIS F 140 -11.56 10.75 11.42
N PRO F 141 -12.12 11.18 10.28
CA PRO F 141 -13.58 11.06 10.11
C PRO F 141 -14.05 9.62 10.05
N LEU F 142 -13.17 8.67 9.77
CA LEU F 142 -13.54 7.27 9.64
C LEU F 142 -13.27 6.46 10.90
N LYS F 143 -12.83 7.11 11.99
CA LYS F 143 -12.18 6.37 13.07
C LYS F 143 -13.15 5.37 13.71
N GLU F 144 -14.41 5.77 13.88
CA GLU F 144 -15.35 4.86 14.54
C GLU F 144 -15.61 3.65 13.65
N LEU F 145 -15.80 3.89 12.36
CA LEU F 145 -16.12 2.83 11.42
C LEU F 145 -14.93 1.90 11.22
N SER F 146 -13.74 2.44 11.00
CA SER F 146 -12.63 1.53 10.82
C SER F 146 -12.35 0.74 12.10
N ASN F 147 -12.65 1.30 13.28
CA ASN F 147 -12.44 0.55 14.52
C ASN F 147 -13.36 -0.68 14.62
N LYS F 148 -14.53 -0.62 13.98
CA LYS F 148 -15.47 -1.75 13.93
C LYS F 148 -15.16 -2.76 12.82
N ALA F 149 -14.41 -2.37 11.80
CA ALA F 149 -14.11 -3.27 10.68
C ALA F 149 -13.05 -4.27 11.09
N ASN F 150 -13.05 -5.45 10.45
CA ASN F 150 -11.99 -6.42 10.72
C ASN F 150 -10.62 -5.87 10.35
N ILE F 151 -10.53 -5.25 9.17
CA ILE F 151 -9.25 -4.85 8.60
C ILE F 151 -9.42 -3.49 7.96
N THR F 152 -8.52 -2.57 8.25
CA THR F 152 -8.53 -1.27 7.58
C THR F 152 -7.17 -1.07 6.95
N VAL F 153 -7.15 -0.84 5.64
CA VAL F 153 -5.91 -0.67 4.89
C VAL F 153 -6.05 0.56 4.01
N GLU F 154 -4.96 0.93 3.37
CA GLU F 154 -4.90 2.15 2.57
C GLU F 154 -5.18 1.91 1.08
N THR F 155 -4.89 0.72 0.57
CA THR F 155 -4.92 0.46 -0.86
C THR F 155 -5.59 -0.87 -1.17
N VAL F 156 -5.91 -1.01 -2.45
CA VAL F 156 -6.44 -2.26 -2.98
C VAL F 156 -5.41 -3.38 -2.84
N ASN F 157 -4.14 -3.09 -3.13
CA ASN F 157 -3.12 -4.13 -3.05
C ASN F 157 -3.06 -4.75 -1.65
N GLN F 158 -3.23 -3.93 -0.61
CA GLN F 158 -3.25 -4.47 0.75
C GLN F 158 -4.49 -5.32 0.97
N ALA F 159 -5.65 -4.87 0.49
CA ALA F 159 -6.83 -5.73 0.61
C ALA F 159 -6.64 -7.04 -0.14
N ILE F 160 -5.91 -7.01 -1.26
CA ILE F 160 -5.66 -8.23 -2.02
C ILE F 160 -4.81 -9.21 -1.20
N LYS F 161 -3.80 -8.69 -0.50
CA LYS F 161 -2.99 -9.59 0.32
C LYS F 161 -3.82 -10.21 1.44
N ALA F 162 -4.80 -9.47 1.98
CA ALA F 162 -5.73 -10.08 2.93
C ALA F 162 -6.47 -11.25 2.29
N LEU F 163 -6.98 -11.05 1.08
CA LEU F 163 -7.77 -12.11 0.43
C LEU F 163 -6.92 -13.35 0.15
N SER F 164 -5.66 -13.15 -0.28
CA SER F 164 -4.78 -14.28 -0.52
C SER F 164 -4.49 -15.06 0.76
N TYR F 165 -4.28 -14.33 1.87
CA TYR F 165 -3.95 -14.99 3.13
C TYR F 165 -5.05 -15.93 3.57
N LEU F 166 -6.28 -15.62 3.19
CA LEU F 166 -7.41 -16.50 3.47
C LEU F 166 -7.13 -17.92 2.99
N PHE F 167 -6.56 -18.08 1.80
CA PHE F 167 -6.40 -19.41 1.16
C PHE F 167 -4.98 -19.97 1.32
N GLU F 168 -4.00 -19.18 1.75
CA GLU F 168 -2.57 -19.61 1.82
C GLU F 168 -2.37 -20.80 2.75
N THR F 169 -1.25 -21.49 2.63
CA THR F 169 -0.92 -22.73 3.38
C THR F 169 0.34 -22.55 4.23
N GLU F 170 1.06 -21.44 4.06
CA GLU F 170 2.32 -21.14 4.77
C GLU F 170 2.64 -19.67 4.61
N MET G 23 42.43 1.54 5.39
CA MET G 23 41.22 2.10 4.80
C MET G 23 40.19 1.03 4.45
N GLU G 24 38.92 1.42 4.43
CA GLU G 24 37.82 0.52 4.13
C GLU G 24 37.58 0.50 2.62
N PHE G 25 37.23 -0.67 2.08
CA PHE G 25 36.85 -0.83 0.67
C PHE G 25 35.55 -1.60 0.57
N ILE G 26 34.67 -1.13 -0.30
CA ILE G 26 33.38 -1.75 -0.55
C ILE G 26 33.42 -2.37 -1.94
N VAL G 27 33.21 -3.68 -2.01
CA VAL G 27 33.29 -4.44 -3.24
C VAL G 27 31.92 -5.00 -3.56
N TYR G 28 31.46 -4.75 -4.78
CA TYR G 28 30.22 -5.34 -5.28
C TYR G 28 30.53 -6.68 -5.92
N LEU G 29 29.77 -7.72 -5.51
CA LEU G 29 29.94 -9.09 -6.02
C LEU G 29 28.82 -9.39 -7.02
N ALA G 30 29.13 -9.31 -8.33
CA ALA G 30 28.14 -9.51 -9.39
C ALA G 30 28.20 -10.92 -9.95
N GLY G 31 27.05 -11.47 -10.29
CA GLY G 31 27.04 -12.79 -10.88
C GLY G 31 25.83 -13.59 -10.47
N GLU G 32 25.76 -14.83 -10.91
CA GLU G 32 24.55 -15.61 -10.71
C GLU G 32 24.30 -15.86 -9.23
N ILE G 33 23.02 -15.83 -8.86
CA ILE G 33 22.62 -15.99 -7.46
C ILE G 33 22.24 -17.41 -7.14
N HIS G 34 22.42 -18.33 -8.10
CA HIS G 34 22.02 -19.76 -7.92
C HIS G 34 23.00 -20.46 -6.99
N SER G 35 24.30 -20.27 -7.19
CA SER G 35 25.36 -20.94 -6.40
C SER G 35 25.77 -20.05 -5.24
N ASN G 36 26.70 -20.51 -4.40
CA ASN G 36 27.12 -19.78 -3.17
C ASN G 36 28.60 -19.40 -3.34
N TRP G 37 29.00 -19.06 -4.55
CA TRP G 37 30.38 -18.61 -4.85
C TRP G 37 30.72 -17.43 -3.95
N ARG G 38 29.75 -16.57 -3.66
CA ARG G 38 30.03 -15.37 -2.89
C ARG G 38 30.56 -15.69 -1.48
N GLU G 39 29.98 -16.71 -0.84
CA GLU G 39 30.37 -17.05 0.52
C GLU G 39 31.82 -17.50 0.58
N GLU G 40 32.30 -18.17 -0.46
CA GLU G 40 33.70 -18.55 -0.52
C GLU G 40 34.58 -17.31 -0.50
N ILE G 41 34.21 -16.29 -1.27
CA ILE G 41 34.96 -15.04 -1.30
C ILE G 41 34.91 -14.36 0.06
N LYS G 42 33.71 -14.25 0.61
CA LYS G 42 33.51 -13.53 1.88
C LYS G 42 34.31 -14.23 2.95
N GLU G 43 34.27 -15.55 2.97
CA GLU G 43 34.96 -16.34 4.03
C GLU G 43 36.46 -16.14 3.86
N LYS G 44 37.07 -16.54 2.74
CA LYS G 44 38.53 -16.49 2.55
C LYS G 44 39.09 -15.07 2.73
N THR G 45 38.29 -14.03 2.49
CA THR G 45 38.72 -12.62 2.66
C THR G 45 38.64 -12.32 4.16
N LYS G 46 37.74 -12.95 4.91
CA LYS G 46 37.62 -12.84 6.39
C LYS G 46 38.75 -13.62 7.06
N SER G 47 39.08 -14.80 6.55
CA SER G 47 40.26 -15.51 7.03
C SER G 47 41.49 -14.61 6.97
N LEU G 48 41.65 -13.91 5.86
CA LEU G 48 42.79 -13.01 5.66
C LEU G 48 42.64 -11.66 6.37
N LYS G 49 41.49 -11.37 6.97
CA LYS G 49 41.31 -10.11 7.72
C LYS G 49 41.53 -8.87 6.86
N LEU G 50 40.95 -8.87 5.56
CA LEU G 50 41.24 -7.68 4.75
C LEU G 50 40.21 -6.57 5.00
N PRO G 51 40.56 -5.30 4.81
CA PRO G 51 39.60 -4.22 5.10
C PRO G 51 38.55 -4.04 4.00
N ILE G 52 37.79 -5.09 3.73
CA ILE G 52 36.88 -5.17 2.60
C ILE G 52 35.50 -5.62 3.08
N THR G 53 34.48 -4.84 2.76
CA THR G 53 33.09 -5.19 2.96
C THR G 53 32.45 -5.46 1.61
N PHE G 54 31.77 -6.60 1.49
CA PHE G 54 31.14 -7.00 0.25
C PHE G 54 29.66 -6.65 0.26
N VAL G 55 29.15 -6.25 -0.91
CA VAL G 55 27.72 -6.02 -1.12
C VAL G 55 27.34 -6.72 -2.43
N GLY G 56 26.03 -6.85 -2.66
CA GLY G 56 25.58 -7.57 -3.82
C GLY G 56 24.08 -7.66 -3.89
N PRO G 57 23.60 -8.41 -4.88
CA PRO G 57 22.15 -8.54 -5.06
C PRO G 57 21.56 -9.50 -4.03
N MET G 58 20.22 -9.51 -3.98
CA MET G 58 19.53 -10.43 -3.08
C MET G 58 19.77 -11.85 -3.55
N GLU G 59 20.29 -12.71 -2.67
CA GLU G 59 20.85 -13.99 -3.08
C GLU G 59 19.82 -15.12 -3.05
N ASN G 60 18.62 -14.85 -2.58
CA ASN G 60 17.55 -15.85 -2.54
C ASN G 60 16.77 -15.75 -3.84
N HIS G 61 16.85 -16.79 -4.67
CA HIS G 61 16.32 -16.68 -6.03
C HIS G 61 14.80 -16.49 -6.04
N ASP G 62 14.09 -17.28 -5.23
CA ASP G 62 12.63 -17.12 -5.14
C ASP G 62 12.26 -15.74 -4.62
N ARG G 63 12.97 -15.25 -3.61
CA ARG G 63 12.72 -13.90 -3.13
C ARG G 63 12.93 -12.87 -4.24
N SER G 64 14.06 -12.97 -4.94
CA SER G 64 14.42 -11.99 -5.96
C SER G 64 13.41 -11.95 -7.12
N ASP G 65 12.92 -13.11 -7.54
CA ASP G 65 11.97 -13.14 -8.65
C ASP G 65 10.62 -12.55 -8.26
N ASN G 66 10.25 -12.64 -6.98
CA ASN G 66 8.90 -12.25 -6.58
C ASN G 66 8.82 -10.92 -5.85
N ILE G 67 9.96 -10.24 -5.61
CA ILE G 67 9.93 -9.01 -4.83
C ILE G 67 9.07 -7.93 -5.51
N GLY G 68 9.02 -7.94 -6.84
CA GLY G 68 8.16 -6.99 -7.52
C GLY G 68 6.70 -7.16 -7.13
N GLU G 69 6.21 -8.39 -7.19
CA GLU G 69 4.83 -8.67 -6.80
C GLU G 69 4.63 -8.49 -5.30
N GLU G 70 5.65 -8.80 -4.49
CA GLU G 70 5.53 -8.61 -3.04
C GLU G 70 5.28 -7.15 -2.68
N ILE G 71 5.94 -6.22 -3.38
CA ILE G 71 5.91 -4.80 -3.03
C ILE G 71 4.81 -4.05 -3.79
N MET G 72 4.65 -4.28 -5.09
CA MET G 72 3.52 -3.75 -5.83
C MET G 72 2.50 -4.86 -6.01
N GLY G 73 1.45 -4.62 -6.78
CA GLY G 73 0.43 -5.64 -6.91
C GLY G 73 0.96 -6.90 -7.59
N VAL G 74 0.18 -7.99 -7.44
CA VAL G 74 0.27 -9.10 -8.38
C VAL G 74 0.14 -8.48 -9.78
N GLN G 75 0.81 -9.07 -10.77
CA GLN G 75 0.84 -8.38 -12.05
C GLN G 75 0.03 -9.13 -13.11
N PRO G 76 -0.50 -8.42 -14.11
CA PRO G 76 -1.28 -9.08 -15.16
C PRO G 76 -0.57 -10.18 -15.95
N ASN G 77 0.77 -10.20 -16.03
CA ASN G 77 1.46 -11.20 -16.84
C ASN G 77 2.92 -11.33 -16.39
N ALA G 78 3.58 -12.38 -16.88
CA ALA G 78 4.93 -12.70 -16.42
C ALA G 78 5.94 -11.62 -16.76
N VAL G 79 5.80 -10.98 -17.92
CA VAL G 79 6.71 -9.89 -18.28
C VAL G 79 6.64 -8.77 -17.26
N LEU G 80 5.41 -8.40 -16.86
CA LEU G 80 5.25 -7.33 -15.88
C LEU G 80 5.69 -7.75 -14.50
N LYS G 81 5.50 -9.02 -14.14
CA LYS G 81 6.07 -9.54 -12.90
C LYS G 81 7.58 -9.36 -12.88
N ASP G 82 8.26 -9.72 -13.97
CA ASP G 82 9.71 -9.58 -14.05
C ASP G 82 10.13 -8.12 -14.09
N ASP G 83 9.39 -7.26 -14.81
CA ASP G 83 9.75 -5.85 -14.84
C ASP G 83 9.63 -5.22 -13.47
N LYS G 84 8.57 -5.58 -12.72
CA LYS G 84 8.38 -5.02 -11.37
C LYS G 84 9.45 -5.52 -10.41
N ALA G 85 9.78 -6.81 -10.49
CA ALA G 85 10.92 -7.32 -9.74
C ALA G 85 12.19 -6.52 -10.07
N SER G 86 12.38 -6.16 -11.34
CA SER G 86 13.61 -5.48 -11.72
C SER G 86 13.63 -4.02 -11.25
N ASP G 87 12.48 -3.34 -11.22
CA ASP G 87 12.40 -2.03 -10.55
C ASP G 87 13.11 -2.05 -9.19
N ILE G 88 12.81 -3.05 -8.37
CA ILE G 88 13.34 -3.12 -7.02
C ILE G 88 14.79 -3.60 -7.02
N ASN G 89 15.05 -4.66 -7.80
CA ASN G 89 16.38 -5.24 -7.86
C ASN G 89 17.37 -4.25 -8.48
N ASN G 90 16.98 -3.52 -9.53
CA ASN G 90 17.90 -2.54 -10.11
C ASN G 90 18.09 -1.35 -9.17
N PHE G 91 17.08 -1.02 -8.37
CA PHE G 91 17.26 -0.02 -7.33
C PHE G 91 18.31 -0.46 -6.31
N ARG G 92 18.20 -1.69 -5.79
CA ARG G 92 19.21 -2.20 -4.86
C ARG G 92 20.60 -2.21 -5.48
N THR G 93 20.70 -2.65 -6.74
CA THR G 93 22.01 -2.68 -7.41
C THR G 93 22.60 -1.28 -7.52
N ALA G 94 21.80 -0.31 -7.95
CA ALA G 94 22.33 1.03 -8.15
C ALA G 94 22.82 1.62 -6.83
N VAL G 95 22.03 1.47 -5.76
CA VAL G 95 22.40 2.05 -4.47
C VAL G 95 23.70 1.43 -3.98
N LEU G 96 23.79 0.10 -4.01
CA LEU G 96 24.99 -0.59 -3.54
C LEU G 96 26.18 -0.38 -4.47
N MET G 97 25.98 -0.49 -5.78
CA MET G 97 27.06 -0.20 -6.71
C MET G 97 27.59 1.23 -6.52
N ASN G 98 26.70 2.18 -6.21
CA ASN G 98 27.12 3.54 -5.93
C ASN G 98 28.03 3.62 -4.70
N LYS G 99 27.95 2.65 -3.78
CA LYS G 99 28.89 2.60 -2.66
C LYS G 99 30.18 1.89 -3.00
N ALA G 100 30.19 1.06 -4.03
CA ALA G 100 31.33 0.17 -4.24
C ALA G 100 32.53 0.93 -4.79
N ASP G 101 33.71 0.63 -4.24
CA ASP G 101 34.94 1.11 -4.83
C ASP G 101 35.33 0.28 -6.06
N PHE G 102 35.18 -1.04 -6.02
CA PHE G 102 35.43 -1.85 -7.22
C PHE G 102 34.51 -3.07 -7.21
N VAL G 103 34.63 -3.89 -8.26
CA VAL G 103 33.61 -4.89 -8.57
C VAL G 103 34.28 -6.21 -8.90
N ILE G 104 33.67 -7.30 -8.49
CA ILE G 104 34.06 -8.63 -8.92
C ILE G 104 32.83 -9.28 -9.54
N ALA G 105 32.97 -9.75 -10.78
CA ALA G 105 31.92 -10.46 -11.50
C ALA G 105 32.40 -11.87 -11.79
N LEU G 106 31.54 -12.86 -11.51
CA LEU G 106 31.87 -14.25 -11.73
C LEU G 106 30.86 -14.82 -12.73
N PHE G 107 31.37 -15.43 -13.81
CA PHE G 107 30.56 -16.18 -14.77
C PHE G 107 30.74 -17.68 -14.54
N GLY G 108 29.66 -18.45 -14.75
CA GLY G 108 29.73 -19.88 -14.72
C GLY G 108 29.16 -20.46 -16.00
N GLU G 109 29.19 -21.79 -16.13
CA GLU G 109 28.74 -22.46 -17.38
C GLU G 109 27.21 -22.50 -17.44
N LYS G 110 26.48 -22.16 -16.36
CA LYS G 110 25.03 -22.27 -16.37
C LYS G 110 24.39 -20.90 -16.47
N TYR G 111 23.23 -20.85 -17.14
CA TYR G 111 22.32 -19.69 -17.16
C TYR G 111 22.78 -18.61 -18.13
N LYS G 112 21.84 -17.74 -18.54
CA LYS G 112 22.16 -16.72 -19.54
C LYS G 112 23.16 -15.70 -18.99
N GLN G 113 22.99 -15.27 -17.74
CA GLN G 113 23.93 -14.38 -17.07
C GLN G 113 24.10 -13.03 -17.78
N TRP G 114 23.04 -12.55 -18.43
CA TRP G 114 23.14 -11.22 -19.04
C TRP G 114 23.21 -10.14 -17.98
N ASN G 115 22.53 -10.35 -16.85
CA ASN G 115 22.66 -9.46 -15.70
C ASN G 115 24.13 -9.35 -15.24
N THR G 116 24.85 -10.48 -15.22
CA THR G 116 26.26 -10.45 -14.85
C THR G 116 27.04 -9.58 -15.81
N ALA G 117 26.86 -9.81 -17.12
CA ALA G 117 27.54 -8.99 -18.12
C ALA G 117 27.15 -7.52 -17.98
N MET G 118 25.89 -7.26 -17.61
CA MET G 118 25.44 -5.90 -17.39
C MET G 118 26.24 -5.21 -16.28
N ASP G 119 26.31 -5.83 -15.11
CA ASP G 119 26.98 -5.22 -13.96
C ASP G 119 28.47 -5.01 -14.23
N ALA G 120 29.11 -5.97 -14.89
CA ALA G 120 30.53 -5.83 -15.19
C ALA G 120 30.76 -4.69 -16.15
N SER G 121 29.96 -4.63 -17.22
CA SER G 121 30.11 -3.56 -18.18
C SER G 121 29.83 -2.21 -17.54
N TYR G 122 28.82 -2.15 -16.66
CA TYR G 122 28.55 -0.93 -15.91
C TYR G 122 29.78 -0.49 -15.12
N ALA G 123 30.43 -1.41 -14.42
CA ALA G 123 31.65 -1.10 -13.67
C ALA G 123 32.67 -0.50 -14.63
N ILE G 124 32.94 -1.13 -15.76
CA ILE G 124 33.91 -0.62 -16.75
C ILE G 124 33.51 0.79 -17.18
N ALA G 125 32.23 1.07 -17.43
CA ALA G 125 31.86 2.34 -18.02
C ALA G 125 31.94 3.48 -17.01
N LYS G 126 31.81 3.18 -15.71
CA LYS G 126 31.90 4.16 -14.65
C LYS G 126 33.32 4.32 -14.12
N GLY G 127 34.28 3.60 -14.67
CA GLY G 127 35.63 3.63 -14.14
C GLY G 127 35.88 2.84 -12.89
N LYS G 128 35.01 1.89 -12.55
CA LYS G 128 35.24 1.06 -11.35
C LYS G 128 36.11 -0.12 -11.71
N PRO G 129 37.29 -0.27 -11.09
CA PRO G 129 38.10 -1.47 -11.32
C PRO G 129 37.25 -2.74 -11.21
N LEU G 130 37.53 -3.68 -12.10
CA LEU G 130 36.73 -4.88 -12.22
C LEU G 130 37.63 -6.09 -12.32
N ILE G 131 37.30 -7.12 -11.55
CA ILE G 131 37.93 -8.42 -11.67
C ILE G 131 36.87 -9.36 -12.20
N ILE G 132 37.19 -10.08 -13.29
CA ILE G 132 36.29 -11.08 -13.85
C ILE G 132 36.84 -12.46 -13.51
N ILE G 133 35.97 -13.32 -12.98
CA ILE G 133 36.27 -14.72 -12.72
C ILE G 133 35.46 -15.54 -13.71
N ARG G 134 36.14 -16.25 -14.59
CA ARG G 134 35.43 -17.07 -15.57
C ARG G 134 36.33 -18.25 -15.89
N PRO G 135 35.75 -19.40 -16.22
CA PRO G 135 36.57 -20.52 -16.70
C PRO G 135 37.12 -20.24 -18.08
N GLU G 136 38.31 -20.79 -18.33
CA GLU G 136 38.89 -20.69 -19.66
C GLU G 136 37.98 -21.26 -20.76
N SER G 137 37.04 -22.15 -20.42
CA SER G 137 36.08 -22.63 -21.41
C SER G 137 35.13 -21.55 -21.92
N LEU G 138 34.96 -20.46 -21.19
CA LEU G 138 34.16 -19.33 -21.65
C LEU G 138 35.00 -18.19 -22.18
N HIS G 139 36.30 -18.41 -22.40
CA HIS G 139 37.10 -17.23 -22.82
C HIS G 139 36.53 -16.64 -24.11
N HIS G 140 36.07 -17.45 -25.05
CA HIS G 140 35.65 -16.89 -26.35
C HIS G 140 34.40 -16.03 -26.23
N PRO G 141 33.29 -16.48 -25.67
CA PRO G 141 32.12 -15.57 -25.55
C PRO G 141 32.37 -14.38 -24.63
N LEU G 142 33.43 -14.41 -23.79
CA LEU G 142 33.70 -13.32 -22.88
C LEU G 142 34.89 -12.48 -23.31
N LYS G 143 35.37 -12.66 -24.55
CA LYS G 143 36.66 -12.06 -24.91
C LYS G 143 36.60 -10.55 -24.89
N GLU G 144 35.48 -9.97 -25.33
CA GLU G 144 35.38 -8.51 -25.33
C GLU G 144 35.32 -7.96 -23.91
N LEU G 145 34.53 -8.61 -23.05
CA LEU G 145 34.41 -8.18 -21.67
C LEU G 145 35.71 -8.42 -20.88
N SER G 146 36.32 -9.61 -21.02
CA SER G 146 37.56 -9.85 -20.29
C SER G 146 38.67 -8.89 -20.74
N ASN G 147 38.70 -8.56 -22.04
CA ASN G 147 39.66 -7.57 -22.55
C ASN G 147 39.53 -6.20 -21.86
N LYS G 148 38.31 -5.80 -21.47
CA LYS G 148 38.12 -4.51 -20.78
C LYS G 148 38.28 -4.60 -19.28
N ALA G 149 38.21 -5.81 -18.71
CA ALA G 149 38.36 -5.96 -17.27
C ALA G 149 39.79 -5.61 -16.87
N ASN G 150 39.96 -5.19 -15.61
CA ASN G 150 41.30 -5.01 -15.07
C ASN G 150 42.05 -6.35 -15.01
N ILE G 151 41.38 -7.38 -14.46
CA ILE G 151 41.96 -8.69 -14.22
C ILE G 151 40.94 -9.75 -14.58
N THR G 152 41.35 -10.73 -15.38
CA THR G 152 40.57 -11.91 -15.70
C THR G 152 41.28 -13.13 -15.16
N VAL G 153 40.70 -13.77 -14.15
CA VAL G 153 41.25 -14.98 -13.57
C VAL G 153 40.25 -16.12 -13.76
N GLU G 154 40.69 -17.36 -13.47
CA GLU G 154 39.85 -18.55 -13.60
C GLU G 154 39.12 -18.92 -12.31
N THR G 155 39.73 -18.68 -11.15
CA THR G 155 39.16 -19.17 -9.91
C THR G 155 39.02 -18.06 -8.88
N VAL G 156 38.22 -18.33 -7.87
CA VAL G 156 38.13 -17.43 -6.72
C VAL G 156 39.50 -17.27 -6.07
N ASN G 157 40.23 -18.37 -5.91
CA ASN G 157 41.52 -18.31 -5.24
C ASN G 157 42.45 -17.30 -5.91
N GLN G 158 42.48 -17.29 -7.24
CA GLN G 158 43.23 -16.25 -7.92
C GLN G 158 42.72 -14.86 -7.56
N ALA G 159 41.39 -14.70 -7.47
CA ALA G 159 40.85 -13.38 -7.18
C ALA G 159 41.31 -12.91 -5.81
N ILE G 160 41.38 -13.82 -4.85
CA ILE G 160 41.80 -13.46 -3.49
C ILE G 160 43.25 -13.04 -3.46
N LYS G 161 44.10 -13.69 -4.26
CA LYS G 161 45.49 -13.25 -4.36
C LYS G 161 45.57 -11.81 -4.86
N ALA G 162 44.70 -11.44 -5.80
CA ALA G 162 44.68 -10.05 -6.25
C ALA G 162 44.26 -9.13 -5.11
N LEU G 163 43.24 -9.53 -4.36
CA LEU G 163 42.79 -8.71 -3.24
C LEU G 163 43.89 -8.53 -2.19
N SER G 164 44.63 -9.61 -1.92
CA SER G 164 45.74 -9.52 -0.96
C SER G 164 46.81 -8.53 -1.44
N TYR G 165 47.26 -8.67 -2.68
CA TYR G 165 48.31 -7.81 -3.24
C TYR G 165 48.01 -6.34 -3.03
N LEU G 166 46.72 -5.99 -2.94
CA LEU G 166 46.30 -4.60 -2.76
C LEU G 166 46.83 -4.04 -1.46
N PHE G 167 47.04 -4.90 -0.46
CA PHE G 167 47.47 -4.42 0.87
C PHE G 167 48.88 -4.93 1.19
N GLU G 168 49.48 -5.71 0.29
CA GLU G 168 50.79 -6.33 0.59
C GLU G 168 51.94 -5.32 0.52
N THR G 169 52.99 -5.53 1.32
CA THR G 169 54.11 -4.58 1.45
C THR G 169 55.41 -5.25 1.02
N GLU G 170 55.38 -6.57 0.86
CA GLU G 170 56.57 -7.32 0.36
C GLU G 170 56.10 -8.39 -0.62
N MET H 23 19.82 18.33 -39.00
CA MET H 23 20.16 17.67 -37.71
C MET H 23 20.27 16.17 -37.91
N GLU H 24 21.44 15.60 -37.67
CA GLU H 24 21.66 14.16 -37.96
C GLU H 24 21.95 13.38 -36.68
N PHE H 25 21.74 12.07 -36.73
CA PHE H 25 21.95 11.21 -35.55
C PHE H 25 22.79 9.98 -35.90
N ILE H 26 23.74 9.67 -35.04
CA ILE H 26 24.53 8.42 -35.24
C ILE H 26 24.00 7.39 -34.26
N VAL H 27 23.76 6.18 -34.73
CA VAL H 27 23.15 5.12 -33.94
C VAL H 27 24.01 3.85 -34.02
N TYR H 28 24.43 3.35 -32.87
CA TYR H 28 25.20 2.11 -32.79
C TYR H 28 24.25 0.93 -32.74
N LEU H 29 24.50 -0.06 -33.61
CA LEU H 29 23.74 -1.29 -33.68
C LEU H 29 24.54 -2.39 -32.99
N ALA H 30 24.23 -2.66 -31.73
CA ALA H 30 24.87 -3.71 -30.92
C ALA H 30 24.12 -5.03 -31.11
N GLY H 31 24.82 -6.16 -31.13
CA GLY H 31 24.19 -7.48 -31.30
C GLY H 31 25.06 -8.53 -31.95
N GLU H 32 24.52 -9.73 -32.13
CA GLU H 32 25.22 -10.88 -32.76
C GLU H 32 25.67 -10.51 -34.18
N ILE H 33 26.86 -10.90 -34.60
CA ILE H 33 27.36 -10.63 -35.99
C ILE H 33 27.28 -11.91 -36.82
N HIS H 34 26.31 -12.78 -36.53
CA HIS H 34 26.10 -14.05 -37.27
C HIS H 34 24.92 -13.91 -38.24
N SER H 35 23.97 -13.00 -37.99
CA SER H 35 22.74 -12.84 -38.82
C SER H 35 22.74 -11.50 -39.55
N ASN H 36 21.70 -11.19 -40.34
CA ASN H 36 21.62 -9.98 -41.13
C ASN H 36 20.56 -9.04 -40.57
N TRP H 37 20.36 -9.08 -39.25
CA TRP H 37 19.29 -8.30 -38.63
C TRP H 37 19.49 -6.81 -38.87
N ARG H 38 20.74 -6.35 -38.90
CA ARG H 38 21.02 -4.92 -39.01
C ARG H 38 20.60 -4.38 -40.36
N GLU H 39 20.70 -5.21 -41.40
CA GLU H 39 20.44 -4.73 -42.76
C GLU H 39 18.97 -4.38 -42.93
N GLU H 40 18.08 -5.16 -42.30
CA GLU H 40 16.66 -4.79 -42.22
C GLU H 40 16.48 -3.41 -41.60
N ILE H 41 17.13 -3.16 -40.46
CA ILE H 41 17.03 -1.84 -39.83
C ILE H 41 17.49 -0.76 -40.80
N LYS H 42 18.68 -0.95 -41.38
CA LYS H 42 19.24 0.10 -42.23
C LYS H 42 18.36 0.36 -43.45
N GLU H 43 17.86 -0.71 -44.09
CA GLU H 43 17.04 -0.54 -45.29
C GLU H 43 15.75 0.23 -44.97
N LYS H 44 15.02 -0.23 -43.95
CA LYS H 44 13.75 0.42 -43.61
C LYS H 44 13.95 1.88 -43.21
N THR H 45 15.02 2.17 -42.45
CA THR H 45 15.30 3.55 -42.08
C THR H 45 15.58 4.41 -43.30
N LYS H 46 16.38 3.89 -44.25
CA LYS H 46 16.60 4.59 -45.51
C LYS H 46 15.29 4.80 -46.26
N SER H 47 14.46 3.76 -46.39
CA SER H 47 13.16 3.93 -47.04
C SER H 47 12.42 5.11 -46.43
N LEU H 48 12.42 5.23 -45.11
CA LEU H 48 11.74 6.35 -44.49
C LEU H 48 12.51 7.66 -44.60
N LYS H 49 13.73 7.65 -45.15
CA LYS H 49 14.58 8.86 -45.26
C LYS H 49 14.87 9.49 -43.90
N LEU H 50 15.00 8.68 -42.83
CA LEU H 50 15.33 9.33 -41.57
C LEU H 50 16.81 9.74 -41.52
N PRO H 51 17.12 10.89 -40.88
CA PRO H 51 18.51 11.38 -40.83
C PRO H 51 19.34 10.63 -39.81
N ILE H 52 19.56 9.35 -40.08
CA ILE H 52 20.21 8.44 -39.15
C ILE H 52 21.32 7.74 -39.89
N THR H 53 22.50 7.72 -39.28
CA THR H 53 23.64 6.99 -39.83
C THR H 53 23.99 5.90 -38.84
N PHE H 54 23.98 4.67 -39.29
CA PHE H 54 24.21 3.55 -38.38
C PHE H 54 25.69 3.19 -38.38
N VAL H 55 26.17 2.79 -37.21
CA VAL H 55 27.52 2.28 -37.05
C VAL H 55 27.41 1.00 -36.25
N GLY H 56 28.47 0.20 -36.30
CA GLY H 56 28.51 -1.00 -35.51
C GLY H 56 29.83 -1.74 -35.62
N PRO H 57 29.87 -2.94 -35.03
CA PRO H 57 31.07 -3.77 -35.10
C PRO H 57 31.21 -4.36 -36.48
N MET H 58 32.41 -4.84 -36.78
CA MET H 58 32.63 -5.65 -37.98
C MET H 58 31.59 -6.76 -38.03
N GLU H 59 30.82 -6.78 -39.12
CA GLU H 59 29.74 -7.75 -39.22
C GLU H 59 30.19 -9.11 -39.77
N ASN H 60 31.40 -9.20 -40.32
CA ASN H 60 31.91 -10.46 -40.86
C ASN H 60 32.50 -11.27 -39.71
N HIS H 61 31.84 -12.35 -39.32
CA HIS H 61 32.31 -13.10 -38.14
C HIS H 61 33.75 -13.56 -38.30
N ASP H 62 34.11 -14.08 -39.47
CA ASP H 62 35.44 -14.64 -39.63
C ASP H 62 36.51 -13.56 -39.55
N ARG H 63 36.28 -12.45 -40.24
CA ARG H 63 37.18 -11.29 -40.13
C ARG H 63 37.34 -10.84 -38.67
N SER H 64 36.20 -10.60 -38.00
CA SER H 64 36.21 -10.17 -36.61
C SER H 64 37.02 -11.10 -35.71
N ASP H 65 36.83 -12.41 -35.85
CA ASP H 65 37.53 -13.36 -34.99
C ASP H 65 39.04 -13.37 -35.24
N ASN H 66 39.42 -13.06 -36.47
CA ASN H 66 40.83 -13.21 -36.88
C ASN H 66 41.56 -11.87 -36.94
N ILE H 67 40.89 -10.72 -36.83
CA ILE H 67 41.53 -9.37 -37.01
C ILE H 67 42.76 -9.27 -36.11
N GLY H 68 42.70 -9.79 -34.90
CA GLY H 68 43.81 -9.75 -33.96
C GLY H 68 45.04 -10.34 -34.60
N GLU H 69 44.97 -11.58 -35.08
CA GLU H 69 46.09 -12.26 -35.74
C GLU H 69 46.42 -11.61 -37.08
N GLU H 70 45.42 -11.13 -37.82
CA GLU H 70 45.71 -10.43 -39.07
C GLU H 70 46.68 -9.26 -38.84
N ILE H 71 46.52 -8.54 -37.73
CA ILE H 71 47.32 -7.34 -37.53
C ILE H 71 48.60 -7.64 -36.77
N MET H 72 48.55 -8.57 -35.82
CA MET H 72 49.64 -8.73 -34.87
C MET H 72 50.36 -10.06 -35.02
N GLY H 73 49.92 -10.90 -35.94
CA GLY H 73 50.50 -12.20 -36.14
C GLY H 73 49.74 -13.29 -35.38
N VAL H 74 49.90 -14.52 -35.87
CA VAL H 74 49.41 -15.69 -35.19
C VAL H 74 49.85 -15.66 -33.74
N GLN H 75 48.95 -16.03 -32.85
CA GLN H 75 49.18 -16.05 -31.42
C GLN H 75 49.45 -17.46 -30.92
N PRO H 76 50.05 -17.62 -29.74
CA PRO H 76 50.42 -18.97 -29.28
C PRO H 76 49.23 -19.85 -28.94
N ASN H 77 48.09 -19.29 -28.52
CA ASN H 77 46.93 -20.11 -28.16
C ASN H 77 45.64 -19.35 -28.48
N ALA H 78 44.52 -20.02 -28.30
CA ALA H 78 43.24 -19.42 -28.70
C ALA H 78 42.84 -18.28 -27.78
N VAL H 79 43.22 -18.35 -26.49
CA VAL H 79 42.93 -17.25 -25.57
C VAL H 79 43.59 -15.97 -26.08
N LEU H 80 44.88 -16.05 -26.40
CA LEU H 80 45.58 -14.88 -26.92
C LEU H 80 45.01 -14.48 -28.28
N LYS H 81 44.67 -15.44 -29.14
CA LYS H 81 44.10 -15.11 -30.47
C LYS H 81 42.83 -14.29 -30.25
N ASP H 82 42.05 -14.64 -29.27
CA ASP H 82 40.78 -13.95 -28.97
C ASP H 82 41.06 -12.60 -28.32
N ASP H 83 42.04 -12.50 -27.43
CA ASP H 83 42.35 -11.26 -26.70
C ASP H 83 42.99 -10.25 -27.64
N LYS H 84 43.68 -10.70 -28.67
CA LYS H 84 44.22 -9.78 -29.65
C LYS H 84 43.12 -9.25 -30.56
N ALA H 85 42.23 -10.14 -31.02
CA ALA H 85 41.02 -9.72 -31.71
C ALA H 85 40.24 -8.68 -30.90
N SER H 86 40.17 -8.88 -29.59
CA SER H 86 39.35 -8.01 -28.73
C SER H 86 39.97 -6.63 -28.58
N ASP H 87 41.30 -6.56 -28.45
CA ASP H 87 41.98 -5.27 -28.50
C ASP H 87 41.47 -4.44 -29.66
N ILE H 88 41.40 -5.04 -30.85
CA ILE H 88 41.05 -4.30 -32.05
C ILE H 88 39.54 -4.06 -32.12
N ASN H 89 38.75 -5.06 -31.78
CA ASN H 89 37.31 -4.91 -31.89
C ASN H 89 36.77 -3.94 -30.84
N ASN H 90 37.31 -3.98 -29.62
CA ASN H 90 36.93 -2.99 -28.63
C ASN H 90 37.40 -1.62 -29.01
N PHE H 91 38.57 -1.49 -29.66
CA PHE H 91 38.96 -0.18 -30.16
C PHE H 91 37.90 0.37 -31.12
N ARG H 92 37.52 -0.43 -32.13
CA ARG H 92 36.48 0.00 -33.04
C ARG H 92 35.21 0.39 -32.27
N THR H 93 34.84 -0.39 -31.26
CA THR H 93 33.57 -0.16 -30.57
C THR H 93 33.63 1.11 -29.72
N ALA H 94 34.77 1.37 -29.09
CA ALA H 94 34.89 2.60 -28.32
C ALA H 94 34.84 3.81 -29.23
N VAL H 95 35.50 3.75 -30.39
CA VAL H 95 35.57 4.93 -31.26
C VAL H 95 34.20 5.23 -31.86
N LEU H 96 33.50 4.20 -32.31
CA LEU H 96 32.19 4.44 -32.91
C LEU H 96 31.14 4.81 -31.86
N MET H 97 31.18 4.18 -30.68
CA MET H 97 30.24 4.48 -29.59
C MET H 97 30.44 5.91 -29.09
N ASN H 98 31.67 6.41 -29.09
CA ASN H 98 31.93 7.80 -28.79
C ASN H 98 31.28 8.74 -29.79
N LYS H 99 31.03 8.30 -31.03
CA LYS H 99 30.28 9.11 -32.01
C LYS H 99 28.76 8.94 -31.90
N ALA H 100 28.28 7.89 -31.24
CA ALA H 100 26.87 7.56 -31.32
C ALA H 100 26.03 8.39 -30.37
N ASP H 101 24.88 8.84 -30.87
CA ASP H 101 23.90 9.54 -30.03
C ASP H 101 23.06 8.54 -29.22
N PHE H 102 22.68 7.43 -29.82
CA PHE H 102 21.95 6.40 -29.10
C PHE H 102 22.22 5.03 -29.71
N VAL H 103 21.71 4.00 -29.04
CA VAL H 103 22.10 2.62 -29.30
C VAL H 103 20.84 1.78 -29.45
N ILE H 104 20.89 0.83 -30.39
CA ILE H 104 19.91 -0.24 -30.48
C ILE H 104 20.64 -1.55 -30.32
N ALA H 105 20.19 -2.37 -29.36
CA ALA H 105 20.75 -3.70 -29.13
C ALA H 105 19.68 -4.74 -29.42
N LEU H 106 20.05 -5.79 -30.15
CA LEU H 106 19.14 -6.87 -30.49
C LEU H 106 19.69 -8.16 -29.90
N PHE H 107 18.81 -8.92 -29.24
CA PHE H 107 19.08 -10.25 -28.71
C PHE H 107 18.26 -11.27 -29.49
N GLY H 108 18.87 -12.43 -29.72
CA GLY H 108 18.13 -13.55 -30.26
C GLY H 108 18.35 -14.81 -29.45
N GLU H 109 17.85 -15.95 -29.89
CA GLU H 109 17.87 -17.20 -29.08
C GLU H 109 19.24 -17.88 -29.14
N LYS H 110 20.04 -17.61 -30.17
CA LYS H 110 21.35 -18.28 -30.36
C LYS H 110 22.52 -17.45 -29.84
N TYR H 111 23.57 -18.12 -29.36
CA TYR H 111 24.85 -17.50 -28.93
C TYR H 111 24.77 -16.90 -27.51
N LYS H 112 25.93 -16.74 -26.86
CA LYS H 112 25.99 -16.24 -25.49
C LYS H 112 25.60 -14.77 -25.41
N GLN H 113 26.06 -13.95 -26.37
CA GLN H 113 25.62 -12.56 -26.52
C GLN H 113 25.97 -11.72 -25.28
N TRP H 114 27.04 -12.09 -24.58
CA TRP H 114 27.54 -11.23 -23.50
C TRP H 114 28.10 -9.93 -24.04
N ASN H 115 28.60 -9.94 -25.29
CA ASN H 115 29.05 -8.71 -25.92
C ASN H 115 27.88 -7.78 -26.17
N THR H 116 26.73 -8.35 -26.53
CA THR H 116 25.52 -7.53 -26.68
C THR H 116 25.12 -6.90 -25.35
N ALA H 117 25.04 -7.72 -24.28
CA ALA H 117 24.73 -7.15 -22.96
C ALA H 117 25.75 -6.09 -22.57
N MET H 118 27.04 -6.33 -22.87
CA MET H 118 28.07 -5.36 -22.52
C MET H 118 27.80 -4.01 -23.18
N ASP H 119 27.55 -4.00 -24.51
CA ASP H 119 27.34 -2.70 -25.18
C ASP H 119 26.06 -2.02 -24.71
N ALA H 120 25.02 -2.78 -24.43
CA ALA H 120 23.76 -2.21 -23.95
C ALA H 120 23.96 -1.57 -22.57
N SER H 121 24.54 -2.33 -21.65
CA SER H 121 24.87 -1.77 -20.35
C SER H 121 25.73 -0.50 -20.49
N TYR H 122 26.73 -0.55 -21.37
CA TYR H 122 27.58 0.62 -21.60
C TYR H 122 26.75 1.83 -21.99
N ALA H 123 25.83 1.64 -22.93
CA ALA H 123 24.94 2.72 -23.35
C ALA H 123 24.22 3.33 -22.16
N ILE H 124 23.63 2.49 -21.31
CA ILE H 124 22.91 2.97 -20.13
C ILE H 124 23.86 3.72 -19.21
N ALA H 125 25.03 3.12 -18.93
CA ALA H 125 25.93 3.73 -17.96
C ALA H 125 26.39 5.10 -18.39
N LYS H 126 26.47 5.34 -19.69
CA LYS H 126 26.99 6.58 -20.26
C LYS H 126 25.88 7.55 -20.65
N GLY H 127 24.64 7.29 -20.25
CA GLY H 127 23.57 8.19 -20.58
C GLY H 127 23.13 8.18 -22.03
N LYS H 128 23.45 7.14 -22.79
CA LYS H 128 23.00 7.10 -24.18
C LYS H 128 21.67 6.37 -24.20
N PRO H 129 20.62 6.97 -24.74
CA PRO H 129 19.32 6.28 -24.85
C PRO H 129 19.45 4.93 -25.56
N LEU H 130 18.59 3.98 -25.19
CA LEU H 130 18.74 2.60 -25.65
C LEU H 130 17.40 1.96 -25.99
N ILE H 131 17.33 1.34 -27.16
CA ILE H 131 16.24 0.44 -27.53
C ILE H 131 16.79 -0.97 -27.52
N ILE H 132 16.08 -1.88 -26.88
CA ILE H 132 16.42 -3.30 -26.92
C ILE H 132 15.33 -3.99 -27.75
N ILE H 133 15.76 -4.86 -28.67
CA ILE H 133 14.86 -5.75 -29.38
C ILE H 133 15.15 -7.15 -28.88
N ARG H 134 14.11 -7.85 -28.44
CA ARG H 134 14.32 -9.17 -27.85
C ARG H 134 13.01 -9.92 -27.93
N PRO H 135 13.04 -11.21 -28.22
CA PRO H 135 11.78 -11.98 -28.23
C PRO H 135 11.24 -12.09 -26.81
N GLU H 136 9.90 -12.11 -26.73
CA GLU H 136 9.26 -12.20 -25.42
C GLU H 136 9.69 -13.46 -24.67
N SER H 137 10.01 -14.54 -25.40
CA SER H 137 10.48 -15.76 -24.74
C SER H 137 11.79 -15.55 -23.98
N LEU H 138 12.51 -14.46 -24.24
CA LEU H 138 13.75 -14.18 -23.54
C LEU H 138 13.60 -13.10 -22.47
N HIS H 139 12.36 -12.74 -22.11
CA HIS H 139 12.16 -11.61 -21.19
C HIS H 139 12.83 -11.85 -19.84
N HIS H 140 12.73 -13.08 -19.29
CA HIS H 140 13.20 -13.29 -17.92
C HIS H 140 14.71 -13.10 -17.79
N PRO H 141 15.57 -13.72 -18.61
CA PRO H 141 17.01 -13.44 -18.48
C PRO H 141 17.38 -12.01 -18.85
N LEU H 142 16.51 -11.28 -19.55
CA LEU H 142 16.82 -9.90 -19.92
C LEU H 142 16.15 -8.87 -19.00
N LYS H 143 15.55 -9.29 -17.87
CA LYS H 143 14.61 -8.39 -17.19
C LYS H 143 15.33 -7.19 -16.59
N GLU H 144 16.51 -7.39 -16.01
CA GLU H 144 17.20 -6.25 -15.43
C GLU H 144 17.67 -5.30 -16.51
N LEU H 145 18.08 -5.85 -17.65
CA LEU H 145 18.59 -5.02 -18.74
C LEU H 145 17.44 -4.28 -19.45
N SER H 146 16.36 -4.99 -19.79
CA SER H 146 15.25 -4.30 -20.43
C SER H 146 14.67 -3.24 -19.48
N ASN H 147 14.62 -3.54 -18.18
CA ASN H 147 14.12 -2.55 -17.20
C ASN H 147 14.93 -1.25 -17.26
N LYS H 148 16.22 -1.31 -17.58
CA LYS H 148 17.01 -0.09 -17.67
C LYS H 148 16.97 0.57 -19.04
N ALA H 149 16.60 -0.14 -20.10
CA ALA H 149 16.53 0.47 -21.43
C ALA H 149 15.36 1.46 -21.50
N ASN H 150 15.47 2.44 -22.42
CA ASN H 150 14.34 3.33 -22.65
C ASN H 150 13.15 2.57 -23.23
N ILE H 151 13.39 1.69 -24.19
CA ILE H 151 12.32 1.00 -24.92
C ILE H 151 12.72 -0.46 -25.09
N THR H 152 11.80 -1.36 -24.83
CA THR H 152 12.00 -2.78 -25.08
C THR H 152 10.88 -3.27 -26.00
N VAL H 153 11.24 -3.79 -27.18
CA VAL H 153 10.22 -4.28 -28.10
C VAL H 153 10.61 -5.68 -28.57
N GLU H 154 9.70 -6.29 -29.31
CA GLU H 154 9.93 -7.63 -29.81
C GLU H 154 10.49 -7.67 -31.23
N THR H 155 10.26 -6.62 -32.05
CA THR H 155 10.56 -6.68 -33.47
C THR H 155 11.27 -5.43 -33.96
N VAL H 156 12.00 -5.61 -35.07
CA VAL H 156 12.59 -4.48 -35.77
C VAL H 156 11.52 -3.50 -36.22
N ASN H 157 10.35 -4.01 -36.62
CA ASN H 157 9.29 -3.11 -37.06
C ASN H 157 8.87 -2.16 -35.95
N GLN H 158 8.75 -2.66 -34.71
CA GLN H 158 8.40 -1.78 -33.60
C GLN H 158 9.50 -0.76 -33.33
N ALA H 159 10.76 -1.17 -33.44
CA ALA H 159 11.85 -0.23 -33.26
C ALA H 159 11.82 0.88 -34.31
N ILE H 160 11.48 0.52 -35.56
CA ILE H 160 11.38 1.50 -36.63
C ILE H 160 10.30 2.54 -36.31
N LYS H 161 9.17 2.10 -35.73
CA LYS H 161 8.14 3.04 -35.33
C LYS H 161 8.66 4.02 -34.27
N ALA H 162 9.46 3.53 -33.31
CA ALA H 162 10.05 4.44 -32.35
C ALA H 162 10.99 5.44 -33.02
N LEU H 163 11.83 4.96 -33.95
CA LEU H 163 12.74 5.84 -34.68
C LEU H 163 11.98 6.93 -35.44
N SER H 164 10.90 6.54 -36.13
CA SER H 164 10.09 7.52 -36.87
C SER H 164 9.45 8.54 -35.94
N TYR H 165 9.02 8.09 -34.76
CA TYR H 165 8.31 8.98 -33.83
C TYR H 165 9.21 10.12 -33.38
N LEU H 166 10.52 9.87 -33.37
CA LEU H 166 11.49 10.89 -33.02
C LEU H 166 11.34 12.12 -33.88
N PHE H 167 10.97 11.93 -35.16
CA PHE H 167 10.91 13.01 -36.12
C PHE H 167 9.49 13.44 -36.49
N GLU H 168 8.47 12.64 -36.17
CA GLU H 168 7.11 12.99 -36.56
C GLU H 168 6.67 14.30 -35.91
N THR H 169 5.75 14.97 -36.62
CA THR H 169 5.18 16.27 -36.20
C THR H 169 3.72 16.08 -35.79
N GLU H 170 3.18 14.87 -35.87
CA GLU H 170 1.77 14.54 -35.51
C GLU H 170 1.56 13.03 -35.50
N GLU I 24 38.32 24.37 -37.08
CA GLU I 24 37.71 25.63 -36.59
C GLU I 24 37.75 25.71 -35.06
N PHE I 25 37.90 26.92 -34.54
CA PHE I 25 37.95 27.11 -33.09
C PHE I 25 37.05 28.29 -32.69
N ILE I 26 36.32 28.14 -31.58
CA ILE I 26 35.54 29.29 -31.04
C ILE I 26 36.26 29.77 -29.77
N VAL I 27 36.60 31.06 -29.70
CA VAL I 27 37.33 31.62 -28.58
C VAL I 27 36.48 32.70 -27.92
N TYR I 28 36.33 32.61 -26.59
CA TYR I 28 35.63 33.60 -25.80
C TYR I 28 36.61 34.69 -25.37
N LEU I 29 36.20 35.95 -25.55
CA LEU I 29 37.03 37.10 -25.19
C LEU I 29 36.45 37.71 -23.93
N ALA I 30 37.10 37.46 -22.79
CA ALA I 30 36.62 37.92 -21.51
C ALA I 30 37.40 39.16 -21.08
N GLY I 31 36.71 40.04 -20.36
CA GLY I 31 37.33 41.28 -19.94
C GLY I 31 36.40 42.47 -20.06
N GLU I 32 36.89 43.62 -19.57
CA GLU I 32 36.13 44.87 -19.54
C GLU I 32 35.55 45.20 -20.90
N ILE I 33 34.30 45.67 -20.90
CA ILE I 33 33.64 46.08 -22.12
C ILE I 33 33.72 47.57 -22.33
N HIS I 34 34.42 48.30 -21.45
CA HIS I 34 34.52 49.76 -21.56
C HIS I 34 35.46 50.16 -22.68
N SER I 35 36.59 49.47 -22.81
CA SER I 35 37.58 49.73 -23.84
C SER I 35 37.34 48.84 -25.05
N ASN I 36 38.08 49.11 -26.12
CA ASN I 36 37.90 48.44 -27.41
C ASN I 36 39.03 47.47 -27.71
N TRP I 37 39.51 46.76 -26.68
CA TRP I 37 40.65 45.87 -26.85
C TRP I 37 40.32 44.66 -27.72
N ARG I 38 39.05 44.26 -27.77
CA ARG I 38 38.69 43.09 -28.56
C ARG I 38 38.91 43.34 -30.05
N GLU I 39 38.68 44.56 -30.52
CA GLU I 39 38.76 44.86 -31.95
C GLU I 39 40.17 44.67 -32.49
N GLU I 40 41.19 44.96 -31.69
CA GLU I 40 42.56 44.72 -32.12
C GLU I 40 42.82 43.23 -32.30
N ILE I 41 42.34 42.41 -31.36
CA ILE I 41 42.51 40.95 -31.46
C ILE I 41 41.82 40.42 -32.71
N LYS I 42 40.59 40.87 -32.96
CA LYS I 42 39.83 40.35 -34.09
C LYS I 42 40.47 40.73 -35.42
N GLU I 43 40.84 42.00 -35.58
CA GLU I 43 41.44 42.45 -36.84
C GLU I 43 42.71 41.67 -37.14
N LYS I 44 43.62 41.61 -36.16
CA LYS I 44 44.91 40.97 -36.38
C LYS I 44 44.77 39.49 -36.68
N THR I 45 43.85 38.79 -36.00
CA THR I 45 43.65 37.36 -36.29
C THR I 45 43.10 37.18 -37.69
N LYS I 46 42.17 38.03 -38.12
CA LYS I 46 41.68 37.95 -39.50
C LYS I 46 42.80 38.23 -40.48
N SER I 47 43.69 39.18 -40.15
CA SER I 47 44.83 39.47 -41.02
C SER I 47 45.80 38.30 -41.15
N LEU I 48 45.73 37.33 -40.25
CA LEU I 48 46.51 36.10 -40.36
C LEU I 48 45.67 34.92 -40.86
N LYS I 49 44.38 35.13 -41.12
CA LYS I 49 43.49 34.13 -41.72
C LYS I 49 43.42 32.84 -40.90
N LEU I 50 43.63 32.96 -39.58
CA LEU I 50 43.43 31.82 -38.71
C LEU I 50 41.94 31.47 -38.62
N PRO I 51 41.59 30.19 -38.55
CA PRO I 51 40.16 29.76 -38.48
C PRO I 51 39.60 29.88 -37.07
N ILE I 52 39.45 31.12 -36.62
CA ILE I 52 39.07 31.42 -35.24
C ILE I 52 37.87 32.35 -35.29
N THR I 53 36.77 31.90 -34.70
CA THR I 53 35.60 32.74 -34.51
C THR I 53 35.60 33.23 -33.07
N PHE I 54 35.38 34.52 -32.87
CA PHE I 54 35.41 35.10 -31.54
C PHE I 54 34.00 35.32 -31.04
N VAL I 55 33.79 35.11 -29.75
CA VAL I 55 32.51 35.37 -29.11
C VAL I 55 32.84 36.09 -27.81
N GLY I 56 31.82 36.71 -27.22
CA GLY I 56 32.00 37.39 -25.95
C GLY I 56 30.76 38.12 -25.50
N PRO I 57 30.90 38.98 -24.50
CA PRO I 57 29.74 39.72 -24.00
C PRO I 57 29.39 40.85 -24.95
N MET I 58 28.14 41.30 -24.81
CA MET I 58 27.70 42.60 -25.32
C MET I 58 28.74 43.67 -24.97
N GLU I 59 29.30 44.32 -26.00
CA GLU I 59 30.40 45.27 -25.77
C GLU I 59 29.91 46.70 -25.61
N ASN I 60 28.62 46.95 -25.80
CA ASN I 60 28.06 48.26 -25.54
C ASN I 60 27.72 48.37 -24.05
N HIS I 61 28.51 49.15 -23.32
CA HIS I 61 28.36 49.19 -21.87
C HIS I 61 26.96 49.65 -21.47
N ASP I 62 26.47 50.71 -22.10
CA ASP I 62 25.15 51.21 -21.74
C ASP I 62 24.06 50.15 -22.01
N ARG I 63 24.13 49.48 -23.17
CA ARG I 63 23.22 48.37 -23.45
C ARG I 63 23.31 47.29 -22.36
N SER I 64 24.54 46.84 -22.07
CA SER I 64 24.72 45.72 -21.14
C SER I 64 24.22 46.05 -19.73
N ASP I 65 24.38 47.31 -19.27
CA ASP I 65 23.88 47.68 -17.95
C ASP I 65 22.37 47.77 -17.91
N ASN I 66 21.73 48.08 -19.04
CA ASN I 66 20.32 48.38 -19.03
C ASN I 66 19.44 47.23 -19.55
N ILE I 67 20.06 46.13 -20.02
CA ILE I 67 19.31 45.10 -20.73
C ILE I 67 18.28 44.44 -19.83
N GLY I 68 18.54 44.39 -18.52
CA GLY I 68 17.55 43.82 -17.62
C GLY I 68 16.24 44.59 -17.67
N GLU I 69 16.32 45.92 -17.59
CA GLU I 69 15.10 46.73 -17.58
C GLU I 69 14.49 46.83 -18.96
N GLU I 70 15.29 46.70 -20.01
CA GLU I 70 14.75 46.70 -21.36
C GLU I 70 13.87 45.49 -21.62
N ILE I 71 14.24 44.30 -21.11
CA ILE I 71 13.49 43.02 -21.37
C ILE I 71 12.38 42.93 -20.33
N MET I 72 12.71 42.82 -19.06
CA MET I 72 11.73 42.84 -17.96
C MET I 72 11.51 44.33 -17.70
N GLY I 73 10.75 44.75 -16.70
CA GLY I 73 10.46 46.18 -16.55
C GLY I 73 11.53 46.95 -15.80
N VAL I 74 11.38 48.26 -15.69
CA VAL I 74 12.29 49.07 -14.83
C VAL I 74 12.20 48.44 -13.45
N GLN I 75 13.30 48.37 -12.71
CA GLN I 75 13.34 47.63 -11.43
C GLN I 75 13.22 48.58 -10.24
N PRO I 76 12.78 48.08 -9.06
CA PRO I 76 12.54 48.99 -7.91
C PRO I 76 13.78 49.70 -7.38
N ASN I 77 14.98 49.14 -7.52
CA ASN I 77 16.18 49.78 -6.98
C ASN I 77 17.39 49.35 -7.79
N ALA I 78 18.55 49.91 -7.44
CA ALA I 78 19.74 49.73 -8.25
C ALA I 78 20.21 48.28 -8.25
N VAL I 79 20.17 47.62 -7.09
CA VAL I 79 20.63 46.24 -7.00
C VAL I 79 19.81 45.36 -7.93
N LEU I 80 18.51 45.56 -7.96
CA LEU I 80 17.65 44.73 -8.78
C LEU I 80 17.77 45.05 -10.26
N LYS I 81 18.18 46.27 -10.61
CA LYS I 81 18.42 46.57 -12.02
C LYS I 81 19.66 45.82 -12.54
N ASP I 82 20.72 45.77 -11.74
CA ASP I 82 21.92 45.01 -12.09
C ASP I 82 21.63 43.51 -12.13
N ASP I 83 20.86 43.03 -11.15
CA ASP I 83 20.52 41.62 -11.03
C ASP I 83 19.72 41.12 -12.23
N LYS I 84 18.81 41.95 -12.78
CA LYS I 84 18.06 41.52 -13.96
C LYS I 84 18.92 41.61 -15.21
N ALA I 85 19.74 42.65 -15.32
CA ALA I 85 20.71 42.67 -16.40
C ALA I 85 21.68 41.51 -16.28
N SER I 86 21.99 41.09 -15.06
CA SER I 86 22.89 39.96 -14.85
C SER I 86 22.23 38.66 -15.29
N ASP I 87 20.93 38.49 -15.02
CA ASP I 87 20.17 37.37 -15.59
C ASP I 87 20.42 37.24 -17.08
N ILE I 88 20.35 38.37 -17.82
CA ILE I 88 20.47 38.32 -19.28
C ILE I 88 21.92 38.15 -19.70
N ASN I 89 22.84 38.78 -18.99
CA ASN I 89 24.24 38.73 -19.41
C ASN I 89 24.87 37.38 -19.06
N ASN I 90 24.58 36.86 -17.87
CA ASN I 90 25.07 35.54 -17.52
C ASN I 90 24.46 34.46 -18.41
N PHE I 91 23.20 34.64 -18.85
CA PHE I 91 22.65 33.73 -19.85
C PHE I 91 23.48 33.79 -21.14
N ARG I 92 23.76 34.99 -21.64
CA ARG I 92 24.53 35.10 -22.87
C ARG I 92 25.92 34.51 -22.72
N THR I 93 26.58 34.78 -21.58
CA THR I 93 27.93 34.26 -21.42
C THR I 93 27.96 32.74 -21.28
N ALA I 94 26.95 32.16 -20.63
CA ALA I 94 26.93 30.70 -20.48
C ALA I 94 26.75 30.02 -21.83
N VAL I 95 25.83 30.53 -22.64
CA VAL I 95 25.54 29.90 -23.94
C VAL I 95 26.76 29.97 -24.82
N LEU I 96 27.40 31.14 -24.89
CA LEU I 96 28.58 31.31 -25.73
C LEU I 96 29.78 30.58 -25.15
N MET I 97 29.94 30.61 -23.82
CA MET I 97 31.05 29.90 -23.22
C MET I 97 30.92 28.40 -23.46
N ASN I 98 29.67 27.89 -23.47
CA ASN I 98 29.43 26.47 -23.79
C ASN I 98 29.84 26.15 -25.22
N LYS I 99 29.95 27.14 -26.10
CA LYS I 99 30.42 26.92 -27.46
C LYS I 99 31.93 27.02 -27.57
N ALA I 100 32.57 27.74 -26.65
CA ALA I 100 33.96 28.11 -26.85
C ALA I 100 34.91 26.93 -26.59
N ASP I 101 35.92 26.80 -27.46
CA ASP I 101 36.99 25.85 -27.23
C ASP I 101 37.99 26.36 -26.20
N PHE I 102 38.35 27.64 -26.25
CA PHE I 102 39.25 28.20 -25.25
C PHE I 102 38.95 29.70 -25.08
N VAL I 103 39.67 30.32 -24.15
CA VAL I 103 39.28 31.63 -23.62
C VAL I 103 40.51 32.52 -23.53
N ILE I 104 40.34 33.78 -23.96
CA ILE I 104 41.30 34.86 -23.71
C ILE I 104 40.66 35.86 -22.76
N ALA I 105 41.35 36.17 -21.67
CA ALA I 105 40.87 37.12 -20.67
C ALA I 105 41.90 38.22 -20.51
N LEU I 106 41.49 39.47 -20.72
CA LEU I 106 42.40 40.62 -20.63
C LEU I 106 42.05 41.47 -19.41
N PHE I 107 43.08 41.78 -18.62
CA PHE I 107 42.98 42.71 -17.50
C PHE I 107 43.74 44.00 -17.83
N GLY I 108 43.12 45.14 -17.49
CA GLY I 108 43.76 46.43 -17.59
C GLY I 108 43.75 47.11 -16.23
N GLU I 109 44.22 48.35 -16.15
CA GLU I 109 44.45 49.06 -14.86
C GLU I 109 43.18 49.69 -14.28
N LYS I 110 42.11 49.83 -15.06
CA LYS I 110 40.86 50.49 -14.60
C LYS I 110 39.75 49.48 -14.31
N TYR I 111 38.74 49.87 -13.55
CA TYR I 111 37.52 49.07 -13.28
C TYR I 111 37.83 47.86 -12.37
N LYS I 112 36.85 47.44 -11.58
CA LYS I 112 37.03 46.35 -10.59
C LYS I 112 37.38 45.05 -11.29
N GLN I 113 36.77 44.71 -12.43
CA GLN I 113 37.08 43.54 -13.25
C GLN I 113 36.89 42.23 -12.50
N TRP I 114 35.94 42.21 -11.55
CA TRP I 114 35.60 40.95 -10.91
C TRP I 114 34.87 40.04 -11.87
N ASN I 115 34.16 40.61 -12.84
CA ASN I 115 33.53 39.79 -13.87
C ASN I 115 34.57 39.08 -14.73
N THR I 116 35.66 39.78 -15.08
CA THR I 116 36.77 39.15 -15.80
C THR I 116 37.37 38.01 -15.00
N ALA I 117 37.73 38.26 -13.74
CA ALA I 117 38.28 37.19 -12.92
C ALA I 117 37.33 35.99 -12.89
N MET I 118 36.02 36.24 -12.93
CA MET I 118 35.04 35.17 -12.89
C MET I 118 35.09 34.33 -14.16
N ASP I 119 35.13 34.97 -15.32
CA ASP I 119 35.17 34.20 -16.57
C ASP I 119 36.46 33.38 -16.65
N ALA I 120 37.59 33.97 -16.27
CA ALA I 120 38.87 33.25 -16.31
C ALA I 120 38.83 32.03 -15.40
N SER I 121 38.46 32.22 -14.14
CA SER I 121 38.39 31.07 -13.24
C SER I 121 37.38 30.03 -13.74
N TYR I 122 36.29 30.47 -14.36
CA TYR I 122 35.33 29.54 -14.94
C TYR I 122 36.00 28.68 -16.01
N ALA I 123 36.68 29.31 -16.96
CA ALA I 123 37.42 28.55 -17.98
C ALA I 123 38.31 27.51 -17.32
N ILE I 124 39.04 27.91 -16.28
CA ILE I 124 39.98 27.02 -15.60
C ILE I 124 39.25 25.83 -14.99
N ALA I 125 38.23 26.10 -14.17
CA ALA I 125 37.49 25.02 -13.53
C ALA I 125 36.91 24.03 -14.53
N LYS I 126 36.50 24.50 -15.70
CA LYS I 126 35.89 23.63 -16.70
C LYS I 126 36.90 22.97 -17.62
N GLY I 127 38.19 23.18 -17.41
CA GLY I 127 39.16 22.63 -18.33
C GLY I 127 39.15 23.28 -19.68
N LYS I 128 38.86 24.58 -19.75
CA LYS I 128 39.07 25.29 -20.99
C LYS I 128 40.41 25.97 -20.95
N PRO I 129 41.28 25.73 -21.93
CA PRO I 129 42.56 26.47 -21.98
C PRO I 129 42.33 27.97 -21.87
N LEU I 130 43.24 28.65 -21.17
CA LEU I 130 43.07 30.06 -20.84
C LEU I 130 44.37 30.83 -21.12
N ILE I 131 44.25 31.92 -21.88
CA ILE I 131 45.30 32.93 -22.02
C ILE I 131 44.87 34.18 -21.26
N ILE I 132 45.74 34.68 -20.40
CA ILE I 132 45.51 35.93 -19.69
C ILE I 132 46.46 36.98 -20.26
N ILE I 133 45.89 38.12 -20.66
CA ILE I 133 46.66 39.30 -21.03
C ILE I 133 46.59 40.27 -19.85
N ARG I 134 47.75 40.67 -19.33
CA ARG I 134 47.74 41.55 -18.17
C ARG I 134 49.08 42.28 -18.07
N PRO I 135 49.07 43.60 -17.89
CA PRO I 135 50.33 44.33 -17.77
C PRO I 135 51.09 43.90 -16.54
N GLU I 136 52.42 43.86 -16.67
CA GLU I 136 53.25 43.32 -15.59
C GLU I 136 53.00 44.03 -14.27
N SER I 137 52.58 45.29 -14.32
CA SER I 137 52.28 46.03 -13.10
C SER I 137 51.16 45.39 -12.27
N LEU I 138 50.36 44.50 -12.86
CA LEU I 138 49.29 43.84 -12.12
C LEU I 138 49.61 42.39 -11.76
N HIS I 139 50.90 42.02 -11.78
CA HIS I 139 51.28 40.63 -11.53
C HIS I 139 50.87 40.16 -10.14
N HIS I 140 51.05 41.01 -9.11
CA HIS I 140 50.80 40.54 -7.75
C HIS I 140 49.31 40.33 -7.48
N PRO I 141 48.40 41.24 -7.81
CA PRO I 141 46.98 40.96 -7.54
C PRO I 141 46.41 39.83 -8.40
N LEU I 142 47.07 39.47 -9.50
CA LEU I 142 46.64 38.39 -10.38
C LEU I 142 47.51 37.13 -10.24
N LYS I 143 48.33 37.04 -9.19
CA LYS I 143 49.34 35.97 -9.17
C LYS I 143 48.70 34.59 -9.11
N GLU I 144 47.69 34.41 -8.25
CA GLU I 144 47.04 33.10 -8.16
C GLU I 144 46.37 32.74 -9.47
N LEU I 145 45.75 33.71 -10.14
CA LEU I 145 45.02 33.45 -11.37
C LEU I 145 45.95 33.19 -12.55
N SER I 146 47.01 33.99 -12.69
CA SER I 146 47.95 33.73 -13.78
C SER I 146 48.70 32.42 -13.58
N ASN I 147 48.95 32.02 -12.34
CA ASN I 147 49.53 30.70 -12.07
C ASN I 147 48.64 29.57 -12.61
N LYS I 148 47.32 29.71 -12.53
CA LYS I 148 46.41 28.66 -12.99
C LYS I 148 46.19 28.69 -14.49
N ALA I 149 46.47 29.81 -15.17
CA ALA I 149 46.21 29.87 -16.60
C ALA I 149 47.31 29.19 -17.41
N ASN I 150 46.97 28.82 -18.65
CA ASN I 150 47.95 28.19 -19.54
C ASN I 150 49.07 29.16 -19.91
N ILE I 151 48.69 30.38 -20.32
CA ILE I 151 49.65 31.40 -20.74
C ILE I 151 49.25 32.73 -20.11
N THR I 152 50.25 33.45 -19.59
CA THR I 152 50.09 34.82 -19.14
C THR I 152 51.06 35.71 -19.92
N VAL I 153 50.52 36.67 -20.67
CA VAL I 153 51.32 37.59 -21.45
C VAL I 153 50.94 39.02 -21.08
N GLU I 154 51.74 39.97 -21.59
CA GLU I 154 51.54 41.39 -21.31
C GLU I 154 50.72 42.11 -22.38
N THR I 155 50.83 41.70 -23.65
CA THR I 155 50.19 42.43 -24.73
C THR I 155 49.35 41.50 -25.59
N VAL I 156 48.49 42.14 -26.41
CA VAL I 156 47.71 41.43 -27.42
C VAL I 156 48.61 40.75 -28.44
N ASN I 157 49.67 41.43 -28.87
CA ASN I 157 50.58 40.84 -29.86
C ASN I 157 51.17 39.52 -29.37
N GLN I 158 51.51 39.45 -28.08
CA GLN I 158 51.99 38.18 -27.53
C GLN I 158 50.93 37.09 -27.64
N ALA I 159 49.67 37.42 -27.33
CA ALA I 159 48.61 36.42 -27.43
C ALA I 159 48.39 36.00 -28.87
N ILE I 160 48.50 36.94 -29.81
CA ILE I 160 48.32 36.59 -31.22
C ILE I 160 49.42 35.64 -31.66
N LYS I 161 50.61 35.75 -31.08
CA LYS I 161 51.68 34.83 -31.43
C LYS I 161 51.34 33.41 -31.00
N ALA I 162 50.84 33.24 -29.77
CA ALA I 162 50.44 31.91 -29.29
C ALA I 162 49.26 31.36 -30.09
N LEU I 163 48.37 32.22 -30.58
CA LEU I 163 47.28 31.78 -31.45
C LEU I 163 47.82 31.22 -32.76
N SER I 164 48.80 31.90 -33.37
CA SER I 164 49.38 31.41 -34.62
C SER I 164 50.15 30.11 -34.41
N TYR I 165 50.87 30.00 -33.28
CA TYR I 165 51.64 28.79 -32.97
C TYR I 165 50.78 27.55 -32.93
N LEU I 166 49.49 27.74 -32.65
CA LEU I 166 48.53 26.64 -32.65
C LEU I 166 48.50 25.96 -34.02
N PHE I 167 48.58 26.70 -35.11
CA PHE I 167 48.43 26.17 -36.49
C PHE I 167 49.76 26.15 -37.25
N GLU I 168 50.88 26.49 -36.63
CA GLU I 168 52.18 26.61 -37.34
C GLU I 168 52.83 25.24 -37.59
N THR I 169 53.25 24.93 -38.81
CA THR I 169 53.92 23.66 -39.16
C THR I 169 55.40 23.75 -38.77
N GLU I 170 55.99 24.95 -38.84
CA GLU I 170 57.40 25.20 -38.43
C GLU I 170 57.47 26.52 -37.66
N MET J 23 25.23 15.21 10.33
CA MET J 23 26.32 15.00 9.34
C MET J 23 27.32 16.17 9.43
N GLU J 24 28.52 16.00 8.88
CA GLU J 24 29.58 17.02 9.03
C GLU J 24 29.72 17.82 7.73
N PHE J 25 30.05 19.10 7.83
CA PHE J 25 30.26 19.91 6.60
C PHE J 25 31.62 20.60 6.61
N ILE J 26 32.28 20.62 5.47
CA ILE J 26 33.54 21.39 5.36
C ILE J 26 33.23 22.59 4.48
N VAL J 27 33.60 23.78 4.95
CA VAL J 27 33.26 25.03 4.30
C VAL J 27 34.54 25.79 4.02
N TYR J 28 34.73 26.18 2.78
CA TYR J 28 35.88 26.98 2.42
C TYR J 28 35.52 28.45 2.59
N LEU J 29 36.41 29.22 3.22
CA LEU J 29 36.20 30.64 3.49
C LEU J 29 37.15 31.43 2.59
N ALA J 30 36.68 31.86 1.44
CA ALA J 30 37.50 32.57 0.44
C ALA J 30 37.42 34.07 0.71
N GLY J 31 38.52 34.78 0.49
CA GLY J 31 38.50 36.24 0.67
C GLY J 31 39.80 36.89 1.06
N GLU J 32 39.70 38.16 1.43
CA GLU J 32 40.85 38.98 1.90
C GLU J 32 41.36 38.47 3.23
N ILE J 33 42.64 38.15 3.33
CA ILE J 33 43.25 37.60 4.58
C ILE J 33 43.81 38.75 5.42
N HIS J 34 43.46 40.00 5.09
CA HIS J 34 43.99 41.20 5.78
C HIS J 34 43.12 41.57 6.98
N SER J 35 41.84 41.22 6.99
CA SER J 35 40.92 41.47 8.12
C SER J 35 40.71 40.14 8.85
N ASN J 36 39.92 40.10 9.91
CA ASN J 36 39.74 38.88 10.74
C ASN J 36 38.28 38.44 10.64
N TRP J 37 37.66 38.66 9.48
CA TRP J 37 36.25 38.27 9.23
C TRP J 37 36.11 36.78 9.52
N ARG J 38 37.11 35.99 9.16
CA ARG J 38 37.00 34.54 9.33
C ARG J 38 36.86 34.15 10.79
N GLU J 39 37.61 34.80 11.67
CA GLU J 39 37.50 34.49 13.10
C GLU J 39 36.11 34.83 13.63
N GLU J 40 35.45 35.82 13.05
CA GLU J 40 34.08 36.13 13.44
C GLU J 40 33.09 35.05 12.99
N ILE J 41 33.30 34.47 11.80
CA ILE J 41 32.39 33.40 11.35
C ILE J 41 32.59 32.15 12.20
N LYS J 42 33.85 31.80 12.47
CA LYS J 42 34.13 30.61 13.25
C LYS J 42 33.57 30.72 14.66
N GLU J 43 33.73 31.89 15.29
CA GLU J 43 33.28 32.10 16.68
C GLU J 43 31.76 32.03 16.76
N LYS J 44 31.03 32.69 15.87
CA LYS J 44 29.54 32.73 15.94
C LYS J 44 28.98 31.36 15.56
N THR J 45 29.68 30.61 14.72
CA THR J 45 29.23 29.28 14.27
C THR J 45 29.44 28.29 15.42
N LYS J 46 30.59 28.35 16.09
CA LYS J 46 30.91 27.46 17.23
C LYS J 46 30.04 27.86 18.40
N SER J 47 29.56 29.09 18.45
CA SER J 47 28.60 29.50 19.48
C SER J 47 27.27 28.79 19.33
N LEU J 48 26.89 28.46 18.10
CA LEU J 48 25.64 27.77 17.80
C LEU J 48 25.83 26.26 17.73
N LYS J 49 27.06 25.77 17.83
CA LYS J 49 27.35 24.35 17.76
C LYS J 49 26.77 23.73 16.49
N LEU J 50 27.03 24.38 15.34
CA LEU J 50 26.63 23.87 14.01
C LEU J 50 27.66 22.84 13.55
N PRO J 51 27.30 21.68 12.97
CA PRO J 51 28.29 20.72 12.50
C PRO J 51 29.06 21.23 11.26
N ILE J 52 29.96 22.20 11.43
CA ILE J 52 30.68 22.85 10.28
C ILE J 52 32.13 23.11 10.65
N THR J 53 33.07 22.58 9.89
CA THR J 53 34.52 22.86 10.02
C THR J 53 34.85 23.84 8.91
N PHE J 54 35.73 24.81 9.12
CA PHE J 54 36.08 25.85 8.18
C PHE J 54 37.53 25.68 7.75
N VAL J 55 37.74 25.69 6.44
CA VAL J 55 39.08 25.63 5.88
C VAL J 55 39.25 26.88 5.07
N GLY J 56 40.49 27.23 4.80
CA GLY J 56 40.77 28.38 3.98
C GLY J 56 42.25 28.63 3.84
N PRO J 57 42.60 29.75 3.23
CA PRO J 57 44.00 30.02 2.89
C PRO J 57 44.80 30.41 4.13
N MET J 58 46.12 30.41 3.95
CA MET J 58 47.03 30.93 4.96
C MET J 58 46.67 32.38 5.26
N GLU J 59 46.35 32.67 6.52
CA GLU J 59 45.83 33.99 6.88
C GLU J 59 46.92 34.99 7.28
N ASN J 60 48.18 34.61 7.21
CA ASN J 60 49.29 35.50 7.51
C ASN J 60 49.82 36.00 6.18
N HIS J 61 49.61 37.30 5.92
CA HIS J 61 49.93 37.87 4.61
C HIS J 61 51.43 37.79 4.32
N ASP J 62 52.27 38.07 5.31
CA ASP J 62 53.69 37.98 5.08
C ASP J 62 54.11 36.55 4.80
N ARG J 63 53.62 35.61 5.62
CA ARG J 63 53.87 34.20 5.36
C ARG J 63 53.42 33.78 3.98
N SER J 64 52.22 34.24 3.58
CA SER J 64 51.63 33.83 2.30
C SER J 64 52.38 34.41 1.10
N ASP J 65 52.80 35.68 1.15
CA ASP J 65 53.51 36.25 0.01
C ASP J 65 54.88 35.63 -0.20
N ASN J 66 55.48 35.09 0.86
CA ASN J 66 56.86 34.64 0.81
C ASN J 66 57.01 33.12 0.87
N ILE J 67 55.92 32.36 0.95
CA ILE J 67 56.04 30.90 1.05
C ILE J 67 56.74 30.31 -0.17
N GLY J 68 56.63 30.97 -1.32
CA GLY J 68 57.27 30.45 -2.52
C GLY J 68 58.77 30.48 -2.42
N GLU J 69 59.34 31.56 -1.91
CA GLU J 69 60.78 31.60 -1.71
C GLU J 69 61.19 30.75 -0.51
N GLU J 70 60.33 30.69 0.52
CA GLU J 70 60.65 29.89 1.70
C GLU J 70 60.87 28.43 1.35
N ILE J 71 60.13 27.91 0.39
CA ILE J 71 60.21 26.49 0.02
C ILE J 71 61.15 26.27 -1.16
N MET J 72 61.17 27.20 -2.12
CA MET J 72 61.91 27.00 -3.35
C MET J 72 63.09 27.93 -3.53
N GLY J 73 63.36 28.83 -2.58
CA GLY J 73 64.51 29.70 -2.64
C GLY J 73 64.22 31.01 -3.34
N VAL J 74 65.15 31.96 -3.16
CA VAL J 74 65.02 33.29 -3.76
C VAL J 74 64.91 33.18 -5.27
N GLN J 75 64.04 34.00 -5.83
CA GLN J 75 63.73 34.09 -7.24
C GLN J 75 64.41 35.30 -7.86
N PRO J 76 64.68 35.24 -9.16
CA PRO J 76 65.31 36.38 -9.85
C PRO J 76 64.52 37.69 -9.82
N ASN J 77 63.18 37.66 -9.68
CA ASN J 77 62.41 38.89 -9.79
C ASN J 77 61.06 38.75 -9.09
N ALA J 78 60.35 39.87 -8.98
CA ALA J 78 59.13 39.92 -8.18
C ALA J 78 58.04 39.03 -8.78
N VAL J 79 57.92 38.99 -10.12
CA VAL J 79 56.96 38.12 -10.77
C VAL J 79 57.19 36.67 -10.36
N LEU J 80 58.44 36.20 -10.42
CA LEU J 80 58.73 34.80 -10.15
C LEU J 80 58.55 34.46 -8.67
N LYS J 81 58.90 35.39 -7.79
CA LYS J 81 58.65 35.18 -6.36
C LYS J 81 57.16 34.99 -6.10
N ASP J 82 56.31 35.77 -6.79
CA ASP J 82 54.87 35.66 -6.59
C ASP J 82 54.31 34.40 -7.22
N ASP J 83 54.87 34.02 -8.38
CA ASP J 83 54.43 32.80 -9.02
C ASP J 83 54.80 31.58 -8.19
N LYS J 84 55.99 31.56 -7.59
CA LYS J 84 56.34 30.45 -6.72
C LYS J 84 55.42 30.37 -5.52
N ALA J 85 55.10 31.52 -4.91
CA ALA J 85 54.16 31.54 -3.79
C ALA J 85 52.77 31.12 -4.22
N SER J 86 52.44 31.33 -5.50
CA SER J 86 51.13 30.93 -6.00
C SER J 86 51.07 29.42 -6.25
N ASP J 87 52.17 28.82 -6.70
CA ASP J 87 52.29 27.37 -6.73
C ASP J 87 51.78 26.76 -5.43
N ILE J 88 52.40 27.17 -4.32
CA ILE J 88 52.08 26.59 -3.02
C ILE J 88 50.67 26.96 -2.59
N ASN J 89 50.30 28.24 -2.78
CA ASN J 89 49.01 28.70 -2.30
C ASN J 89 47.87 28.09 -3.12
N ASN J 90 48.08 27.89 -4.43
CA ASN J 90 47.05 27.26 -5.24
C ASN J 90 47.00 25.76 -5.03
N PHE J 91 48.09 25.16 -4.55
CA PHE J 91 48.02 23.76 -4.14
C PHE J 91 47.20 23.63 -2.86
N ARG J 92 47.42 24.52 -1.89
CA ARG J 92 46.64 24.47 -0.66
C ARG J 92 45.17 24.81 -0.90
N THR J 93 44.90 25.74 -1.81
CA THR J 93 43.51 26.07 -2.11
C THR J 93 42.81 24.90 -2.80
N ALA J 94 43.48 24.31 -3.79
CA ALA J 94 42.93 23.15 -4.49
C ALA J 94 42.61 22.03 -3.51
N VAL J 95 43.59 21.64 -2.68
CA VAL J 95 43.44 20.50 -1.79
C VAL J 95 42.31 20.74 -0.79
N LEU J 96 42.23 21.96 -0.24
CA LEU J 96 41.19 22.24 0.75
C LEU J 96 39.83 22.43 0.08
N MET J 97 39.81 23.01 -1.13
CA MET J 97 38.56 23.19 -1.85
C MET J 97 37.93 21.83 -2.16
N ASN J 98 38.75 20.85 -2.56
CA ASN J 98 38.28 19.51 -2.85
C ASN J 98 37.64 18.84 -1.64
N LYS J 99 37.95 19.29 -0.43
CA LYS J 99 37.28 18.78 0.76
C LYS J 99 36.04 19.58 1.14
N ALA J 100 35.87 20.77 0.55
CA ALA J 100 34.76 21.63 0.95
C ALA J 100 33.45 21.15 0.35
N ASP J 101 32.41 21.16 1.16
CA ASP J 101 31.08 20.92 0.64
C ASP J 101 30.48 22.18 0.06
N PHE J 102 30.74 23.31 0.70
CA PHE J 102 30.33 24.58 0.12
C PHE J 102 31.28 25.69 0.58
N VAL J 103 31.01 26.88 0.09
CA VAL J 103 31.98 27.97 0.10
C VAL J 103 31.25 29.22 0.53
N ILE J 104 31.93 30.05 1.34
CA ILE J 104 31.52 31.40 1.67
C ILE J 104 32.64 32.32 1.17
N ALA J 105 32.28 33.37 0.42
CA ALA J 105 33.29 34.29 -0.09
C ALA J 105 32.93 35.71 0.31
N LEU J 106 33.84 36.37 1.02
CA LEU J 106 33.63 37.74 1.53
C LEU J 106 34.37 38.76 0.67
N PHE J 107 33.71 39.86 0.28
CA PHE J 107 34.30 40.96 -0.52
C PHE J 107 34.30 42.23 0.32
N GLY J 108 35.47 42.84 0.51
CA GLY J 108 35.63 44.12 1.22
C GLY J 108 35.77 45.26 0.24
N GLU J 109 36.05 46.48 0.70
CA GLU J 109 36.12 47.67 -0.16
C GLU J 109 37.58 47.92 -0.52
N LYS J 110 38.48 47.16 0.08
CA LYS J 110 39.93 47.36 -0.13
C LYS J 110 40.55 46.21 -0.93
N TYR J 111 41.53 46.50 -1.78
CA TYR J 111 42.34 45.55 -2.53
C TYR J 111 41.61 44.99 -3.75
N LYS J 112 42.38 44.50 -4.73
CA LYS J 112 41.79 44.04 -5.98
C LYS J 112 40.82 42.88 -5.75
N GLN J 113 41.20 41.93 -4.89
CA GLN J 113 40.38 40.75 -4.55
C GLN J 113 40.02 39.91 -5.78
N TRP J 114 40.98 39.76 -6.70
CA TRP J 114 40.76 38.87 -7.83
C TRP J 114 40.87 37.40 -7.42
N ASN J 115 41.67 37.10 -6.37
CA ASN J 115 41.68 35.76 -5.82
C ASN J 115 40.31 35.38 -5.27
N THR J 116 39.61 36.33 -4.64
CA THR J 116 38.30 36.01 -4.09
C THR J 116 37.29 35.72 -5.20
N ALA J 117 37.28 36.57 -6.24
CA ALA J 117 36.46 36.30 -7.41
C ALA J 117 36.77 34.93 -8.00
N MET J 118 38.07 34.58 -8.07
CA MET J 118 38.45 33.31 -8.67
C MET J 118 37.91 32.13 -7.87
N ASP J 119 38.08 32.16 -6.54
CA ASP J 119 37.56 31.08 -5.70
C ASP J 119 36.03 30.96 -5.80
N ALA J 120 35.33 32.10 -5.77
CA ALA J 120 33.86 32.02 -5.78
C ALA J 120 33.38 31.49 -7.12
N SER J 121 33.98 31.96 -8.22
CA SER J 121 33.67 31.42 -9.55
C SER J 121 34.02 29.95 -9.64
N TYR J 122 35.19 29.56 -9.08
CA TYR J 122 35.52 28.15 -9.06
C TYR J 122 34.40 27.34 -8.42
N ALA J 123 33.85 27.83 -7.30
CA ALA J 123 32.79 27.10 -6.62
C ALA J 123 31.56 26.92 -7.50
N ILE J 124 31.17 27.97 -8.20
CA ILE J 124 30.01 27.90 -9.07
C ILE J 124 30.27 26.90 -10.18
N ALA J 125 31.47 26.94 -10.78
CA ALA J 125 31.75 26.07 -11.91
C ALA J 125 31.80 24.60 -11.50
N LYS J 126 32.11 24.32 -10.24
CA LYS J 126 32.14 22.94 -9.74
C LYS J 126 30.86 22.55 -8.99
N GLY J 127 29.79 23.34 -9.10
CA GLY J 127 28.55 22.97 -8.44
C GLY J 127 28.60 23.01 -6.93
N LYS J 128 29.56 23.73 -6.33
CA LYS J 128 29.61 23.90 -4.89
C LYS J 128 28.73 25.09 -4.50
N PRO J 129 27.70 24.89 -3.68
CA PRO J 129 26.90 26.03 -3.22
C PRO J 129 27.77 27.13 -2.62
N LEU J 130 27.32 28.37 -2.77
CA LEU J 130 28.17 29.51 -2.46
C LEU J 130 27.35 30.61 -1.78
N ILE J 131 27.89 31.17 -0.71
CA ILE J 131 27.37 32.41 -0.11
C ILE J 131 28.40 33.51 -0.37
N ILE J 132 27.95 34.63 -0.93
CA ILE J 132 28.77 35.83 -1.02
C ILE J 132 28.32 36.81 0.06
N ILE J 133 29.28 37.30 0.83
CA ILE J 133 29.10 38.46 1.71
C ILE J 133 29.75 39.65 1.02
N ARG J 134 28.98 40.72 0.83
CA ARG J 134 29.51 41.88 0.11
C ARG J 134 28.68 43.10 0.48
N PRO J 135 29.32 44.24 0.74
CA PRO J 135 28.54 45.45 1.05
C PRO J 135 27.70 45.88 -0.14
N GLU J 136 26.48 46.32 0.16
CA GLU J 136 25.59 46.85 -0.87
C GLU J 136 26.32 47.84 -1.77
N SER J 137 27.34 48.53 -1.24
CA SER J 137 28.06 49.53 -2.01
C SER J 137 28.81 48.93 -3.20
N LEU J 138 29.15 47.65 -3.14
CA LEU J 138 29.87 47.01 -4.23
C LEU J 138 28.97 46.15 -5.12
N HIS J 139 27.65 46.36 -5.03
N HIS J 139 27.66 46.32 -5.00
CA HIS J 139 26.71 45.50 -5.78
CA HIS J 139 26.80 45.40 -5.78
C HIS J 139 27.00 45.53 -7.27
C HIS J 139 27.08 45.52 -7.28
N HIS J 140 27.24 46.72 -7.83
CA HIS J 140 27.37 46.80 -9.29
C HIS J 140 28.61 46.06 -9.82
N PRO J 141 29.82 46.27 -9.31
CA PRO J 141 30.95 45.49 -9.84
C PRO J 141 30.84 43.99 -9.58
N LEU J 142 30.06 43.57 -8.59
CA LEU J 142 29.85 42.16 -8.28
C LEU J 142 28.56 41.60 -8.87
N LYS J 143 27.91 42.31 -9.81
CA LYS J 143 26.55 41.93 -10.19
C LYS J 143 26.49 40.56 -10.88
N GLU J 144 27.47 40.23 -11.75
CA GLU J 144 27.44 38.95 -12.45
C GLU J 144 27.73 37.81 -11.49
N LEU J 145 28.70 38.00 -10.60
CA LEU J 145 29.07 36.96 -9.66
C LEU J 145 27.96 36.70 -8.65
N SER J 146 27.35 37.75 -8.09
CA SER J 146 26.32 37.51 -7.09
C SER J 146 25.07 36.90 -7.72
N ASN J 147 24.81 37.19 -8.99
CA ASN J 147 23.70 36.55 -9.69
C ASN J 147 23.88 35.03 -9.83
N LYS J 148 25.13 34.54 -9.87
CA LYS J 148 25.40 33.10 -9.95
C LYS J 148 25.54 32.45 -8.58
N ALA J 149 25.76 33.22 -7.51
CA ALA J 149 25.82 32.63 -6.18
C ALA J 149 24.42 32.26 -5.71
N ASN J 150 24.35 31.28 -4.80
CA ASN J 150 23.09 30.91 -4.17
C ASN J 150 22.54 32.05 -3.34
N ILE J 151 23.41 32.70 -2.56
CA ILE J 151 23.02 33.67 -1.54
C ILE J 151 24.01 34.83 -1.58
N THR J 152 23.48 36.03 -1.66
CA THR J 152 24.29 37.23 -1.47
C THR J 152 23.69 38.00 -0.30
N VAL J 153 24.54 38.23 0.71
CA VAL J 153 24.17 38.94 1.92
C VAL J 153 25.19 40.05 2.14
N GLU J 154 24.85 40.97 3.05
CA GLU J 154 25.71 42.12 3.27
C GLU J 154 26.68 41.94 4.43
N THR J 155 26.39 41.06 5.39
CA THR J 155 27.15 40.97 6.63
C THR J 155 27.36 39.52 7.05
N VAL J 156 28.24 39.34 8.03
CA VAL J 156 28.50 38.01 8.60
C VAL J 156 27.26 37.47 9.31
N ASN J 157 26.53 38.34 10.03
CA ASN J 157 25.37 37.88 10.77
C ASN J 157 24.32 37.27 9.85
N GLN J 158 24.14 37.84 8.66
CA GLN J 158 23.20 37.27 7.71
C GLN J 158 23.65 35.89 7.24
N ALA J 159 24.95 35.73 6.93
CA ALA J 159 25.43 34.43 6.49
C ALA J 159 25.26 33.37 7.57
N ILE J 160 25.40 33.76 8.85
CA ILE J 160 25.24 32.80 9.94
C ILE J 160 23.79 32.33 10.02
N LYS J 161 22.83 33.21 9.73
CA LYS J 161 21.43 32.80 9.75
C LYS J 161 21.16 31.76 8.67
N ALA J 162 21.83 31.89 7.51
CA ALA J 162 21.65 30.90 6.44
C ALA J 162 22.28 29.57 6.82
N LEU J 163 23.47 29.59 7.43
CA LEU J 163 24.06 28.35 7.93
C LEU J 163 23.14 27.66 8.94
N SER J 164 22.55 28.43 9.85
CA SER J 164 21.65 27.85 10.85
C SER J 164 20.40 27.25 10.21
N TYR J 165 19.84 27.91 9.22
CA TYR J 165 18.62 27.42 8.54
C TYR J 165 18.90 26.04 7.94
N LEU J 166 20.14 25.75 7.56
CA LEU J 166 20.54 24.43 7.02
C LEU J 166 20.14 23.31 7.98
N PHE J 167 20.31 23.49 9.29
CA PHE J 167 20.08 22.43 10.30
C PHE J 167 18.79 22.65 11.09
N GLU J 168 18.06 23.73 10.84
CA GLU J 168 16.86 24.08 11.64
C GLU J 168 15.69 23.14 11.33
N THR J 169 14.83 22.91 12.31
CA THR J 169 13.66 22.01 12.15
C THR J 169 12.39 22.84 12.14
N GLU J 170 12.47 24.09 12.58
CA GLU J 170 11.30 25.01 12.59
C GLU J 170 11.79 26.45 12.63
N GLU K 24 -33.42 -29.39 -4.47
CA GLU K 24 -33.02 -30.45 -3.50
C GLU K 24 -33.54 -30.10 -2.11
N PHE K 25 -34.13 -31.08 -1.42
CA PHE K 25 -34.58 -30.87 -0.03
C PHE K 25 -33.98 -31.96 0.86
N ILE K 26 -33.37 -31.56 1.97
CA ILE K 26 -32.87 -32.52 2.95
C ILE K 26 -33.91 -32.63 4.03
N VAL K 27 -34.27 -33.86 4.39
CA VAL K 27 -35.38 -34.06 5.32
C VAL K 27 -34.90 -34.98 6.41
N TYR K 28 -35.16 -34.60 7.65
CA TYR K 28 -34.80 -35.43 8.79
C TYR K 28 -35.99 -36.33 9.12
N LEU K 29 -35.73 -37.63 9.22
CA LEU K 29 -36.71 -38.58 9.71
C LEU K 29 -36.49 -38.82 11.21
N ALA K 30 -37.38 -38.30 12.06
CA ALA K 30 -37.32 -38.49 13.49
C ALA K 30 -38.31 -39.55 13.95
N GLY K 31 -37.91 -40.31 14.97
CA GLY K 31 -38.80 -41.30 15.54
C GLY K 31 -38.08 -42.56 15.97
N GLU K 32 -38.84 -43.55 16.45
CA GLU K 32 -38.22 -44.74 17.01
C GLU K 32 -37.40 -45.49 15.96
N ILE K 33 -36.29 -46.07 16.41
CA ILE K 33 -35.39 -46.82 15.55
C ILE K 33 -35.59 -48.32 15.68
N HIS K 34 -36.58 -48.75 16.47
CA HIS K 34 -36.83 -50.18 16.63
C HIS K 34 -37.45 -50.77 15.37
N SER K 35 -38.33 -50.03 14.70
CA SER K 35 -38.98 -50.51 13.48
C SER K 35 -38.38 -49.79 12.26
N ASN K 36 -38.81 -50.22 11.07
CA ASN K 36 -38.20 -49.80 9.82
C ASN K 36 -39.12 -48.91 8.98
N TRP K 37 -39.90 -48.06 9.64
CA TRP K 37 -40.81 -47.18 8.91
C TRP K 37 -40.07 -46.27 7.94
N ARG K 38 -38.85 -45.83 8.29
CA ARG K 38 -38.10 -44.97 7.40
C ARG K 38 -37.91 -45.62 6.04
N GLU K 39 -37.73 -46.94 6.03
CA GLU K 39 -37.51 -47.73 4.79
C GLU K 39 -38.69 -47.59 3.84
N GLU K 40 -39.92 -47.55 4.36
CA GLU K 40 -41.08 -47.36 3.50
C GLU K 40 -41.06 -45.99 2.82
N ILE K 41 -40.85 -44.92 3.60
CA ILE K 41 -40.86 -43.55 3.04
C ILE K 41 -39.80 -43.43 1.95
N LYS K 42 -38.57 -43.86 2.24
CA LYS K 42 -37.48 -43.70 1.29
C LYS K 42 -37.80 -44.39 -0.03
N GLU K 43 -38.33 -45.61 0.04
CA GLU K 43 -38.65 -46.39 -1.17
C GLU K 43 -39.75 -45.70 -1.97
N LYS K 44 -40.82 -45.27 -1.32
CA LYS K 44 -42.01 -44.69 -2.00
C LYS K 44 -41.64 -43.32 -2.57
N THR K 45 -40.79 -42.54 -1.90
CA THR K 45 -40.39 -41.20 -2.34
C THR K 45 -39.50 -41.38 -3.57
N LYS K 46 -38.64 -42.40 -3.59
CA LYS K 46 -37.77 -42.63 -4.73
C LYS K 46 -38.57 -43.05 -5.96
N SER K 47 -39.61 -43.87 -5.77
CA SER K 47 -40.50 -44.22 -6.88
C SER K 47 -40.99 -42.99 -7.60
N LEU K 48 -41.50 -42.01 -6.85
CA LEU K 48 -42.04 -40.78 -7.42
C LEU K 48 -40.96 -39.87 -7.98
N LYS K 49 -39.69 -40.15 -7.69
CA LYS K 49 -38.53 -39.37 -8.22
C LYS K 49 -38.55 -37.94 -7.65
N LEU K 50 -38.97 -37.82 -6.40
CA LEU K 50 -38.96 -36.52 -5.69
C LEU K 50 -37.49 -36.21 -5.39
N PRO K 51 -37.08 -34.95 -5.41
CA PRO K 51 -35.70 -34.54 -5.22
C PRO K 51 -35.52 -34.30 -3.73
N ILE K 52 -35.72 -35.34 -2.93
CA ILE K 52 -35.60 -35.26 -1.47
C ILE K 52 -34.52 -36.27 -1.08
N THR K 53 -33.56 -35.86 -0.28
CA THR K 53 -32.51 -36.74 0.27
C THR K 53 -32.87 -36.85 1.75
N PHE K 54 -32.90 -38.05 2.33
CA PHE K 54 -33.35 -38.27 3.72
C PHE K 54 -32.16 -38.47 4.66
N VAL K 55 -32.22 -37.90 5.86
CA VAL K 55 -31.17 -38.03 6.92
C VAL K 55 -31.93 -38.49 8.17
N GLY K 56 -31.28 -38.97 9.21
CA GLY K 56 -31.88 -39.46 10.43
C GLY K 56 -30.87 -40.09 11.38
N PRO K 57 -31.35 -40.55 12.52
CA PRO K 57 -30.42 -41.11 13.52
C PRO K 57 -29.82 -42.42 13.07
N MET K 58 -28.90 -42.97 13.86
CA MET K 58 -28.45 -44.33 13.64
C MET K 58 -29.61 -45.28 13.85
N GLU K 59 -29.87 -46.14 12.87
CA GLU K 59 -31.05 -46.97 12.87
C GLU K 59 -30.83 -48.30 13.59
N ASN K 60 -29.58 -48.72 13.76
CA ASN K 60 -29.22 -49.91 14.53
C ASN K 60 -29.30 -49.59 16.01
N HIS K 61 -30.29 -50.18 16.70
CA HIS K 61 -30.52 -49.83 18.11
C HIS K 61 -29.34 -50.21 18.98
N ASP K 62 -28.78 -51.40 18.78
CA ASP K 62 -27.69 -51.84 19.64
C ASP K 62 -26.44 -50.98 19.43
N ARG K 63 -26.10 -50.72 18.17
CA ARG K 63 -25.05 -49.76 17.86
C ARG K 63 -25.31 -48.44 18.57
N SER K 64 -26.53 -47.92 18.44
CA SER K 64 -26.86 -46.61 18.99
C SER K 64 -26.78 -46.60 20.52
N ASP K 65 -27.09 -47.71 21.18
CA ASP K 65 -26.99 -47.73 22.64
C ASP K 65 -25.56 -47.91 23.14
N ASN K 66 -24.67 -48.45 22.31
CA ASN K 66 -23.32 -48.77 22.73
C ASN K 66 -22.26 -47.87 22.12
N ILE K 67 -22.63 -46.90 21.27
CA ILE K 67 -21.65 -46.04 20.63
C ILE K 67 -20.87 -45.23 21.66
N GLY K 68 -21.51 -44.88 22.78
CA GLY K 68 -20.82 -44.17 23.84
C GLY K 68 -19.62 -44.96 24.34
N GLU K 69 -19.89 -46.19 24.78
CA GLU K 69 -18.82 -47.04 25.26
C GLU K 69 -17.89 -47.47 24.13
N GLU K 70 -18.40 -47.56 22.89
CA GLU K 70 -17.55 -47.94 21.76
C GLU K 70 -16.41 -46.94 21.54
N ILE K 71 -16.66 -45.64 21.72
CA ILE K 71 -15.66 -44.58 21.42
C ILE K 71 -14.88 -44.22 22.69
N MET K 72 -15.54 -43.92 23.80
CA MET K 72 -14.88 -43.42 25.04
C MET K 72 -14.66 -44.52 26.10
N GLY K 73 -15.05 -45.76 25.84
CA GLY K 73 -14.79 -46.89 26.77
C GLY K 73 -15.92 -47.14 27.75
N VAL K 74 -15.84 -48.24 28.51
CA VAL K 74 -16.93 -48.64 29.42
C VAL K 74 -17.12 -47.57 30.49
N GLN K 75 -18.35 -47.40 30.95
CA GLN K 75 -18.71 -46.33 31.90
C GLN K 75 -19.03 -46.90 33.28
N PRO K 76 -18.83 -46.13 34.36
CA PRO K 76 -19.02 -46.61 35.73
C PRO K 76 -20.44 -47.09 36.03
N ASN K 77 -21.44 -46.68 35.26
CA ASN K 77 -22.80 -47.11 35.51
C ASN K 77 -23.63 -46.90 34.25
N ALA K 78 -24.89 -47.35 34.31
CA ALA K 78 -25.74 -47.31 33.12
C ALA K 78 -26.06 -45.88 32.70
N VAL K 79 -26.43 -45.02 33.66
CA VAL K 79 -26.74 -43.63 33.36
C VAL K 79 -25.61 -43.03 32.54
N LEU K 80 -24.38 -43.16 33.05
CA LEU K 80 -23.23 -42.66 32.32
C LEU K 80 -23.03 -43.38 30.99
N LYS K 81 -23.33 -44.69 30.92
CA LYS K 81 -23.28 -45.35 29.62
C LYS K 81 -24.24 -44.69 28.65
N ASP K 82 -25.42 -44.36 29.14
CA ASP K 82 -26.40 -43.78 28.24
C ASP K 82 -26.05 -42.33 27.91
N ASP K 83 -25.43 -41.62 28.87
CA ASP K 83 -25.02 -40.24 28.64
C ASP K 83 -23.95 -40.14 27.56
N LYS K 84 -22.88 -40.93 27.66
CA LYS K 84 -21.83 -40.84 26.66
C LYS K 84 -22.35 -41.22 25.27
N ALA K 85 -23.26 -42.20 25.19
CA ALA K 85 -23.92 -42.50 23.92
C ALA K 85 -24.72 -41.32 23.41
N SER K 86 -25.29 -40.53 24.33
CA SER K 86 -26.06 -39.38 23.90
C SER K 86 -25.16 -38.27 23.37
N ASP K 87 -23.96 -38.12 23.93
CA ASP K 87 -23.00 -37.19 23.33
C ASP K 87 -22.91 -37.42 21.83
N ILE K 88 -22.65 -38.67 21.44
CA ILE K 88 -22.43 -38.98 20.05
C ILE K 88 -23.73 -38.89 19.26
N ASN K 89 -24.81 -39.41 19.80
CA ASN K 89 -26.06 -39.43 19.07
C ASN K 89 -26.62 -38.01 18.93
N ASN K 90 -26.51 -37.19 19.98
CA ASN K 90 -26.96 -35.80 19.91
C ASN K 90 -26.06 -34.95 19.02
N PHE K 91 -24.76 -35.28 18.95
CA PHE K 91 -23.90 -34.67 17.95
C PHE K 91 -24.42 -34.98 16.55
N ARG K 92 -24.63 -36.26 16.24
CA ARG K 92 -25.05 -36.63 14.89
C ARG K 92 -26.38 -35.98 14.54
N THR K 93 -27.31 -35.92 15.50
CA THR K 93 -28.60 -35.32 15.17
C THR K 93 -28.48 -33.81 14.96
N ALA K 94 -27.68 -33.13 15.78
CA ALA K 94 -27.49 -31.69 15.60
C ALA K 94 -26.92 -31.41 14.22
N VAL K 95 -25.91 -32.18 13.83
CA VAL K 95 -25.25 -31.95 12.55
C VAL K 95 -26.22 -32.20 11.39
N LEU K 96 -26.98 -33.30 11.44
CA LEU K 96 -27.86 -33.60 10.32
C LEU K 96 -29.13 -32.74 10.36
N MET K 97 -29.59 -32.41 11.56
CA MET K 97 -30.70 -31.46 11.66
C MET K 97 -30.28 -30.10 11.09
N ASN K 98 -29.02 -29.71 11.24
CA ASN K 98 -28.59 -28.41 10.73
C ASN K 98 -28.61 -28.39 9.20
N LYS K 99 -28.53 -29.55 8.56
CA LYS K 99 -28.60 -29.61 7.09
C LYS K 99 -30.02 -29.77 6.57
N ALA K 100 -30.98 -30.13 7.42
CA ALA K 100 -32.33 -30.49 6.98
C ALA K 100 -33.19 -29.25 6.77
N ASP K 101 -33.90 -29.23 5.64
CA ASP K 101 -34.87 -28.17 5.35
C ASP K 101 -36.16 -28.36 6.14
N PHE K 102 -36.63 -29.60 6.29
CA PHE K 102 -37.79 -29.85 7.15
C PHE K 102 -37.71 -31.29 7.67
N VAL K 103 -38.68 -31.63 8.51
CA VAL K 103 -38.61 -32.79 9.39
C VAL K 103 -39.90 -33.59 9.27
N ILE K 104 -39.78 -34.92 9.30
CA ILE K 104 -40.92 -35.84 9.43
C ILE K 104 -40.69 -36.67 10.70
N ALA K 105 -41.61 -36.59 11.64
CA ALA K 105 -41.54 -37.35 12.88
C ALA K 105 -42.69 -38.35 12.90
N LEU K 106 -42.37 -39.62 13.21
CA LEU K 106 -43.38 -40.67 13.30
C LEU K 106 -43.46 -41.21 14.72
N PHE K 107 -44.69 -41.35 15.23
CA PHE K 107 -44.93 -41.95 16.53
C PHE K 107 -45.66 -43.28 16.35
N GLY K 108 -45.33 -44.25 17.20
CA GLY K 108 -46.02 -45.52 17.24
C GLY K 108 -46.66 -45.75 18.61
N GLU K 109 -47.23 -46.93 18.83
CA GLU K 109 -47.86 -47.26 20.14
C GLU K 109 -46.80 -47.77 21.11
N LYS K 110 -45.62 -48.18 20.64
CA LYS K 110 -44.57 -48.78 21.49
C LYS K 110 -43.48 -47.79 21.89
N TYR K 111 -42.90 -47.95 23.09
CA TYR K 111 -41.74 -47.15 23.59
C TYR K 111 -42.13 -45.74 24.07
N LYS K 112 -41.32 -45.14 24.92
CA LYS K 112 -41.58 -43.82 25.49
C LYS K 112 -41.52 -42.73 24.43
N GLN K 113 -40.61 -42.86 23.46
CA GLN K 113 -40.52 -41.94 22.31
C GLN K 113 -40.40 -40.49 22.76
N TRP K 114 -39.66 -40.25 23.84
CA TRP K 114 -39.38 -38.86 24.24
C TRP K 114 -38.33 -38.23 23.35
N ASN K 115 -37.42 -39.03 22.79
CA ASN K 115 -36.49 -38.53 21.78
C ASN K 115 -37.22 -38.07 20.52
N THR K 116 -38.29 -38.78 20.12
CA THR K 116 -39.09 -38.34 18.98
C THR K 116 -39.74 -37.00 19.26
N ALA K 117 -40.42 -36.87 20.40
CA ALA K 117 -41.04 -35.60 20.76
C ALA K 117 -40.01 -34.49 20.87
N MET K 118 -38.80 -34.81 21.35
CA MET K 118 -37.75 -33.80 21.45
C MET K 118 -37.37 -33.28 20.07
N ASP K 119 -37.25 -34.17 19.09
CA ASP K 119 -36.82 -33.72 17.77
C ASP K 119 -37.91 -32.95 17.05
N ALA K 120 -39.17 -33.32 17.24
CA ALA K 120 -40.25 -32.57 16.61
C ALA K 120 -40.36 -31.18 17.23
N SER K 121 -40.30 -31.11 18.55
CA SER K 121 -40.32 -29.81 19.22
C SER K 121 -39.16 -28.97 18.77
N TYR K 122 -37.96 -29.55 18.68
CA TYR K 122 -36.81 -28.78 18.20
C TYR K 122 -37.10 -28.18 16.83
N ALA K 123 -37.69 -28.97 15.92
CA ALA K 123 -37.99 -28.46 14.58
C ALA K 123 -38.95 -27.29 14.64
N ILE K 124 -39.98 -27.36 15.48
CA ILE K 124 -40.98 -26.27 15.62
C ILE K 124 -40.28 -25.03 16.21
N ALA K 125 -39.40 -25.20 17.17
CA ALA K 125 -38.71 -24.08 17.82
C ALA K 125 -37.83 -23.37 16.80
N LYS K 126 -37.16 -24.10 15.93
CA LYS K 126 -36.23 -23.52 14.94
C LYS K 126 -36.97 -23.14 13.64
N GLY K 127 -38.30 -23.15 13.59
CA GLY K 127 -39.00 -22.80 12.36
C GLY K 127 -38.78 -23.72 11.19
N LYS K 128 -38.39 -24.96 11.42
CA LYS K 128 -38.41 -25.92 10.32
C LYS K 128 -39.80 -26.53 10.20
N PRO K 129 -40.42 -26.53 9.03
CA PRO K 129 -41.74 -27.18 8.88
C PRO K 129 -41.69 -28.65 9.30
N LEU K 130 -42.80 -29.13 9.88
CA LEU K 130 -42.88 -30.45 10.47
C LEU K 130 -44.15 -31.18 10.05
N ILE K 131 -43.98 -32.40 9.54
CA ILE K 131 -45.07 -33.37 9.41
C ILE K 131 -44.97 -34.37 10.55
N ILE K 132 -46.09 -34.64 11.22
CA ILE K 132 -46.18 -35.72 12.21
C ILE K 132 -47.04 -36.85 11.63
N ILE K 133 -46.50 -38.07 11.68
CA ILE K 133 -47.27 -39.28 11.37
C ILE K 133 -47.61 -39.95 12.69
N ARG K 134 -48.88 -40.11 12.97
CA ARG K 134 -49.28 -40.69 14.23
C ARG K 134 -50.66 -41.31 14.11
N PRO K 135 -50.88 -42.48 14.70
CA PRO K 135 -52.21 -43.09 14.62
C PRO K 135 -53.22 -42.35 15.46
N GLU K 136 -54.47 -42.36 14.99
CA GLU K 136 -55.52 -41.57 15.65
C GLU K 136 -55.72 -42.01 17.09
N SER K 137 -55.32 -43.24 17.43
CA SER K 137 -55.42 -43.70 18.82
C SER K 137 -54.53 -42.90 19.77
N LEU K 138 -53.45 -42.29 19.26
CA LEU K 138 -52.56 -41.49 20.09
C LEU K 138 -52.87 -39.99 19.98
N HIS K 139 -54.10 -39.63 19.60
CA HIS K 139 -54.41 -38.22 19.32
C HIS K 139 -54.33 -37.39 20.58
N HIS K 140 -54.81 -37.93 21.71
CA HIS K 140 -54.82 -37.15 22.95
C HIS K 140 -53.43 -36.91 23.51
N PRO K 141 -52.57 -37.91 23.73
CA PRO K 141 -51.24 -37.60 24.29
C PRO K 141 -50.40 -36.70 23.37
N LEU K 142 -50.67 -36.68 22.08
CA LEU K 142 -49.92 -35.87 21.13
C LEU K 142 -50.58 -34.53 20.83
N LYS K 143 -51.63 -34.17 21.58
CA LYS K 143 -52.49 -33.07 21.13
C LYS K 143 -51.73 -31.76 21.03
N GLU K 144 -50.94 -31.40 22.04
CA GLU K 144 -50.20 -30.14 22.00
C GLU K 144 -49.16 -30.16 20.90
N LEU K 145 -48.55 -31.31 20.64
CA LEU K 145 -47.49 -31.37 19.64
C LEU K 145 -48.06 -31.32 18.23
N SER K 146 -49.07 -32.15 17.93
CA SER K 146 -49.66 -32.10 16.59
C SER K 146 -50.26 -30.73 16.31
N ASN K 147 -50.75 -30.04 17.34
CA ASN K 147 -51.29 -28.70 17.16
C ASN K 147 -50.25 -27.73 16.60
N LYS K 148 -48.98 -27.89 17.01
CA LYS K 148 -47.91 -27.01 16.55
C LYS K 148 -47.32 -27.45 15.22
N ALA K 149 -47.50 -28.71 14.84
CA ALA K 149 -46.95 -29.18 13.56
C ALA K 149 -47.71 -28.54 12.40
N ASN K 150 -47.04 -28.52 11.23
CA ASN K 150 -47.72 -28.08 10.01
C ASN K 150 -48.81 -29.05 9.59
N ILE K 151 -48.51 -30.35 9.62
CA ILE K 151 -49.40 -31.38 9.12
C ILE K 151 -49.34 -32.56 10.08
N THR K 152 -50.51 -33.08 10.46
CA THR K 152 -50.59 -34.33 11.20
C THR K 152 -51.41 -35.33 10.39
N VAL K 153 -50.78 -36.44 9.99
CA VAL K 153 -51.42 -37.49 9.22
C VAL K 153 -51.31 -38.80 10.00
N GLU K 154 -52.00 -39.84 9.49
CA GLU K 154 -52.03 -41.14 10.14
C GLU K 154 -51.08 -42.15 9.53
N THR K 155 -50.83 -42.07 8.24
CA THR K 155 -50.05 -43.07 7.54
C THR K 155 -48.97 -42.40 6.72
N VAL K 156 -47.93 -43.20 6.43
CA VAL K 156 -46.87 -42.75 5.55
C VAL K 156 -47.45 -42.32 4.21
N ASN K 157 -48.42 -43.07 3.69
CA ASN K 157 -48.97 -42.78 2.37
C ASN K 157 -49.50 -41.34 2.30
N GLN K 158 -50.08 -40.85 3.40
CA GLN K 158 -50.54 -39.47 3.43
C GLN K 158 -49.38 -38.49 3.43
N ALA K 159 -48.34 -38.77 4.22
CA ALA K 159 -47.14 -37.93 4.20
C ALA K 159 -46.57 -37.80 2.79
N ILE K 160 -46.47 -38.92 2.08
CA ILE K 160 -45.95 -38.91 0.72
C ILE K 160 -46.79 -38.02 -0.19
N LYS K 161 -48.10 -37.96 0.03
CA LYS K 161 -48.95 -37.11 -0.79
C LYS K 161 -48.65 -35.63 -0.54
N ALA K 162 -48.53 -35.24 0.73
CA ALA K 162 -48.07 -33.89 1.06
C ALA K 162 -46.74 -33.57 0.39
N LEU K 163 -45.81 -34.54 0.34
CA LEU K 163 -44.50 -34.30 -0.26
C LEU K 163 -44.62 -34.11 -1.78
N SER K 164 -45.32 -35.02 -2.45
CA SER K 164 -45.58 -34.83 -3.88
C SER K 164 -46.21 -33.47 -4.15
N TYR K 165 -47.12 -33.03 -3.27
CA TYR K 165 -47.80 -31.76 -3.47
C TYR K 165 -46.84 -30.58 -3.49
N LEU K 166 -45.66 -30.75 -2.88
CA LEU K 166 -44.66 -29.68 -2.85
C LEU K 166 -44.23 -29.32 -4.26
N PHE K 167 -44.23 -30.31 -5.15
CA PHE K 167 -43.67 -30.08 -6.49
C PHE K 167 -44.76 -30.14 -7.57
N GLU K 168 -46.02 -30.32 -7.18
CA GLU K 168 -47.10 -30.48 -8.18
C GLU K 168 -47.44 -29.14 -8.84
N THR K 169 -47.91 -29.19 -10.09
CA THR K 169 -48.20 -27.96 -10.87
C THR K 169 -49.70 -27.82 -11.10
N GLU K 170 -50.44 -28.92 -11.07
CA GLU K 170 -51.93 -28.88 -11.20
C GLU K 170 -52.55 -29.96 -10.31
N MET L 23 -31.61 -8.93 40.41
CA MET L 23 -32.73 -8.96 39.44
C MET L 23 -33.70 -10.08 39.83
N GLU L 24 -34.82 -10.17 39.11
CA GLU L 24 -35.83 -11.20 39.45
C GLU L 24 -35.87 -12.20 38.30
N PHE L 25 -36.30 -13.43 38.58
CA PHE L 25 -36.32 -14.46 37.53
C PHE L 25 -37.73 -15.00 37.33
N ILE L 26 -38.06 -15.29 36.08
CA ILE L 26 -39.35 -15.95 35.78
C ILE L 26 -38.96 -17.36 35.31
N VAL L 27 -39.64 -18.36 35.81
CA VAL L 27 -39.23 -19.74 35.58
C VAL L 27 -40.48 -20.53 35.22
N TYR L 28 -40.41 -21.22 34.09
CA TYR L 28 -41.52 -22.05 33.62
C TYR L 28 -41.36 -23.46 34.18
N LEU L 29 -42.47 -24.00 34.67
CA LEU L 29 -42.54 -25.33 35.25
C LEU L 29 -43.32 -26.21 34.27
N ALA L 30 -42.61 -26.96 33.45
CA ALA L 30 -43.22 -27.87 32.48
C ALA L 30 -43.35 -29.23 33.15
N GLY L 31 -44.36 -30.00 32.81
CA GLY L 31 -44.57 -31.32 33.42
C GLY L 31 -46.01 -31.78 33.45
N GLU L 32 -46.23 -32.96 34.01
CA GLU L 32 -47.59 -33.52 34.14
C GLU L 32 -48.29 -32.81 35.30
N ILE L 33 -49.52 -32.38 35.14
CA ILE L 33 -50.22 -31.57 36.18
C ILE L 33 -50.92 -32.47 37.20
N HIS L 34 -50.88 -33.80 37.05
CA HIS L 34 -51.65 -34.73 37.91
C HIS L 34 -51.14 -34.75 39.36
N SER L 35 -49.86 -34.50 39.63
CA SER L 35 -49.35 -34.42 41.03
C SER L 35 -49.20 -32.96 41.44
N ASN L 36 -48.85 -32.70 42.71
CA ASN L 36 -48.65 -31.33 43.25
C ASN L 36 -47.15 -31.07 43.36
N TRP L 37 -46.38 -31.61 42.43
CA TRP L 37 -44.91 -31.38 42.39
C TRP L 37 -44.65 -29.87 42.32
N ARG L 38 -45.41 -29.08 41.59
CA ARG L 38 -45.10 -27.64 41.38
C ARG L 38 -45.26 -26.86 42.69
N GLU L 39 -46.36 -27.08 43.40
CA GLU L 39 -46.62 -26.38 44.68
C GLU L 39 -45.37 -26.54 45.53
N GLU L 40 -44.93 -27.77 45.77
CA GLU L 40 -43.71 -28.09 46.58
C GLU L 40 -42.55 -27.21 46.13
N ILE L 41 -42.22 -27.18 44.84
CA ILE L 41 -41.17 -26.26 44.31
C ILE L 41 -41.51 -24.88 44.85
N LYS L 42 -42.69 -24.36 44.54
CA LYS L 42 -43.07 -22.97 44.88
C LYS L 42 -42.92 -22.70 46.38
N GLU L 43 -43.23 -23.66 47.25
CA GLU L 43 -43.22 -23.43 48.73
C GLU L 43 -41.79 -23.41 49.23
N LYS L 44 -40.95 -24.32 48.77
CA LYS L 44 -39.55 -24.43 49.26
C LYS L 44 -38.78 -23.21 48.76
N THR L 45 -39.10 -22.71 47.56
CA THR L 45 -38.44 -21.52 47.03
C THR L 45 -38.79 -20.30 47.86
N LYS L 46 -40.08 -20.16 48.23
CA LYS L 46 -40.51 -19.02 49.04
C LYS L 46 -39.84 -19.01 50.40
N SER L 47 -39.68 -20.20 51.02
CA SER L 47 -38.97 -20.30 52.29
C SER L 47 -37.60 -19.65 52.19
N LEU L 48 -36.84 -20.01 51.16
CA LEU L 48 -35.54 -19.41 50.93
C LEU L 48 -35.62 -17.99 50.42
N LYS L 49 -36.81 -17.47 50.17
CA LYS L 49 -36.99 -16.09 49.74
C LYS L 49 -36.22 -15.78 48.45
N LEU L 50 -36.20 -16.74 47.53
CA LEU L 50 -35.51 -16.46 46.28
C LEU L 50 -36.35 -15.55 45.41
N PRO L 51 -35.74 -14.62 44.70
CA PRO L 51 -36.52 -13.73 43.82
C PRO L 51 -36.90 -14.43 42.52
N ILE L 52 -37.72 -15.47 42.64
CA ILE L 52 -38.15 -16.28 41.52
C ILE L 52 -39.68 -16.33 41.48
N THR L 53 -40.26 -15.97 40.34
CA THR L 53 -41.68 -16.15 40.08
C THR L 53 -41.87 -17.29 39.11
N PHE L 54 -42.73 -18.25 39.48
CA PHE L 54 -42.98 -19.44 38.65
C PHE L 54 -44.25 -19.27 37.83
N VAL L 55 -44.20 -19.77 36.59
CA VAL L 55 -45.35 -19.82 35.72
C VAL L 55 -45.39 -21.21 35.14
N GLY L 56 -46.55 -21.59 34.60
CA GLY L 56 -46.70 -22.88 33.97
C GLY L 56 -48.08 -23.08 33.41
N PRO L 57 -48.41 -24.31 33.04
CA PRO L 57 -49.69 -24.57 32.40
C PRO L 57 -50.83 -24.53 33.41
N MET L 58 -52.05 -24.65 32.89
CA MET L 58 -53.24 -24.78 33.73
C MET L 58 -53.21 -26.12 34.47
N GLU L 59 -53.19 -26.07 35.81
CA GLU L 59 -52.90 -27.26 36.60
C GLU L 59 -54.12 -28.16 36.82
N ASN L 60 -55.32 -27.67 36.55
CA ASN L 60 -56.52 -28.48 36.65
C ASN L 60 -56.68 -29.31 35.38
N HIS L 61 -56.55 -30.63 35.50
CA HIS L 61 -56.58 -31.47 34.30
C HIS L 61 -57.92 -31.41 33.58
N ASP L 62 -59.02 -31.27 34.33
CA ASP L 62 -60.34 -31.26 33.69
C ASP L 62 -60.56 -29.94 32.95
N ARG L 63 -60.29 -28.82 33.61
CA ARG L 63 -60.35 -27.52 32.96
C ARG L 63 -59.50 -27.48 31.71
N SER L 64 -58.31 -28.09 31.76
CA SER L 64 -57.37 -28.03 30.63
C SER L 64 -57.89 -28.82 29.43
N ASP L 65 -58.46 -29.99 29.66
CA ASP L 65 -58.95 -30.79 28.53
C ASP L 65 -60.18 -30.18 27.87
N ASN L 66 -60.92 -29.33 28.57
CA ASN L 66 -62.22 -28.86 28.08
C ASN L 66 -62.22 -27.38 27.68
N ILE L 67 -61.11 -26.67 27.89
CA ILE L 67 -61.09 -25.24 27.59
C ILE L 67 -61.38 -24.98 26.11
N GLY L 68 -61.05 -25.94 25.25
CA GLY L 68 -61.32 -25.76 23.83
C GLY L 68 -62.80 -25.64 23.55
N GLU L 69 -63.60 -26.52 24.12
CA GLU L 69 -65.05 -26.45 23.92
C GLU L 69 -65.64 -25.32 24.74
N GLU L 70 -65.06 -25.04 25.90
CA GLU L 70 -65.57 -23.99 26.77
C GLU L 70 -65.51 -22.62 26.08
N ILE L 71 -64.46 -22.43 25.29
CA ILE L 71 -64.22 -21.12 24.64
C ILE L 71 -64.84 -21.16 23.25
N MET L 72 -64.54 -22.15 22.42
CA MET L 72 -64.95 -22.19 20.99
C MET L 72 -66.11 -23.16 20.72
N GLY L 73 -66.89 -23.53 21.73
CA GLY L 73 -68.09 -24.37 21.53
C GLY L 73 -67.74 -25.85 21.43
N VAL L 74 -68.66 -26.73 21.82
CA VAL L 74 -68.42 -28.20 21.81
C VAL L 74 -68.12 -28.65 20.38
N GLN L 75 -66.90 -29.17 20.15
CA GLN L 75 -66.49 -29.72 18.84
C GLN L 75 -67.20 -31.07 18.64
N PRO L 76 -67.44 -31.52 17.39
CA PRO L 76 -68.20 -32.76 17.16
C PRO L 76 -67.42 -34.03 17.55
N ASN L 77 -66.13 -34.12 17.23
CA ASN L 77 -65.33 -35.34 17.49
C ASN L 77 -64.31 -35.05 18.60
N ALA L 78 -63.62 -36.08 19.11
CA ALA L 78 -62.67 -35.97 20.23
C ALA L 78 -61.32 -35.43 19.75
N VAL L 79 -60.96 -35.68 18.50
CA VAL L 79 -59.67 -35.21 17.93
C VAL L 79 -59.81 -33.69 17.78
N LEU L 80 -61.01 -33.18 17.47
CA LEU L 80 -61.24 -31.74 17.37
C LEU L 80 -61.39 -31.09 18.73
N LYS L 81 -61.93 -31.79 19.72
CA LYS L 81 -61.99 -31.24 21.07
C LYS L 81 -60.59 -31.02 21.63
N ASP L 82 -59.69 -31.96 21.41
CA ASP L 82 -58.33 -31.80 21.91
C ASP L 82 -57.57 -30.72 21.15
N ASP L 83 -57.69 -30.72 19.81
CA ASP L 83 -57.02 -29.69 19.02
C ASP L 83 -57.49 -28.29 19.41
N LYS L 84 -58.79 -28.12 19.68
CA LYS L 84 -59.27 -26.81 20.13
C LYS L 84 -58.68 -26.46 21.50
N ALA L 85 -58.65 -27.43 22.43
CA ALA L 85 -58.05 -27.18 23.73
C ALA L 85 -56.56 -26.88 23.59
N SER L 86 -55.90 -27.47 22.61
CA SER L 86 -54.48 -27.22 22.42
C SER L 86 -54.22 -25.85 21.82
N ASP L 87 -55.14 -25.34 20.99
CA ASP L 87 -55.07 -23.94 20.56
C ASP L 87 -54.88 -23.03 21.77
N ILE L 88 -55.67 -23.26 22.82
CA ILE L 88 -55.63 -22.35 23.96
C ILE L 88 -54.44 -22.65 24.86
N ASN L 89 -54.15 -23.94 25.09
CA ASN L 89 -53.08 -24.29 26.00
C ASN L 89 -51.71 -23.99 25.39
N ASN L 90 -51.56 -24.20 24.08
CA ASN L 90 -50.32 -23.76 23.44
C ASN L 90 -50.21 -22.24 23.45
N PHE L 91 -51.32 -21.51 23.33
CA PHE L 91 -51.28 -20.06 23.49
C PHE L 91 -50.73 -19.69 24.87
N ARG L 92 -51.32 -20.27 25.94
CA ARG L 92 -50.84 -19.98 27.29
C ARG L 92 -49.36 -20.32 27.47
N THR L 93 -48.94 -21.49 26.98
CA THR L 93 -47.56 -21.90 27.13
C THR L 93 -46.61 -20.94 26.40
N ALA L 94 -46.95 -20.59 25.16
CA ALA L 94 -46.09 -19.68 24.38
C ALA L 94 -45.93 -18.34 25.08
N VAL L 95 -47.04 -17.81 25.61
CA VAL L 95 -47.00 -16.49 26.23
C VAL L 95 -46.14 -16.52 27.49
N LEU L 96 -46.30 -17.55 28.31
CA LEU L 96 -45.56 -17.63 29.57
C LEU L 96 -44.09 -18.01 29.32
N MET L 97 -43.86 -18.93 28.38
CA MET L 97 -42.50 -19.31 28.00
C MET L 97 -41.70 -18.09 27.54
N ASN L 98 -42.34 -17.22 26.74
CA ASN L 98 -41.71 -16.00 26.27
C ASN L 98 -41.26 -15.13 27.44
N LYS L 99 -42.00 -15.15 28.55
CA LYS L 99 -41.58 -14.44 29.75
C LYS L 99 -40.51 -15.18 30.55
N ALA L 100 -40.32 -16.48 30.34
CA ALA L 100 -39.50 -17.27 31.24
C ALA L 100 -38.03 -17.04 30.95
N ASP L 101 -37.26 -16.74 32.00
CA ASP L 101 -35.81 -16.72 31.88
C ASP L 101 -35.24 -18.13 31.73
N PHE L 102 -35.74 -19.08 32.51
CA PHE L 102 -35.26 -20.45 32.38
C PHE L 102 -36.38 -21.39 32.82
N VAL L 103 -36.16 -22.69 32.58
CA VAL L 103 -37.23 -23.68 32.61
C VAL L 103 -36.83 -24.84 33.50
N ILE L 104 -37.80 -25.37 34.27
CA ILE L 104 -37.67 -26.61 35.03
C ILE L 104 -38.76 -27.57 34.57
N ALA L 105 -38.35 -28.75 34.09
CA ALA L 105 -39.26 -29.78 33.58
C ALA L 105 -39.09 -31.06 34.39
N LEU L 106 -40.21 -31.59 34.89
CA LEU L 106 -40.20 -32.74 35.78
C LEU L 106 -40.90 -33.88 35.08
N PHE L 107 -40.26 -35.05 35.05
CA PHE L 107 -40.85 -36.27 34.51
C PHE L 107 -41.20 -37.24 35.64
N GLY L 108 -42.27 -38.02 35.43
CA GLY L 108 -42.66 -39.08 36.33
C GLY L 108 -43.00 -40.35 35.58
N GLU L 109 -43.27 -41.40 36.35
CA GLU L 109 -43.41 -42.73 35.77
C GLU L 109 -44.74 -42.93 35.03
N LYS L 110 -45.68 -42.01 35.15
CA LYS L 110 -47.03 -42.18 34.61
C LYS L 110 -47.25 -41.26 33.42
N TYR L 111 -48.06 -41.74 32.46
CA TYR L 111 -48.54 -40.98 31.31
C TYR L 111 -47.46 -40.78 30.24
N LYS L 112 -47.89 -40.48 29.01
CA LYS L 112 -46.95 -40.36 27.89
C LYS L 112 -46.02 -39.18 28.06
N GLN L 113 -46.54 -38.04 28.53
CA GLN L 113 -45.70 -36.88 28.84
C GLN L 113 -44.93 -36.42 27.60
N TRP L 114 -45.55 -36.52 26.43
CA TRP L 114 -44.95 -35.90 25.26
C TRP L 114 -45.04 -34.38 25.33
N ASN L 115 -46.03 -33.86 26.06
CA ASN L 115 -46.09 -32.42 26.27
C ASN L 115 -44.87 -31.95 27.05
N THR L 116 -44.44 -32.71 28.06
CA THR L 116 -43.29 -32.29 28.85
C THR L 116 -42.02 -32.31 28.01
N ALA L 117 -41.80 -33.38 27.24
CA ALA L 117 -40.62 -33.44 26.37
C ALA L 117 -40.64 -32.29 25.37
N MET L 118 -41.83 -31.86 24.96
CA MET L 118 -41.95 -30.77 24.00
C MET L 118 -41.48 -29.45 24.60
N ASP L 119 -41.97 -29.13 25.80
CA ASP L 119 -41.55 -27.89 26.47
C ASP L 119 -40.05 -27.91 26.79
N ALA L 120 -39.56 -29.03 27.31
CA ALA L 120 -38.12 -29.15 27.60
C ALA L 120 -37.28 -28.90 26.35
N SER L 121 -37.62 -29.57 25.25
CA SER L 121 -36.85 -29.42 24.01
C SER L 121 -36.95 -28.01 23.46
N TYR L 122 -38.14 -27.40 23.57
CA TYR L 122 -38.33 -26.00 23.21
C TYR L 122 -37.38 -25.10 23.98
N ALA L 123 -37.30 -25.28 25.30
CA ALA L 123 -36.38 -24.49 26.13
C ALA L 123 -34.97 -24.57 25.60
N ILE L 124 -34.50 -25.79 25.32
CA ILE L 124 -33.15 -25.99 24.82
C ILE L 124 -32.97 -25.32 23.47
N ALA L 125 -33.94 -25.54 22.57
CA ALA L 125 -33.84 -24.96 21.24
C ALA L 125 -33.78 -23.45 21.27
N LYS L 126 -34.45 -22.82 22.23
CA LYS L 126 -34.42 -21.36 22.32
C LYS L 126 -33.27 -20.85 23.17
N GLY L 127 -32.41 -21.73 23.68
CA GLY L 127 -31.33 -21.29 24.53
C GLY L 127 -31.72 -20.88 25.94
N LYS L 128 -32.85 -21.34 26.45
CA LYS L 128 -33.21 -21.09 27.84
C LYS L 128 -32.60 -22.20 28.69
N PRO L 129 -31.80 -21.89 29.70
CA PRO L 129 -31.26 -22.96 30.57
C PRO L 129 -32.38 -23.87 31.07
N LEU L 130 -32.08 -25.16 31.17
CA LEU L 130 -33.08 -26.16 31.52
C LEU L 130 -32.60 -27.05 32.66
N ILE L 131 -33.43 -27.18 33.69
CA ILE L 131 -33.24 -28.19 34.71
C ILE L 131 -34.25 -29.29 34.47
N ILE L 132 -33.77 -30.54 34.40
CA ILE L 132 -34.67 -31.69 34.27
C ILE L 132 -34.67 -32.43 35.60
N ILE L 133 -35.87 -32.74 36.08
CA ILE L 133 -36.07 -33.50 37.31
C ILE L 133 -36.66 -34.84 36.88
N ARG L 134 -35.98 -35.93 37.22
CA ARG L 134 -36.44 -37.22 36.71
C ARG L 134 -35.91 -38.34 37.57
N PRO L 135 -36.67 -39.41 37.78
CA PRO L 135 -36.13 -40.55 38.54
C PRO L 135 -35.15 -41.34 37.69
N GLU L 136 -34.08 -41.82 38.35
CA GLU L 136 -33.02 -42.52 37.63
C GLU L 136 -33.55 -43.72 36.82
N SER L 137 -34.64 -44.34 37.25
CA SER L 137 -35.20 -45.47 36.51
C SER L 137 -35.75 -45.08 35.15
N LEU L 138 -35.90 -43.78 34.87
CA LEU L 138 -36.28 -43.30 33.55
C LEU L 138 -35.11 -42.71 32.78
N HIS L 139 -33.86 -43.00 33.21
CA HIS L 139 -32.70 -42.39 32.57
C HIS L 139 -32.59 -42.80 31.11
N HIS L 140 -32.82 -44.08 30.80
CA HIS L 140 -32.62 -44.54 29.42
C HIS L 140 -33.55 -43.84 28.44
N PRO L 141 -34.87 -43.75 28.66
CA PRO L 141 -35.72 -43.09 27.66
C PRO L 141 -35.53 -41.57 27.62
N LEU L 142 -34.94 -40.98 28.65
CA LEU L 142 -34.68 -39.54 28.71
C LEU L 142 -33.26 -39.17 28.29
N LYS L 143 -32.45 -40.12 27.82
CA LYS L 143 -31.01 -39.88 27.78
C LYS L 143 -30.65 -38.75 26.81
N GLU L 144 -31.27 -38.72 25.62
CA GLU L 144 -30.98 -37.62 24.69
C GLU L 144 -31.39 -36.28 25.28
N LEU L 145 -32.55 -36.25 25.95
CA LEU L 145 -33.07 -34.98 26.44
C LEU L 145 -32.25 -34.49 27.65
N SER L 146 -31.91 -35.39 28.58
CA SER L 146 -31.12 -34.98 29.74
C SER L 146 -29.69 -34.64 29.35
N ASN L 147 -29.14 -35.31 28.34
CA ASN L 147 -27.81 -34.94 27.85
C ASN L 147 -27.78 -33.49 27.36
N LYS L 148 -28.91 -32.99 26.82
CA LYS L 148 -28.99 -31.60 26.36
C LYS L 148 -29.31 -30.63 27.49
N ALA L 149 -29.87 -31.11 28.59
CA ALA L 149 -30.24 -30.20 29.65
C ALA L 149 -28.98 -29.65 30.34
N ASN L 150 -29.11 -28.49 31.00
CA ASN L 150 -28.01 -27.99 31.81
C ASN L 150 -27.77 -28.87 33.05
N ILE L 151 -28.86 -29.31 33.68
CA ILE L 151 -28.85 -30.05 34.96
C ILE L 151 -29.93 -31.13 34.90
N THR L 152 -29.55 -32.36 35.23
CA THR L 152 -30.50 -33.45 35.49
C THR L 152 -30.35 -33.89 36.95
N VAL L 153 -31.44 -33.84 37.71
CA VAL L 153 -31.49 -34.28 39.10
C VAL L 153 -32.67 -35.24 39.23
N GLU L 154 -32.80 -35.84 40.41
CA GLU L 154 -33.88 -36.77 40.66
C GLU L 154 -34.95 -36.25 41.60
N THR L 155 -34.65 -35.21 42.39
CA THR L 155 -35.61 -34.71 43.36
C THR L 155 -35.80 -33.21 43.21
N VAL L 156 -36.98 -32.76 43.64
CA VAL L 156 -37.20 -31.33 43.78
C VAL L 156 -36.16 -30.71 44.69
N ASN L 157 -35.78 -31.42 45.77
CA ASN L 157 -34.81 -30.87 46.71
C ASN L 157 -33.47 -30.57 46.05
N GLN L 158 -33.02 -31.42 45.14
CA GLN L 158 -31.78 -31.14 44.42
C GLN L 158 -31.92 -29.93 43.51
N ALA L 159 -33.06 -29.79 42.82
CA ALA L 159 -33.26 -28.63 41.96
C ALA L 159 -33.28 -27.35 42.77
N ILE L 160 -33.86 -27.41 43.97
CA ILE L 160 -33.87 -26.25 44.86
C ILE L 160 -32.44 -25.84 45.22
N LYS L 161 -31.56 -26.81 45.46
CA LYS L 161 -30.19 -26.45 45.77
C LYS L 161 -29.52 -25.76 44.59
N ALA L 162 -29.86 -26.21 43.37
CA ALA L 162 -29.36 -25.57 42.16
C ALA L 162 -29.88 -24.15 42.05
N LEU L 163 -31.15 -23.94 42.43
CA LEU L 163 -31.74 -22.60 42.42
C LEU L 163 -31.07 -21.69 43.44
N SER L 164 -30.78 -22.21 44.63
CA SER L 164 -30.13 -21.41 45.67
C SER L 164 -28.73 -21.01 45.27
N TYR L 165 -27.97 -21.94 44.69
CA TYR L 165 -26.60 -21.66 44.29
C TYR L 165 -26.51 -20.49 43.33
N LEU L 166 -27.56 -20.25 42.55
CA LEU L 166 -27.60 -19.10 41.59
C LEU L 166 -27.31 -17.81 42.32
N PHE L 167 -27.89 -17.63 43.50
CA PHE L 167 -27.80 -16.35 44.23
C PHE L 167 -26.77 -16.38 45.35
N GLU L 168 -26.16 -17.51 45.65
CA GLU L 168 -25.28 -17.52 46.85
C GLU L 168 -23.94 -16.81 46.61
N THR L 169 -23.32 -16.34 47.68
CA THR L 169 -22.08 -15.54 47.60
C THR L 169 -20.85 -16.34 48.06
N GLU L 170 -21.04 -17.40 48.85
CA GLU L 170 -19.90 -18.21 49.38
C GLU L 170 -20.39 -19.63 49.73
N MET M 23 -47.48 -10.71 36.45
CA MET M 23 -46.59 -9.99 35.54
C MET M 23 -47.40 -9.17 34.51
N GLU M 24 -46.77 -8.17 33.92
CA GLU M 24 -47.44 -7.29 32.97
C GLU M 24 -47.27 -7.80 31.55
N PHE M 25 -48.31 -7.63 30.74
CA PHE M 25 -48.27 -7.96 29.32
C PHE M 25 -48.68 -6.75 28.51
N ILE M 26 -48.05 -6.59 27.35
CA ILE M 26 -48.41 -5.56 26.40
C ILE M 26 -48.96 -6.25 25.15
N VAL M 27 -50.17 -5.88 24.73
CA VAL M 27 -50.88 -6.56 23.65
C VAL M 27 -51.23 -5.55 22.57
N TYR M 28 -50.84 -5.84 21.34
CA TYR M 28 -51.13 -4.99 20.19
C TYR M 28 -52.47 -5.40 19.58
N LEU M 29 -53.36 -4.42 19.42
CA LEU M 29 -54.67 -4.69 18.83
C LEU M 29 -54.63 -4.25 17.37
N ALA M 30 -54.56 -5.22 16.47
CA ALA M 30 -54.47 -4.97 15.04
C ALA M 30 -55.86 -5.03 14.42
N GLY M 31 -56.10 -4.16 13.44
CA GLY M 31 -57.36 -4.23 12.73
C GLY M 31 -57.92 -2.87 12.34
N GLU M 32 -59.08 -2.92 11.68
CA GLU M 32 -59.73 -1.72 11.16
C GLU M 32 -59.96 -0.69 12.25
N ILE M 33 -59.70 0.57 11.92
CA ILE M 33 -59.87 1.69 12.84
C ILE M 33 -61.15 2.45 12.60
N HIS M 34 -61.97 2.01 11.63
CA HIS M 34 -63.22 2.70 11.31
C HIS M 34 -64.25 2.49 12.40
N SER M 35 -64.32 1.30 12.96
CA SER M 35 -65.21 0.96 14.06
C SER M 35 -64.46 0.99 15.38
N ASN M 36 -65.24 0.91 16.47
CA ASN M 36 -64.75 1.11 17.82
C ASN M 36 -64.65 -0.22 18.56
N TRP M 37 -64.17 -1.26 17.86
CA TRP M 37 -64.13 -2.60 18.46
C TRP M 37 -63.10 -2.71 19.58
N ARG M 38 -62.04 -1.92 19.54
CA ARG M 38 -61.02 -2.02 20.57
C ARG M 38 -61.53 -1.57 21.95
N GLU M 39 -62.57 -0.72 22.00
CA GLU M 39 -63.03 -0.22 23.29
C GLU M 39 -63.79 -1.28 24.07
N GLU M 40 -64.50 -2.16 23.37
CA GLU M 40 -65.09 -3.33 24.02
C GLU M 40 -64.00 -4.16 24.71
N ILE M 41 -62.92 -4.47 23.97
CA ILE M 41 -61.83 -5.29 24.52
C ILE M 41 -61.20 -4.59 25.73
N LYS M 42 -60.93 -3.29 25.61
CA LYS M 42 -60.28 -2.55 26.70
C LYS M 42 -61.15 -2.52 27.95
N GLU M 43 -62.43 -2.19 27.79
CA GLU M 43 -63.36 -2.14 28.91
C GLU M 43 -63.46 -3.48 29.61
N LYS M 44 -63.82 -4.53 28.86
CA LYS M 44 -64.01 -5.84 29.45
C LYS M 44 -62.76 -6.29 30.21
N THR M 45 -61.59 -6.28 29.55
CA THR M 45 -60.35 -6.68 30.21
C THR M 45 -60.14 -5.93 31.53
N LYS M 46 -60.35 -4.62 31.54
CA LYS M 46 -60.22 -3.87 32.79
C LYS M 46 -61.28 -4.30 33.81
N SER M 47 -62.45 -4.75 33.34
CA SER M 47 -63.46 -5.27 34.26
C SER M 47 -62.97 -6.51 35.00
N LEU M 48 -62.10 -7.31 34.38
CA LEU M 48 -61.53 -8.45 35.07
C LEU M 48 -60.18 -8.16 35.72
N LYS M 49 -59.63 -6.95 35.53
CA LYS M 49 -58.35 -6.55 36.15
C LYS M 49 -57.20 -7.47 35.74
N LEU M 50 -57.22 -7.92 34.49
CA LEU M 50 -56.06 -8.60 33.94
C LEU M 50 -54.91 -7.61 33.76
N PRO M 51 -53.68 -7.99 34.09
CA PRO M 51 -52.55 -7.05 33.97
C PRO M 51 -52.05 -6.91 32.54
N ILE M 52 -52.91 -6.34 31.70
CA ILE M 52 -52.70 -6.23 30.26
C ILE M 52 -52.87 -4.78 29.87
N THR M 53 -51.83 -4.22 29.26
CA THR M 53 -51.89 -2.89 28.64
C THR M 53 -52.01 -3.07 27.13
N PHE M 54 -53.02 -2.45 26.54
CA PHE M 54 -53.20 -2.60 25.10
C PHE M 54 -52.54 -1.44 24.37
N VAL M 55 -52.02 -1.73 23.18
CA VAL M 55 -51.45 -0.69 22.32
C VAL M 55 -51.96 -1.00 20.92
N GLY M 56 -51.84 -0.02 20.04
CA GLY M 56 -52.28 -0.20 18.67
C GLY M 56 -52.17 1.07 17.87
N PRO M 57 -52.83 1.12 16.71
CA PRO M 57 -52.70 2.27 15.82
C PRO M 57 -53.54 3.45 16.28
N MET M 58 -53.22 4.60 15.72
CA MET M 58 -54.09 5.76 15.87
C MET M 58 -55.51 5.42 15.42
N GLU M 59 -56.46 5.53 16.34
CA GLU M 59 -57.82 5.07 16.06
C GLU M 59 -58.68 6.12 15.37
N ASN M 60 -58.17 7.32 15.16
CA ASN M 60 -58.91 8.36 14.45
C ASN M 60 -58.58 8.25 12.96
N HIS M 61 -59.54 7.77 12.17
CA HIS M 61 -59.29 7.49 10.77
C HIS M 61 -58.86 8.73 10.01
N ASP M 62 -59.48 9.87 10.29
CA ASP M 62 -59.12 11.10 9.59
C ASP M 62 -57.76 11.63 10.06
N ARG M 63 -57.46 11.51 11.35
CA ARG M 63 -56.10 11.80 11.81
C ARG M 63 -55.08 10.90 11.11
N SER M 64 -55.34 9.59 11.08
CA SER M 64 -54.37 8.63 10.57
C SER M 64 -54.10 8.81 9.08
N ASP M 65 -55.17 9.05 8.28
CA ASP M 65 -54.98 9.29 6.85
C ASP M 65 -54.21 10.58 6.58
N ASN M 66 -54.33 11.59 7.44
CA ASN M 66 -53.77 12.89 7.12
C ASN M 66 -52.44 13.19 7.82
N ILE M 67 -51.94 12.28 8.66
CA ILE M 67 -50.78 12.58 9.49
C ILE M 67 -49.52 12.82 8.65
N GLY M 68 -49.40 12.15 7.51
CA GLY M 68 -48.23 12.39 6.67
C GLY M 68 -48.15 13.85 6.23
N GLU M 69 -49.27 14.38 5.73
CA GLU M 69 -49.33 15.77 5.30
C GLU M 69 -49.37 16.73 6.47
N GLU M 70 -49.77 16.27 7.66
CA GLU M 70 -49.71 17.12 8.84
C GLU M 70 -48.28 17.38 9.28
N ILE M 71 -47.41 16.37 9.25
CA ILE M 71 -46.01 16.48 9.77
C ILE M 71 -45.16 17.02 8.64
N MET M 72 -45.12 16.33 7.51
CA MET M 72 -44.45 16.85 6.29
C MET M 72 -45.57 17.63 5.63
N GLY M 73 -45.42 18.23 4.48
CA GLY M 73 -46.48 19.10 3.92
C GLY M 73 -47.46 18.36 3.04
N VAL M 74 -48.42 19.08 2.48
CA VAL M 74 -49.36 18.48 1.50
C VAL M 74 -48.49 17.88 0.40
N GLN M 75 -48.88 16.75 -0.16
CA GLN M 75 -48.07 15.99 -1.14
C GLN M 75 -48.57 16.23 -2.56
N PRO M 76 -47.72 15.99 -3.58
CA PRO M 76 -48.11 16.20 -4.96
C PRO M 76 -49.36 15.43 -5.39
N ASN M 77 -49.65 14.24 -4.84
CA ASN M 77 -50.77 13.44 -5.30
C ASN M 77 -51.23 12.52 -4.17
N ALA M 78 -52.23 11.70 -4.47
CA ALA M 78 -52.85 10.87 -3.45
C ALA M 78 -51.95 9.72 -3.02
N VAL M 79 -51.21 9.11 -3.96
CA VAL M 79 -50.35 7.99 -3.61
C VAL M 79 -49.29 8.46 -2.62
N LEU M 80 -48.77 9.67 -2.81
CA LEU M 80 -47.75 10.23 -1.96
C LEU M 80 -48.32 10.75 -0.64
N LYS M 81 -49.60 11.14 -0.62
CA LYS M 81 -50.22 11.46 0.65
C LYS M 81 -50.35 10.20 1.52
N ASP M 82 -50.71 9.06 0.92
CA ASP M 82 -50.84 7.82 1.67
C ASP M 82 -49.48 7.31 2.13
N ASP M 83 -48.49 7.38 1.25
CA ASP M 83 -47.15 6.91 1.54
C ASP M 83 -46.49 7.70 2.66
N LYS M 84 -46.79 9.00 2.80
CA LYS M 84 -46.23 9.78 3.90
C LYS M 84 -46.92 9.47 5.21
N ALA M 85 -48.26 9.39 5.18
CA ALA M 85 -49.00 8.93 6.35
C ALA M 85 -48.52 7.54 6.79
N SER M 86 -48.18 6.70 5.81
CA SER M 86 -47.65 5.37 6.08
C SER M 86 -46.25 5.44 6.71
N ASP M 87 -45.39 6.35 6.25
CA ASP M 87 -44.14 6.65 6.95
C ASP M 87 -44.38 6.80 8.45
N ILE M 88 -45.39 7.60 8.83
CA ILE M 88 -45.64 7.87 10.24
C ILE M 88 -46.33 6.69 10.92
N ASN M 89 -47.32 6.10 10.25
CA ASN M 89 -48.10 5.05 10.89
C ASN M 89 -47.30 3.76 11.03
N ASN M 90 -46.51 3.40 10.00
CA ASN M 90 -45.65 2.22 10.11
C ASN M 90 -44.56 2.42 11.16
N PHE M 91 -44.16 3.68 11.45
CA PHE M 91 -43.26 3.95 12.56
C PHE M 91 -43.95 3.66 13.89
N ARG M 92 -45.15 4.20 14.08
CA ARG M 92 -45.89 3.94 15.31
C ARG M 92 -46.10 2.43 15.51
N THR M 93 -46.54 1.73 14.48
CA THR M 93 -46.83 0.33 14.70
C THR M 93 -45.56 -0.46 14.94
N ALA M 94 -44.44 -0.11 14.30
CA ALA M 94 -43.21 -0.84 14.56
C ALA M 94 -42.78 -0.68 16.00
N VAL M 95 -42.83 0.56 16.52
CA VAL M 95 -42.32 0.85 17.85
C VAL M 95 -43.18 0.20 18.91
N LEU M 96 -44.50 0.26 18.74
CA LEU M 96 -45.39 -0.40 19.70
C LEU M 96 -45.34 -1.92 19.53
N MET M 97 -45.40 -2.41 18.30
CA MET M 97 -45.30 -3.85 18.08
C MET M 97 -44.02 -4.42 18.67
N ASN M 98 -42.93 -3.66 18.70
CA ASN M 98 -41.70 -4.11 19.33
C ASN M 98 -41.84 -4.23 20.84
N LYS M 99 -42.76 -3.48 21.46
CA LYS M 99 -43.08 -3.62 22.88
C LYS M 99 -44.05 -4.76 23.13
N ALA M 100 -44.73 -5.24 22.10
CA ALA M 100 -45.87 -6.13 22.29
C ALA M 100 -45.41 -7.54 22.60
N ASP M 101 -46.03 -8.14 23.63
CA ASP M 101 -45.82 -9.55 23.93
C ASP M 101 -46.65 -10.46 23.03
N PHE M 102 -47.93 -10.15 22.83
CA PHE M 102 -48.70 -10.86 21.85
C PHE M 102 -49.66 -9.90 21.18
N VAL M 103 -50.41 -10.42 20.20
CA VAL M 103 -51.17 -9.59 19.29
C VAL M 103 -52.56 -10.20 19.15
N ILE M 104 -53.57 -9.34 19.10
CA ILE M 104 -54.93 -9.71 18.70
C ILE M 104 -55.27 -8.90 17.44
N ALA M 105 -55.70 -9.58 16.40
CA ALA M 105 -56.12 -8.95 15.16
C ALA M 105 -57.57 -9.32 14.87
N LEU M 106 -58.40 -8.30 14.61
CA LEU M 106 -59.82 -8.49 14.31
C LEU M 106 -60.11 -8.17 12.85
N PHE M 107 -60.84 -9.07 12.18
CA PHE M 107 -61.34 -8.85 10.83
C PHE M 107 -62.85 -8.71 10.85
N GLY M 108 -63.37 -7.68 10.18
CA GLY M 108 -64.78 -7.49 9.99
C GLY M 108 -65.13 -7.66 8.52
N GLU M 109 -66.42 -7.50 8.22
CA GLU M 109 -66.89 -7.78 6.87
C GLU M 109 -66.80 -6.59 5.93
N LYS M 110 -66.35 -5.43 6.40
CA LYS M 110 -66.14 -4.27 5.55
C LYS M 110 -64.65 -3.97 5.44
N TYR M 111 -64.27 -3.42 4.29
CA TYR M 111 -62.94 -2.84 4.03
C TYR M 111 -61.91 -3.90 3.64
N LYS M 112 -60.89 -3.50 2.87
CA LYS M 112 -59.92 -4.46 2.35
C LYS M 112 -59.09 -5.08 3.46
N GLN M 113 -58.68 -4.28 4.45
CA GLN M 113 -58.02 -4.78 5.66
C GLN M 113 -56.71 -5.51 5.36
N TRP M 114 -56.00 -5.11 4.31
CA TRP M 114 -54.66 -5.69 4.12
C TRP M 114 -53.70 -5.23 5.20
N ASN M 115 -53.95 -4.06 5.81
CA ASN M 115 -53.17 -3.65 6.97
C ASN M 115 -53.34 -4.65 8.12
N THR M 116 -54.56 -5.13 8.36
CA THR M 116 -54.77 -6.13 9.41
C THR M 116 -54.04 -7.43 9.10
N ALA M 117 -54.13 -7.91 7.86
CA ALA M 117 -53.43 -9.16 7.52
C ALA M 117 -51.92 -8.98 7.64
N MET M 118 -51.42 -7.80 7.28
CA MET M 118 -49.99 -7.54 7.39
C MET M 118 -49.54 -7.59 8.85
N ASP M 119 -50.35 -7.02 9.76
CA ASP M 119 -49.96 -7.03 11.18
C ASP M 119 -50.00 -8.44 11.75
N ALA M 120 -51.08 -9.19 11.48
CA ALA M 120 -51.18 -10.56 11.98
C ALA M 120 -50.02 -11.41 11.47
N SER M 121 -49.74 -11.35 10.17
CA SER M 121 -48.69 -12.18 9.61
C SER M 121 -47.33 -11.76 10.15
N TYR M 122 -47.17 -10.48 10.48
CA TYR M 122 -45.93 -10.02 11.08
C TYR M 122 -45.72 -10.68 12.44
N ALA M 123 -46.77 -10.70 13.29
CA ALA M 123 -46.66 -11.32 14.60
C ALA M 123 -46.22 -12.77 14.48
N ILE M 124 -46.90 -13.53 13.63
CA ILE M 124 -46.54 -14.92 13.34
C ILE M 124 -45.08 -15.02 12.92
N ALA M 125 -44.68 -14.20 11.96
CA ALA M 125 -43.31 -14.26 11.46
C ALA M 125 -42.29 -13.96 12.55
N LYS M 126 -42.64 -13.15 13.55
CA LYS M 126 -41.72 -12.80 14.63
C LYS M 126 -41.94 -13.66 15.88
N GLY M 127 -42.75 -14.71 15.80
CA GLY M 127 -42.99 -15.52 16.97
C GLY M 127 -43.75 -14.81 18.06
N LYS M 128 -44.58 -13.85 17.70
CA LYS M 128 -45.48 -13.34 18.73
C LYS M 128 -46.80 -14.11 18.66
N PRO M 129 -47.25 -14.72 19.76
CA PRO M 129 -48.57 -15.36 19.76
C PRO M 129 -49.64 -14.44 19.19
N LEU M 130 -50.61 -15.05 18.50
CA LEU M 130 -51.63 -14.32 17.74
C LEU M 130 -53.00 -14.93 18.00
N ILE M 131 -53.94 -14.08 18.42
CA ILE M 131 -55.36 -14.41 18.39
C ILE M 131 -56.01 -13.64 17.23
N ILE M 132 -56.73 -14.35 16.38
CA ILE M 132 -57.54 -13.74 15.34
C ILE M 132 -59.00 -13.77 15.77
N ILE M 133 -59.67 -12.62 15.65
CA ILE M 133 -61.13 -12.56 15.75
C ILE M 133 -61.70 -12.38 14.36
N ARG M 134 -62.64 -13.27 13.97
CA ARG M 134 -63.21 -13.15 12.65
C ARG M 134 -64.56 -13.85 12.60
N PRO M 135 -65.56 -13.27 11.94
CA PRO M 135 -66.85 -13.96 11.79
C PRO M 135 -66.68 -15.20 10.94
N GLU M 136 -67.41 -16.26 11.29
CA GLU M 136 -67.26 -17.52 10.59
C GLU M 136 -67.51 -17.35 9.09
N SER M 137 -68.32 -16.38 8.72
CA SER M 137 -68.57 -16.05 7.31
C SER M 137 -67.30 -15.66 6.56
N LEU M 138 -66.20 -15.38 7.25
CA LEU M 138 -64.95 -15.02 6.57
C LEU M 138 -63.90 -16.12 6.70
N HIS M 139 -64.31 -17.33 7.10
N HIS M 139 -64.30 -17.31 7.12
CA HIS M 139 -63.35 -18.41 7.31
CA HIS M 139 -63.24 -18.31 7.31
C HIS M 139 -62.55 -18.72 6.05
C HIS M 139 -62.49 -18.57 6.02
N HIS M 140 -63.19 -18.67 4.87
CA HIS M 140 -62.47 -19.08 3.67
C HIS M 140 -61.43 -18.06 3.21
N PRO M 141 -61.73 -16.75 3.14
CA PRO M 141 -60.66 -15.80 2.74
C PRO M 141 -59.54 -15.68 3.76
N LEU M 142 -59.73 -16.21 4.99
CA LEU M 142 -58.72 -16.13 6.04
C LEU M 142 -58.08 -17.48 6.33
N LYS M 143 -58.37 -18.52 5.54
CA LYS M 143 -58.05 -19.88 5.98
C LYS M 143 -56.55 -20.07 6.18
N GLU M 144 -55.71 -19.43 5.36
CA GLU M 144 -54.27 -19.57 5.54
C GLU M 144 -53.82 -18.87 6.81
N LEU M 145 -54.36 -17.66 7.07
CA LEU M 145 -53.93 -16.86 8.20
C LEU M 145 -54.43 -17.42 9.52
N SER M 146 -55.68 -17.93 9.56
CA SER M 146 -56.16 -18.52 10.80
C SER M 146 -55.44 -19.82 11.13
N ASN M 147 -55.10 -20.58 10.09
CA ASN M 147 -54.31 -21.80 10.27
C ASN M 147 -52.96 -21.51 10.96
N LYS M 148 -52.34 -20.34 10.69
CA LYS M 148 -51.06 -19.99 11.30
C LYS M 148 -51.19 -19.35 12.68
N ALA M 149 -52.34 -18.76 13.00
CA ALA M 149 -52.47 -18.11 14.30
C ALA M 149 -52.59 -19.14 15.42
N ASN M 150 -52.33 -18.70 16.65
CA ASN M 150 -52.52 -19.57 17.80
C ASN M 150 -53.99 -19.88 18.04
N ILE M 151 -54.83 -18.84 18.05
CA ILE M 151 -56.26 -18.95 18.33
C ILE M 151 -57.03 -18.17 17.28
N THR M 152 -58.07 -18.78 16.72
CA THR M 152 -59.04 -18.10 15.86
C THR M 152 -60.42 -18.23 16.49
N VAL M 153 -60.99 -17.10 16.90
CA VAL M 153 -62.34 -17.07 17.47
C VAL M 153 -63.22 -16.15 16.65
N GLU M 154 -64.52 -16.16 17.00
CA GLU M 154 -65.53 -15.41 16.28
C GLU M 154 -65.89 -14.08 16.96
N THR M 155 -65.83 -13.99 18.28
CA THR M 155 -66.24 -12.77 18.97
C THR M 155 -65.17 -12.32 19.96
N VAL M 156 -65.33 -11.07 20.38
CA VAL M 156 -64.42 -10.42 21.36
C VAL M 156 -64.53 -11.18 22.69
N ASN M 157 -65.71 -11.63 23.09
CA ASN M 157 -65.91 -12.29 24.40
C ASN M 157 -65.08 -13.57 24.43
N GLN M 158 -65.00 -14.28 23.32
CA GLN M 158 -64.22 -15.52 23.19
C GLN M 158 -62.74 -15.16 23.38
N ALA M 159 -62.28 -14.05 22.80
CA ALA M 159 -60.90 -13.59 23.02
C ALA M 159 -60.65 -13.31 24.50
N ILE M 160 -61.57 -12.59 25.14
CA ILE M 160 -61.39 -12.26 26.55
C ILE M 160 -61.22 -13.54 27.36
N LYS M 161 -61.99 -14.57 27.05
CA LYS M 161 -61.87 -15.83 27.79
C LYS M 161 -60.46 -16.40 27.69
N ALA M 162 -59.88 -16.38 26.49
CA ALA M 162 -58.50 -16.83 26.33
C ALA M 162 -57.53 -15.94 27.10
N LEU M 163 -57.79 -14.63 27.18
CA LEU M 163 -56.92 -13.76 27.98
C LEU M 163 -56.98 -14.12 29.46
N SER M 164 -58.18 -14.39 29.98
CA SER M 164 -58.33 -14.78 31.38
C SER M 164 -57.66 -16.10 31.69
N TYR M 165 -57.79 -17.07 30.77
CA TYR M 165 -57.18 -18.40 30.94
C TYR M 165 -55.67 -18.32 31.11
N LEU M 166 -55.07 -17.21 30.68
CA LEU M 166 -53.64 -16.99 30.86
C LEU M 166 -53.29 -16.85 32.34
N PHE M 167 -54.19 -16.26 33.12
CA PHE M 167 -53.89 -15.96 34.54
C PHE M 167 -54.74 -16.83 35.47
N GLU M 168 -55.40 -17.86 34.99
CA GLU M 168 -56.34 -18.65 35.83
C GLU M 168 -55.57 -19.74 36.60
N THR M 169 -56.02 -20.10 37.80
CA THR M 169 -55.40 -21.14 38.65
C THR M 169 -56.23 -22.42 38.52
N GLU M 170 -57.47 -22.31 38.06
CA GLU M 170 -58.40 -23.46 37.94
C GLU M 170 -59.49 -23.12 36.91
N MET N 23 -24.71 -15.82 -9.88
CA MET N 23 -25.19 -16.88 -8.97
C MET N 23 -26.67 -17.16 -9.25
N GLU N 24 -27.29 -18.07 -8.51
CA GLU N 24 -28.69 -18.45 -8.79
C GLU N 24 -29.62 -17.79 -7.78
N PHE N 25 -30.85 -17.46 -8.18
CA PHE N 25 -31.82 -16.87 -7.24
C PHE N 25 -33.15 -17.63 -7.27
N ILE N 26 -33.75 -17.80 -6.11
CA ILE N 26 -35.06 -18.42 -6.01
C ILE N 26 -36.04 -17.35 -5.56
N VAL N 27 -37.13 -17.20 -6.31
CA VAL N 27 -38.07 -16.11 -6.12
C VAL N 27 -39.46 -16.70 -5.90
N TYR N 28 -40.11 -16.25 -4.83
CA TYR N 28 -41.46 -16.69 -4.52
C TYR N 28 -42.43 -15.71 -5.15
N LEU N 29 -43.33 -16.21 -6.00
CA LEU N 29 -44.39 -15.42 -6.59
C LEU N 29 -45.66 -15.63 -5.75
N ALA N 30 -45.99 -14.67 -4.91
CA ALA N 30 -47.17 -14.73 -4.02
C ALA N 30 -48.31 -13.96 -4.67
N GLY N 31 -49.54 -14.43 -4.51
CA GLY N 31 -50.71 -13.71 -5.04
C GLY N 31 -51.86 -14.58 -5.51
N GLU N 32 -52.82 -13.94 -6.17
CA GLU N 32 -54.00 -14.61 -6.75
C GLU N 32 -53.62 -15.70 -7.75
N ILE N 33 -54.10 -16.92 -7.57
CA ILE N 33 -53.82 -18.05 -8.51
C ILE N 33 -54.98 -18.12 -9.50
N HIS N 34 -55.80 -17.06 -9.58
CA HIS N 34 -57.00 -17.03 -10.45
C HIS N 34 -56.61 -16.51 -11.83
N SER N 35 -55.55 -15.70 -11.96
CA SER N 35 -55.14 -15.28 -13.30
C SER N 35 -53.76 -15.86 -13.55
N ASN N 36 -53.13 -15.46 -14.65
CA ASN N 36 -51.94 -16.16 -15.11
C ASN N 36 -50.72 -15.25 -15.19
N TRP N 37 -50.68 -14.24 -14.32
CA TRP N 37 -49.55 -13.30 -14.29
C TRP N 37 -48.23 -14.02 -14.09
N ARG N 38 -48.24 -15.09 -13.29
CA ARG N 38 -47.01 -15.82 -13.04
C ARG N 38 -46.39 -16.34 -14.33
N GLU N 39 -47.21 -16.86 -15.25
CA GLU N 39 -46.64 -17.33 -16.50
C GLU N 39 -46.07 -16.17 -17.30
N GLU N 40 -46.63 -14.98 -17.17
CA GLU N 40 -46.09 -13.78 -17.84
C GLU N 40 -44.72 -13.44 -17.24
N ILE N 41 -44.54 -13.51 -15.92
CA ILE N 41 -43.25 -13.20 -15.31
C ILE N 41 -42.20 -14.21 -15.76
N LYS N 42 -42.55 -15.49 -15.73
CA LYS N 42 -41.61 -16.55 -16.07
C LYS N 42 -41.18 -16.43 -17.53
N GLU N 43 -42.11 -16.14 -18.41
CA GLU N 43 -41.77 -16.08 -19.85
C GLU N 43 -40.81 -14.93 -20.12
N LYS N 44 -41.08 -13.74 -19.59
CA LYS N 44 -40.24 -12.55 -19.87
C LYS N 44 -38.88 -12.71 -19.18
N THR N 45 -38.81 -13.39 -18.04
CA THR N 45 -37.54 -13.62 -17.31
C THR N 45 -36.68 -14.56 -18.18
N LYS N 46 -37.27 -15.63 -18.71
CA LYS N 46 -36.56 -16.59 -19.58
C LYS N 46 -36.14 -15.90 -20.88
N SER N 47 -36.92 -14.93 -21.37
CA SER N 47 -36.64 -14.21 -22.62
C SER N 47 -35.36 -13.38 -22.43
N LEU N 48 -35.07 -12.95 -21.21
CA LEU N 48 -33.87 -12.15 -20.87
C LEU N 48 -32.77 -13.08 -20.35
N LYS N 49 -33.10 -14.34 -20.08
CA LYS N 49 -32.16 -15.39 -19.59
C LYS N 49 -31.57 -14.98 -18.24
N LEU N 50 -32.39 -14.50 -17.30
CA LEU N 50 -31.92 -14.18 -15.96
C LEU N 50 -31.73 -15.47 -15.14
N PRO N 51 -30.73 -15.53 -14.28
CA PRO N 51 -30.55 -16.70 -13.42
C PRO N 51 -31.54 -16.72 -12.26
N ILE N 52 -32.82 -16.86 -12.58
CA ILE N 52 -33.89 -16.84 -11.58
C ILE N 52 -34.78 -18.05 -11.78
N THR N 53 -35.07 -18.75 -10.70
CA THR N 53 -36.08 -19.81 -10.64
C THR N 53 -37.24 -19.32 -9.80
N PHE N 54 -38.47 -19.59 -10.25
CA PHE N 54 -39.65 -19.13 -9.55
C PHE N 54 -40.34 -20.29 -8.84
N VAL N 55 -40.72 -20.04 -7.60
CA VAL N 55 -41.48 -20.99 -6.81
C VAL N 55 -42.75 -20.28 -6.40
N GLY N 56 -43.71 -21.05 -5.94
CA GLY N 56 -44.93 -20.47 -5.46
C GLY N 56 -46.01 -21.50 -5.24
N PRO N 57 -47.21 -21.02 -4.95
CA PRO N 57 -48.30 -21.93 -4.57
C PRO N 57 -48.83 -22.75 -5.73
N MET N 58 -49.65 -23.72 -5.38
CA MET N 58 -50.41 -24.48 -6.36
C MET N 58 -51.36 -23.54 -7.08
N GLU N 59 -51.22 -23.41 -8.40
CA GLU N 59 -51.97 -22.44 -9.18
C GLU N 59 -53.33 -22.97 -9.65
N ASN N 60 -53.66 -24.20 -9.31
CA ASN N 60 -54.95 -24.81 -9.62
C ASN N 60 -55.85 -24.57 -8.41
N HIS N 61 -56.84 -23.69 -8.56
CA HIS N 61 -57.68 -23.29 -7.44
C HIS N 61 -58.48 -24.46 -6.87
N ASP N 62 -59.04 -25.30 -7.74
CA ASP N 62 -59.87 -26.38 -7.20
C ASP N 62 -58.98 -27.41 -6.48
N ARG N 63 -57.84 -27.75 -7.07
CA ARG N 63 -56.86 -28.58 -6.38
C ARG N 63 -56.50 -27.97 -5.05
N SER N 64 -56.18 -26.67 -5.04
CA SER N 64 -55.76 -25.98 -3.82
C SER N 64 -56.86 -26.00 -2.76
N ASP N 65 -58.07 -25.58 -3.13
CA ASP N 65 -59.17 -25.58 -2.15
C ASP N 65 -59.42 -26.97 -1.60
N ASN N 66 -59.21 -28.01 -2.39
CA ASN N 66 -59.61 -29.35 -1.99
C ASN N 66 -58.48 -30.27 -1.55
N ILE N 67 -57.21 -29.79 -1.56
CA ILE N 67 -56.10 -30.68 -1.24
C ILE N 67 -56.25 -31.28 0.15
N GLY N 68 -56.88 -30.55 1.08
CA GLY N 68 -57.03 -31.07 2.43
C GLY N 68 -57.84 -32.35 2.49
N GLU N 69 -58.98 -32.37 1.77
CA GLU N 69 -59.81 -33.57 1.75
C GLU N 69 -59.17 -34.68 0.92
N GLU N 70 -58.42 -34.32 -0.11
CA GLU N 70 -57.76 -35.32 -0.95
C GLU N 70 -56.70 -36.10 -0.17
N ILE N 71 -56.09 -35.51 0.84
CA ILE N 71 -55.08 -36.20 1.63
C ILE N 71 -55.65 -36.76 2.93
N MET N 72 -56.47 -35.99 3.63
CA MET N 72 -56.94 -36.39 4.95
C MET N 72 -58.40 -36.80 4.98
N GLY N 73 -58.99 -36.99 3.81
CA GLY N 73 -60.36 -37.48 3.72
C GLY N 73 -61.31 -36.34 3.90
N VAL N 74 -62.52 -36.55 3.43
CA VAL N 74 -63.54 -35.49 3.48
C VAL N 74 -63.82 -35.08 4.95
N GLN N 75 -64.19 -33.82 5.27
CA GLN N 75 -64.35 -33.26 6.66
C GLN N 75 -65.80 -32.97 7.09
N PRO N 76 -66.12 -32.73 8.40
CA PRO N 76 -67.53 -32.54 8.81
C PRO N 76 -68.14 -31.21 8.39
N ASN N 77 -67.34 -30.18 8.14
CA ASN N 77 -67.88 -28.85 7.82
C ASN N 77 -66.87 -28.08 6.99
N ALA N 78 -67.27 -26.90 6.53
CA ALA N 78 -66.47 -26.15 5.56
C ALA N 78 -65.26 -25.47 6.21
N VAL N 79 -65.38 -25.03 7.46
CA VAL N 79 -64.21 -24.48 8.16
C VAL N 79 -63.12 -25.55 8.29
N LEU N 80 -63.51 -26.78 8.66
CA LEU N 80 -62.53 -27.84 8.79
C LEU N 80 -61.94 -28.24 7.45
N LYS N 81 -62.74 -28.24 6.38
CA LYS N 81 -62.19 -28.54 5.08
C LYS N 81 -61.16 -27.50 4.64
N ASP N 82 -61.42 -26.23 4.96
CA ASP N 82 -60.49 -25.16 4.61
C ASP N 82 -59.23 -25.21 5.46
N ASP N 83 -59.37 -25.55 6.74
CA ASP N 83 -58.22 -25.68 7.63
C ASP N 83 -57.28 -26.79 7.17
N LYS N 84 -57.85 -27.92 6.75
CA LYS N 84 -57.01 -29.04 6.31
C LYS N 84 -56.27 -28.69 5.04
N ALA N 85 -56.94 -28.01 4.10
CA ALA N 85 -56.26 -27.53 2.90
C ALA N 85 -55.19 -26.51 3.25
N SER N 86 -55.40 -25.74 4.32
CA SER N 86 -54.43 -24.74 4.73
C SER N 86 -53.22 -25.36 5.41
N ASP N 87 -53.41 -26.48 6.13
CA ASP N 87 -52.26 -27.26 6.61
C ASP N 87 -51.28 -27.54 5.49
N ILE N 88 -51.79 -28.10 4.38
CA ILE N 88 -50.92 -28.52 3.28
C ILE N 88 -50.39 -27.32 2.51
N ASN N 89 -51.25 -26.33 2.25
CA ASN N 89 -50.81 -25.18 1.45
C ASN N 89 -49.83 -24.30 2.24
N ASN N 90 -50.01 -24.18 3.56
CA ASN N 90 -49.02 -23.49 4.38
C ASN N 90 -47.76 -24.32 4.60
N PHE N 91 -47.83 -25.64 4.46
CA PHE N 91 -46.60 -26.42 4.48
C PHE N 91 -45.81 -26.21 3.20
N ARG N 92 -46.49 -26.20 2.05
CA ARG N 92 -45.80 -25.92 0.79
C ARG N 92 -45.25 -24.50 0.76
N THR N 93 -46.03 -23.52 1.23
CA THR N 93 -45.59 -22.13 1.25
C THR N 93 -44.36 -21.94 2.15
N ALA N 94 -44.42 -22.49 3.37
CA ALA N 94 -43.30 -22.43 4.30
C ALA N 94 -42.03 -23.05 3.73
N VAL N 95 -42.13 -24.27 3.22
CA VAL N 95 -40.96 -24.96 2.67
C VAL N 95 -40.38 -24.18 1.49
N LEU N 96 -41.24 -23.65 0.62
CA LEU N 96 -40.76 -22.92 -0.57
C LEU N 96 -40.29 -21.51 -0.22
N MET N 97 -40.97 -20.82 0.69
CA MET N 97 -40.48 -19.53 1.16
C MET N 97 -39.08 -19.65 1.76
N ASN N 98 -38.84 -20.73 2.50
CA ASN N 98 -37.54 -20.93 3.13
C ASN N 98 -36.43 -21.08 2.09
N LYS N 99 -36.79 -21.41 0.84
CA LYS N 99 -35.83 -21.49 -0.25
C LYS N 99 -35.72 -20.18 -1.02
N ALA N 100 -36.63 -19.23 -0.81
CA ALA N 100 -36.68 -18.04 -1.64
C ALA N 100 -35.68 -17.00 -1.16
N ASP N 101 -34.94 -16.43 -2.10
CA ASP N 101 -34.09 -15.30 -1.76
C ASP N 101 -34.89 -14.02 -1.66
N PHE N 102 -35.90 -13.88 -2.52
CA PHE N 102 -36.77 -12.72 -2.42
C PHE N 102 -38.09 -13.03 -3.10
N VAL N 103 -39.01 -12.07 -3.01
CA VAL N 103 -40.43 -12.33 -3.17
C VAL N 103 -41.02 -11.24 -4.06
N ILE N 104 -41.88 -11.65 -5.00
CA ILE N 104 -42.73 -10.75 -5.77
C ILE N 104 -44.18 -11.05 -5.39
N ALA N 105 -44.92 -10.04 -4.96
CA ALA N 105 -46.33 -10.21 -4.60
C ALA N 105 -47.22 -9.31 -5.46
N LEU N 106 -48.16 -9.92 -6.18
CA LEU N 106 -49.09 -9.20 -7.04
C LEU N 106 -50.47 -9.13 -6.37
N PHE N 107 -51.06 -7.94 -6.35
CA PHE N 107 -52.43 -7.71 -5.92
C PHE N 107 -53.32 -7.39 -7.11
N GLY N 108 -54.56 -7.90 -7.08
CA GLY N 108 -55.53 -7.63 -8.13
C GLY N 108 -56.82 -7.07 -7.55
N GLU N 109 -57.73 -6.66 -8.42
CA GLU N 109 -58.98 -5.96 -8.01
C GLU N 109 -59.96 -6.90 -7.31
N LYS N 110 -59.88 -8.21 -7.55
CA LYS N 110 -60.89 -9.16 -7.04
C LYS N 110 -60.36 -10.09 -5.95
N TYR N 111 -61.24 -10.55 -5.06
CA TYR N 111 -60.94 -11.48 -3.94
C TYR N 111 -60.31 -10.73 -2.78
N LYS N 112 -60.53 -11.20 -1.56
CA LYS N 112 -59.97 -10.55 -0.35
C LYS N 112 -58.47 -10.44 -0.59
N GLN N 113 -57.76 -11.53 -0.88
CA GLN N 113 -56.29 -11.59 -1.10
C GLN N 113 -55.58 -11.37 0.25
N TRP N 114 -56.18 -11.83 1.34
CA TRP N 114 -55.54 -11.76 2.68
C TRP N 114 -54.37 -12.72 2.71
N ASN N 115 -54.37 -13.73 1.86
CA ASN N 115 -53.26 -14.68 1.73
C ASN N 115 -52.09 -13.97 1.06
N THR N 116 -52.36 -13.08 0.09
CA THR N 116 -51.29 -12.31 -0.54
C THR N 116 -50.65 -11.34 0.44
N ALA N 117 -51.48 -10.62 1.22
CA ALA N 117 -50.94 -9.71 2.23
C ALA N 117 -50.10 -10.47 3.25
N MET N 118 -50.57 -11.64 3.68
CA MET N 118 -49.83 -12.51 4.57
C MET N 118 -48.41 -12.79 4.06
N ASP N 119 -48.31 -13.33 2.84
CA ASP N 119 -47.01 -13.71 2.32
C ASP N 119 -46.08 -12.52 2.19
N ALA N 120 -46.59 -11.38 1.69
CA ALA N 120 -45.72 -10.21 1.50
C ALA N 120 -45.22 -9.71 2.85
N SER N 121 -46.11 -9.63 3.83
CA SER N 121 -45.72 -9.26 5.18
C SER N 121 -44.71 -10.24 5.77
N TYR N 122 -44.90 -11.55 5.53
CA TYR N 122 -43.93 -12.53 5.98
C TYR N 122 -42.53 -12.18 5.46
N ALA N 123 -42.43 -11.89 4.15
CA ALA N 123 -41.14 -11.57 3.55
C ALA N 123 -40.49 -10.33 4.16
N ILE N 124 -41.29 -9.30 4.44
CA ILE N 124 -40.74 -8.12 5.12
C ILE N 124 -40.23 -8.50 6.50
N ALA N 125 -41.02 -9.27 7.24
CA ALA N 125 -40.64 -9.60 8.61
C ALA N 125 -39.42 -10.48 8.66
N LYS N 126 -39.21 -11.31 7.65
CA LYS N 126 -38.00 -12.12 7.60
C LYS N 126 -36.83 -11.45 6.89
N GLY N 127 -36.97 -10.19 6.46
CA GLY N 127 -35.88 -9.55 5.76
C GLY N 127 -35.68 -10.00 4.32
N LYS N 128 -36.67 -10.65 3.72
CA LYS N 128 -36.58 -10.99 2.30
C LYS N 128 -36.99 -9.78 1.47
N PRO N 129 -36.14 -9.31 0.58
CA PRO N 129 -36.55 -8.22 -0.32
C PRO N 129 -37.86 -8.55 -1.03
N LEU N 130 -38.67 -7.52 -1.26
CA LEU N 130 -40.03 -7.70 -1.73
C LEU N 130 -40.37 -6.67 -2.79
N ILE N 131 -40.86 -7.15 -3.94
CA ILE N 131 -41.53 -6.31 -4.93
C ILE N 131 -43.04 -6.53 -4.82
N ILE N 132 -43.79 -5.43 -4.79
CA ILE N 132 -45.24 -5.47 -4.92
C ILE N 132 -45.63 -4.96 -6.30
N ILE N 133 -46.47 -5.72 -6.98
CA ILE N 133 -47.15 -5.26 -8.18
C ILE N 133 -48.60 -4.97 -7.79
N ARG N 134 -49.06 -3.74 -8.06
CA ARG N 134 -50.42 -3.37 -7.69
C ARG N 134 -50.90 -2.23 -8.57
N PRO N 135 -52.18 -2.23 -8.98
CA PRO N 135 -52.68 -1.07 -9.73
C PRO N 135 -52.82 0.15 -8.84
N GLU N 136 -52.46 1.30 -9.40
CA GLU N 136 -52.59 2.59 -8.72
C GLU N 136 -53.91 2.71 -7.95
N SER N 137 -54.99 2.09 -8.46
CA SER N 137 -56.31 2.29 -7.87
C SER N 137 -56.47 1.58 -6.54
N LEU N 138 -55.62 0.63 -6.21
CA LEU N 138 -55.65 -0.01 -4.92
C LEU N 138 -54.58 0.54 -3.97
N HIS N 139 -53.94 1.65 -4.34
N HIS N 139 -53.94 1.64 -4.35
CA HIS N 139 -52.85 2.20 -3.52
CA HIS N 139 -52.83 2.11 -3.50
C HIS N 139 -53.30 2.53 -2.11
C HIS N 139 -53.35 2.42 -2.09
N HIS N 140 -54.54 3.04 -1.94
CA HIS N 140 -54.91 3.42 -0.57
C HIS N 140 -55.04 2.21 0.36
N PRO N 141 -55.74 1.13 0.00
CA PRO N 141 -55.78 -0.02 0.94
C PRO N 141 -54.44 -0.74 1.11
N LEU N 142 -53.50 -0.59 0.18
CA LEU N 142 -52.19 -1.21 0.25
C LEU N 142 -51.12 -0.26 0.79
N LYS N 143 -51.51 0.88 1.39
CA LYS N 143 -50.51 1.93 1.63
C LYS N 143 -49.48 1.53 2.69
N GLU N 144 -49.90 0.92 3.80
CA GLU N 144 -48.93 0.54 4.84
C GLU N 144 -47.97 -0.52 4.31
N LEU N 145 -48.53 -1.50 3.60
CA LEU N 145 -47.75 -2.62 3.08
C LEU N 145 -46.80 -2.17 1.98
N SER N 146 -47.26 -1.31 1.09
CA SER N 146 -46.41 -0.83 0.00
C SER N 146 -45.29 0.04 0.56
N ASN N 147 -45.57 0.78 1.63
CA ASN N 147 -44.53 1.57 2.28
C ASN N 147 -43.39 0.71 2.82
N LYS N 148 -43.69 -0.55 3.20
CA LYS N 148 -42.67 -1.46 3.74
C LYS N 148 -41.95 -2.25 2.67
N ALA N 149 -42.53 -2.45 1.49
CA ALA N 149 -41.86 -3.22 0.45
C ALA N 149 -40.69 -2.42 -0.12
N ASN N 150 -39.70 -3.14 -0.68
CA ASN N 150 -38.58 -2.45 -1.36
C ASN N 150 -39.05 -1.68 -2.57
N ILE N 151 -39.94 -2.28 -3.37
CA ILE N 151 -40.35 -1.73 -4.67
C ILE N 151 -41.84 -1.97 -4.84
N THR N 152 -42.59 -0.92 -5.17
CA THR N 152 -43.97 -1.08 -5.60
C THR N 152 -44.10 -0.53 -7.01
N VAL N 153 -44.69 -1.34 -7.89
CA VAL N 153 -44.85 -1.03 -9.30
C VAL N 153 -46.27 -1.37 -9.72
N GLU N 154 -46.71 -0.86 -10.85
CA GLU N 154 -48.10 -1.08 -11.34
C GLU N 154 -48.21 -2.30 -12.25
N THR N 155 -47.15 -2.72 -12.94
CA THR N 155 -47.28 -3.78 -13.94
C THR N 155 -46.19 -4.83 -13.79
N VAL N 156 -46.30 -5.85 -14.62
CA VAL N 156 -45.31 -6.92 -14.69
C VAL N 156 -44.06 -6.45 -15.44
N ASN N 157 -44.23 -5.63 -16.49
CA ASN N 157 -43.08 -5.12 -17.23
C ASN N 157 -42.16 -4.31 -16.32
N GLN N 158 -42.75 -3.53 -15.41
CA GLN N 158 -41.95 -2.77 -14.45
C GLN N 158 -41.14 -3.71 -13.55
N ALA N 159 -41.80 -4.72 -12.97
CA ALA N 159 -41.10 -5.65 -12.09
C ALA N 159 -39.95 -6.33 -12.83
N ILE N 160 -40.14 -6.63 -14.11
CA ILE N 160 -39.10 -7.28 -14.91
C ILE N 160 -37.89 -6.37 -15.08
N LYS N 161 -38.11 -5.05 -15.19
CA LYS N 161 -36.99 -4.13 -15.32
C LYS N 161 -36.16 -4.07 -14.05
N ALA N 162 -36.80 -4.05 -12.88
CA ALA N 162 -36.06 -4.16 -11.62
C ALA N 162 -35.30 -5.48 -11.54
N LEU N 163 -35.92 -6.59 -11.94
CA LEU N 163 -35.21 -7.87 -11.94
C LEU N 163 -33.97 -7.81 -12.82
N SER N 164 -34.13 -7.29 -14.05
CA SER N 164 -33.00 -7.14 -14.96
C SER N 164 -31.91 -6.23 -14.39
N TYR N 165 -32.32 -5.16 -13.70
CA TYR N 165 -31.35 -4.22 -13.15
C TYR N 165 -30.44 -4.88 -12.12
N LEU N 166 -30.95 -5.94 -11.47
CA LEU N 166 -30.15 -6.76 -10.57
C LEU N 166 -28.85 -7.22 -11.21
N PHE N 167 -28.89 -7.58 -12.49
CA PHE N 167 -27.71 -8.19 -13.12
C PHE N 167 -27.04 -7.28 -14.13
N GLU N 168 -27.63 -6.12 -14.39
CA GLU N 168 -27.09 -5.19 -15.41
C GLU N 168 -25.73 -4.62 -14.99
N THR N 169 -24.90 -4.28 -15.97
CA THR N 169 -23.53 -3.75 -15.71
C THR N 169 -23.43 -2.30 -16.16
N GLU N 170 -24.41 -1.78 -16.90
CA GLU N 170 -24.42 -0.34 -17.30
C GLU N 170 -25.84 0.09 -17.69
N MET O 23 39.50 15.85 8.97
CA MET O 23 40.31 16.27 7.79
C MET O 23 41.50 15.31 7.63
N GLU O 24 41.23 14.09 7.16
CA GLU O 24 42.34 13.15 6.86
C GLU O 24 42.56 13.19 5.35
N PHE O 25 43.80 13.02 4.91
CA PHE O 25 44.13 13.02 3.50
C PHE O 25 44.86 11.73 3.16
N ILE O 26 44.56 11.17 1.99
CA ILE O 26 45.25 10.00 1.46
C ILE O 26 46.05 10.48 0.27
N VAL O 27 47.33 10.12 0.24
CA VAL O 27 48.24 10.60 -0.78
C VAL O 27 48.88 9.42 -1.48
N TYR O 28 48.78 9.41 -2.80
CA TYR O 28 49.47 8.39 -3.58
C TYR O 28 50.91 8.81 -3.79
N LEU O 29 51.83 7.86 -3.57
CA LEU O 29 53.27 8.08 -3.81
C LEU O 29 53.67 7.36 -5.10
N ALA O 30 53.81 8.11 -6.19
CA ALA O 30 54.18 7.55 -7.48
C ALA O 30 55.68 7.74 -7.74
N GLY O 31 56.32 6.74 -8.36
CA GLY O 31 57.76 6.81 -8.65
C GLY O 31 58.50 5.49 -8.67
N GLU O 32 59.82 5.54 -8.84
CA GLU O 32 60.72 4.35 -8.82
C GLU O 32 60.64 3.60 -7.49
N ILE O 33 60.69 2.28 -7.48
CA ILE O 33 60.61 1.47 -6.23
C ILE O 33 61.97 0.84 -5.93
N HIS O 34 63.00 1.15 -6.71
CA HIS O 34 64.38 0.61 -6.53
C HIS O 34 64.97 1.27 -5.29
N SER O 35 64.90 2.59 -5.20
CA SER O 35 65.36 3.33 -4.00
C SER O 35 64.20 3.39 -3.01
N ASN O 36 64.47 3.83 -1.78
CA ASN O 36 63.44 3.85 -0.71
C ASN O 36 63.13 5.30 -0.38
N TRP O 37 62.75 6.13 -1.36
CA TRP O 37 62.40 7.50 -0.97
C TRP O 37 61.08 7.56 -0.21
N ARG O 38 60.16 6.62 -0.47
CA ARG O 38 58.85 6.64 0.19
C ARG O 38 59.00 6.53 1.70
N GLU O 39 59.92 5.68 2.16
CA GLU O 39 60.11 5.53 3.59
C GLU O 39 60.54 6.85 4.22
N GLU O 40 61.33 7.65 3.51
CA GLU O 40 61.79 8.92 4.06
C GLU O 40 60.63 9.88 4.25
N ILE O 41 59.81 10.09 3.20
CA ILE O 41 58.67 10.99 3.30
C ILE O 41 57.68 10.50 4.35
N LYS O 42 57.54 9.17 4.49
CA LYS O 42 56.66 8.62 5.52
C LYS O 42 57.15 8.98 6.91
N GLU O 43 58.45 8.78 7.18
CA GLU O 43 59.01 9.13 8.49
C GLU O 43 58.85 10.61 8.79
N LYS O 44 59.36 11.46 7.89
CA LYS O 44 59.37 12.90 8.19
C LYS O 44 57.96 13.47 8.34
N THR O 45 56.97 12.89 7.65
CA THR O 45 55.59 13.37 7.78
C THR O 45 54.98 12.92 9.11
N LYS O 46 55.20 11.65 9.48
CA LYS O 46 54.82 11.16 10.81
C LYS O 46 55.39 12.02 11.93
N SER O 47 56.68 12.39 11.79
CA SER O 47 57.32 13.21 12.81
C SER O 47 56.56 14.49 13.06
N LEU O 48 56.07 15.12 11.98
CA LEU O 48 55.30 16.36 12.08
C LEU O 48 53.85 16.11 12.49
N LYS O 49 53.44 14.84 12.60
CA LYS O 49 52.09 14.45 12.99
C LYS O 49 51.02 15.02 12.06
N LEU O 50 51.33 15.14 10.77
CA LEU O 50 50.34 15.60 9.81
C LEU O 50 49.29 14.51 9.57
N PRO O 51 48.01 14.86 9.45
CA PRO O 51 46.93 13.87 9.23
C PRO O 51 46.88 13.36 7.79
N ILE O 52 47.85 12.53 7.46
CA ILE O 52 48.04 12.02 6.11
C ILE O 52 48.29 10.52 6.19
N THR O 53 47.71 9.78 5.25
CA THR O 53 48.05 8.39 5.04
C THR O 53 48.58 8.21 3.63
N PHE O 54 49.63 7.41 3.50
CA PHE O 54 50.35 7.25 2.24
C PHE O 54 49.99 5.91 1.62
N VAL O 55 49.79 5.91 0.29
CA VAL O 55 49.58 4.70 -0.48
C VAL O 55 50.43 4.81 -1.73
N GLY O 56 50.64 3.66 -2.36
CA GLY O 56 51.48 3.57 -3.54
C GLY O 56 51.63 2.14 -4.00
N PRO O 57 52.50 1.93 -4.98
CA PRO O 57 52.64 0.60 -5.58
C PRO O 57 53.34 -0.36 -4.63
N MET O 58 53.29 -1.64 -4.99
CA MET O 58 54.15 -2.62 -4.32
C MET O 58 55.60 -2.19 -4.50
N GLU O 59 56.37 -2.25 -3.40
CA GLU O 59 57.70 -1.66 -3.40
C GLU O 59 58.81 -2.67 -3.70
N ASN O 60 58.54 -3.95 -3.49
CA ASN O 60 59.44 -5.04 -3.87
C ASN O 60 59.42 -5.21 -5.40
N HIS O 61 60.56 -4.93 -6.05
CA HIS O 61 60.60 -4.93 -7.51
C HIS O 61 60.45 -6.33 -8.08
N ASP O 62 61.06 -7.33 -7.42
CA ASP O 62 60.93 -8.70 -7.88
C ASP O 62 59.49 -9.19 -7.77
N ARG O 63 58.86 -8.94 -6.62
CA ARG O 63 57.45 -9.27 -6.44
C ARG O 63 56.60 -8.59 -7.50
N SER O 64 56.74 -7.26 -7.62
CA SER O 64 55.96 -6.51 -8.60
C SER O 64 56.13 -7.08 -10.01
N ASP O 65 57.35 -7.51 -10.35
CA ASP O 65 57.58 -8.01 -11.71
C ASP O 65 57.02 -9.42 -11.93
N ASN O 66 56.87 -10.24 -10.88
CA ASN O 66 56.41 -11.61 -11.03
C ASN O 66 55.00 -11.85 -10.52
N ILE O 67 54.28 -10.82 -10.08
CA ILE O 67 52.95 -11.02 -9.53
C ILE O 67 52.00 -11.61 -10.57
N GLY O 68 52.23 -11.27 -11.84
CA GLY O 68 51.38 -11.81 -12.90
C GLY O 68 51.49 -13.32 -13.02
N GLU O 69 52.72 -13.81 -13.13
CA GLU O 69 52.94 -15.26 -13.15
C GLU O 69 52.62 -15.91 -11.82
N GLU O 70 52.71 -15.20 -10.70
CA GLU O 70 52.45 -15.83 -9.39
C GLU O 70 50.97 -16.20 -9.29
N ILE O 71 50.08 -15.36 -9.82
CA ILE O 71 48.61 -15.55 -9.71
C ILE O 71 48.10 -16.32 -10.92
N MET O 72 48.50 -15.97 -12.13
CA MET O 72 47.94 -16.55 -13.39
C MET O 72 48.91 -17.54 -14.07
N GLY O 73 50.05 -17.87 -13.47
CA GLY O 73 50.95 -18.90 -14.00
C GLY O 73 51.94 -18.38 -15.01
N VAL O 74 52.90 -19.21 -15.43
CA VAL O 74 53.97 -18.78 -16.35
C VAL O 74 53.36 -18.42 -17.70
N GLN O 75 53.91 -17.41 -18.37
CA GLN O 75 53.41 -16.89 -19.65
C GLN O 75 54.29 -17.31 -20.82
N PRO O 76 53.72 -17.35 -22.02
CA PRO O 76 54.49 -17.80 -23.20
C PRO O 76 55.70 -16.95 -23.54
N ASN O 77 55.78 -15.72 -23.05
CA ASN O 77 56.91 -14.86 -23.39
C ASN O 77 56.98 -13.70 -22.41
N ALA O 78 58.07 -12.93 -22.53
CA ALA O 78 58.32 -11.85 -21.58
C ALA O 78 57.27 -10.75 -21.67
N VAL O 79 56.85 -10.41 -22.89
CA VAL O 79 55.84 -9.38 -23.07
C VAL O 79 54.57 -9.76 -22.31
N LEU O 80 54.16 -11.02 -22.44
CA LEU O 80 52.96 -11.47 -21.75
C LEU O 80 53.19 -11.70 -20.26
N LYS O 81 54.42 -12.05 -19.87
CA LYS O 81 54.73 -12.00 -18.44
C LYS O 81 54.56 -10.59 -17.91
N ASP O 82 54.99 -9.60 -18.68
CA ASP O 82 54.88 -8.23 -18.24
C ASP O 82 53.43 -7.75 -18.30
N ASP O 83 52.68 -8.19 -19.31
CA ASP O 83 51.29 -7.74 -19.42
C ASP O 83 50.45 -8.23 -18.24
N LYS O 84 50.57 -9.50 -17.91
CA LYS O 84 49.78 -10.05 -16.81
C LYS O 84 50.16 -9.40 -15.49
N ALA O 85 51.46 -9.13 -15.29
CA ALA O 85 51.90 -8.36 -14.12
C ALA O 85 51.26 -6.98 -14.10
N SER O 86 51.13 -6.34 -15.26
CA SER O 86 50.54 -5.02 -15.26
C SER O 86 49.04 -5.06 -14.99
N ASP O 87 48.37 -6.19 -15.31
CA ASP O 87 46.98 -6.34 -14.89
C ASP O 87 46.84 -6.12 -13.38
N ILE O 88 47.67 -6.79 -12.61
CA ILE O 88 47.54 -6.75 -11.16
C ILE O 88 48.03 -5.41 -10.61
N ASN O 89 49.14 -4.91 -11.14
CA ASN O 89 49.72 -3.66 -10.68
C ASN O 89 48.85 -2.47 -11.04
N ASN O 90 48.26 -2.47 -12.25
CA ASN O 90 47.36 -1.37 -12.62
C ASN O 90 46.06 -1.43 -11.85
N PHE O 91 45.58 -2.63 -11.52
CA PHE O 91 44.47 -2.78 -10.61
C PHE O 91 44.79 -2.14 -9.26
N ARG O 92 45.92 -2.52 -8.66
CA ARG O 92 46.29 -1.95 -7.37
C ARG O 92 46.38 -0.42 -7.46
N THR O 93 47.02 0.08 -8.52
CA THR O 93 47.16 1.54 -8.66
C THR O 93 45.81 2.21 -8.85
N ALA O 94 44.95 1.67 -9.72
CA ALA O 94 43.64 2.27 -9.95
C ALA O 94 42.85 2.35 -8.64
N VAL O 95 42.80 1.26 -7.90
CA VAL O 95 42.05 1.23 -6.64
C VAL O 95 42.59 2.26 -5.66
N LEU O 96 43.93 2.36 -5.51
CA LEU O 96 44.45 3.25 -4.48
C LEU O 96 44.41 4.69 -4.96
N MET O 97 44.65 4.93 -6.25
CA MET O 97 44.46 6.26 -6.79
C MET O 97 43.05 6.77 -6.53
N ASN O 98 42.06 5.86 -6.54
CA ASN O 98 40.68 6.30 -6.38
C ASN O 98 40.39 6.73 -4.94
N LYS O 99 41.21 6.30 -3.99
CA LYS O 99 41.10 6.76 -2.62
C LYS O 99 41.91 8.02 -2.33
N ALA O 100 42.79 8.43 -3.25
CA ALA O 100 43.82 9.44 -2.96
C ALA O 100 43.30 10.83 -3.27
N ASP O 101 43.45 11.74 -2.28
CA ASP O 101 43.12 13.15 -2.46
C ASP O 101 44.12 13.86 -3.37
N PHE O 102 45.42 13.59 -3.20
CA PHE O 102 46.40 14.14 -4.12
C PHE O 102 47.56 13.16 -4.23
N VAL O 103 48.57 13.57 -4.99
CA VAL O 103 49.59 12.66 -5.49
C VAL O 103 50.95 13.34 -5.38
N ILE O 104 51.98 12.57 -5.01
CA ILE O 104 53.37 13.00 -5.07
C ILE O 104 54.11 12.05 -6.00
N ALA O 105 54.68 12.58 -7.07
CA ALA O 105 55.47 11.82 -8.02
C ALA O 105 56.93 12.21 -7.89
N LEU O 106 57.79 11.23 -7.67
CA LEU O 106 59.24 11.47 -7.63
C LEU O 106 59.91 10.86 -8.86
N PHE O 107 60.79 11.64 -9.49
CA PHE O 107 61.65 11.17 -10.56
C PHE O 107 63.11 11.19 -10.09
N GLY O 108 63.91 10.26 -10.63
CA GLY O 108 65.35 10.19 -10.35
C GLY O 108 66.14 10.22 -11.65
N GLU O 109 67.44 9.94 -11.61
CA GLU O 109 68.30 9.99 -12.81
C GLU O 109 68.34 8.61 -13.44
N LYS O 110 67.87 7.58 -12.74
CA LYS O 110 67.97 6.17 -13.21
C LYS O 110 66.64 5.64 -13.76
N TYR O 111 66.70 4.77 -14.77
CA TYR O 111 65.54 4.05 -15.32
C TYR O 111 64.60 4.92 -16.17
N LYS O 112 63.79 4.28 -17.01
CA LYS O 112 62.88 4.96 -17.96
C LYS O 112 61.75 5.69 -17.24
N GLN O 113 61.18 5.14 -16.16
CA GLN O 113 60.18 5.81 -15.32
C GLN O 113 58.99 6.34 -16.14
N TRP O 114 58.57 5.58 -17.16
CA TRP O 114 57.36 5.94 -17.88
C TRP O 114 56.11 5.67 -17.05
N ASN O 115 56.13 4.64 -16.20
CA ASN O 115 55.06 4.42 -15.23
C ASN O 115 54.90 5.60 -14.26
N THR O 116 55.99 6.33 -13.97
CA THR O 116 55.87 7.49 -13.10
C THR O 116 55.25 8.68 -13.84
N ALA O 117 55.65 8.94 -15.08
CA ALA O 117 55.01 10.03 -15.82
C ALA O 117 53.54 9.70 -16.08
N MET O 118 53.19 8.43 -16.23
CA MET O 118 51.80 7.99 -16.41
C MET O 118 51.03 8.40 -15.14
N ASP O 119 51.48 7.96 -13.99
CA ASP O 119 50.74 8.22 -12.73
C ASP O 119 50.58 9.74 -12.54
N ALA O 120 51.59 10.53 -12.85
CA ALA O 120 51.55 12.00 -12.68
C ALA O 120 50.54 12.58 -13.65
N SER O 121 50.62 12.25 -14.94
CA SER O 121 49.72 12.76 -15.99
C SER O 121 48.29 12.31 -15.69
N TYR O 122 48.11 11.16 -15.07
CA TYR O 122 46.78 10.66 -14.68
C TYR O 122 46.28 11.60 -13.58
N ALA O 123 47.07 11.91 -12.56
CA ALA O 123 46.68 12.82 -11.48
C ALA O 123 46.19 14.12 -12.12
N ILE O 124 47.00 14.78 -12.94
CA ILE O 124 46.62 16.02 -13.60
C ILE O 124 45.31 15.83 -14.38
N ALA O 125 45.21 14.76 -15.14
CA ALA O 125 44.02 14.60 -15.97
C ALA O 125 42.76 14.47 -15.13
N LYS O 126 42.86 13.79 -13.98
CA LYS O 126 41.69 13.61 -13.09
C LYS O 126 41.46 14.77 -12.14
N GLY O 127 42.22 15.86 -12.25
CA GLY O 127 42.09 16.97 -11.33
C GLY O 127 42.53 16.68 -9.91
N LYS O 128 43.43 15.73 -9.72
CA LYS O 128 44.06 15.57 -8.42
C LYS O 128 45.32 16.43 -8.34
N PRO O 129 45.46 17.27 -7.31
CA PRO O 129 46.68 18.09 -7.21
C PRO O 129 47.94 17.21 -7.18
N LEU O 130 49.04 17.77 -7.68
CA LEU O 130 50.26 16.99 -7.88
C LEU O 130 51.49 17.78 -7.48
N ILE O 131 52.32 17.17 -6.63
CA ILE O 131 53.68 17.62 -6.37
C ILE O 131 54.61 16.72 -7.16
N ILE O 132 55.53 17.30 -7.92
CA ILE O 132 56.60 16.54 -8.57
C ILE O 132 57.91 16.88 -7.89
N ILE O 133 58.63 15.83 -7.46
CA ILE O 133 59.97 15.93 -6.92
C ILE O 133 60.93 15.47 -8.00
N ARG O 134 61.85 16.35 -8.40
CA ARG O 134 62.77 15.95 -9.47
C ARG O 134 64.04 16.77 -9.37
N PRO O 135 65.21 16.18 -9.63
CA PRO O 135 66.44 16.98 -9.60
C PRO O 135 66.45 17.99 -10.74
N GLU O 136 67.06 19.15 -10.46
CA GLU O 136 67.11 20.20 -11.47
C GLU O 136 67.77 19.72 -12.76
N SER O 137 68.70 18.77 -12.66
CA SER O 137 69.37 18.25 -13.84
C SER O 137 68.41 17.61 -14.84
N LEU O 138 67.19 17.28 -14.44
CA LEU O 138 66.20 16.70 -15.34
C LEU O 138 65.08 17.68 -15.67
N HIS O 139 65.37 18.98 -15.69
CA HIS O 139 64.31 19.97 -15.87
C HIS O 139 63.81 19.98 -17.32
N HIS O 140 64.67 19.69 -18.28
CA HIS O 140 64.27 19.79 -19.68
C HIS O 140 63.42 18.62 -20.15
N PRO O 141 63.78 17.35 -19.87
CA PRO O 141 62.89 16.24 -20.26
C PRO O 141 61.58 16.20 -19.49
N LEU O 142 61.48 16.87 -18.35
CA LEU O 142 60.28 16.89 -17.53
C LEU O 142 59.50 18.18 -17.66
N LYS O 143 59.87 19.06 -18.61
CA LYS O 143 59.41 20.45 -18.59
C LYS O 143 57.90 20.55 -18.80
N GLU O 144 57.33 19.76 -19.70
CA GLU O 144 55.89 19.80 -19.91
C GLU O 144 55.17 19.25 -18.70
N LEU O 145 55.68 18.16 -18.15
CA LEU O 145 55.04 17.56 -17.00
C LEU O 145 55.07 18.50 -15.81
N SER O 146 56.25 19.05 -15.49
CA SER O 146 56.32 19.92 -14.31
C SER O 146 55.50 21.19 -14.51
N ASN O 147 55.44 21.69 -15.75
CA ASN O 147 54.59 22.84 -16.03
C ASN O 147 53.15 22.60 -15.61
N LYS O 148 52.65 21.36 -15.77
CA LYS O 148 51.28 21.04 -15.42
C LYS O 148 51.11 20.67 -13.95
N ALA O 149 52.19 20.45 -13.20
CA ALA O 149 52.05 20.10 -11.80
C ALA O 149 51.73 21.34 -10.99
N ASN O 150 51.09 21.14 -9.83
CA ASN O 150 50.89 22.26 -8.90
C ASN O 150 52.23 22.81 -8.41
N ILE O 151 53.14 21.91 -8.03
CA ILE O 151 54.41 22.28 -7.39
C ILE O 151 55.49 21.35 -7.93
N THR O 152 56.63 21.90 -8.31
CA THR O 152 57.80 21.08 -8.67
C THR O 152 58.97 21.48 -7.78
N VAL O 153 59.47 20.53 -6.97
CA VAL O 153 60.60 20.77 -6.09
C VAL O 153 61.66 19.71 -6.35
N GLU O 154 62.81 19.89 -5.71
CA GLU O 154 63.98 19.08 -5.97
C GLU O 154 64.14 17.91 -5.01
N THR O 155 63.58 18.02 -3.80
CA THR O 155 63.91 17.14 -2.70
C THR O 155 62.66 16.78 -1.92
N VAL O 156 62.71 15.60 -1.29
CA VAL O 156 61.65 15.18 -0.37
C VAL O 156 61.41 16.25 0.69
N ASN O 157 62.49 16.85 1.23
CA ASN O 157 62.33 17.83 2.30
C ASN O 157 61.54 19.05 1.85
N GLN O 158 61.77 19.52 0.62
CA GLN O 158 60.95 20.60 0.09
C GLN O 158 59.47 20.20 0.01
N ALA O 159 59.19 18.97 -0.43
CA ALA O 159 57.81 18.49 -0.46
C ALA O 159 57.19 18.49 0.93
N ILE O 160 57.98 18.16 1.95
CA ILE O 160 57.45 18.12 3.32
C ILE O 160 56.97 19.50 3.75
N LYS O 161 57.72 20.54 3.38
CA LYS O 161 57.32 21.91 3.71
C LYS O 161 55.96 22.25 3.09
N ALA O 162 55.75 21.85 1.83
CA ALA O 162 54.46 22.10 1.19
C ALA O 162 53.33 21.39 1.94
N LEU O 163 53.56 20.13 2.33
CA LEU O 163 52.54 19.40 3.08
C LEU O 163 52.22 20.09 4.41
N SER O 164 53.26 20.49 5.15
CA SER O 164 53.02 21.17 6.43
C SER O 164 52.24 22.46 6.22
N TYR O 165 52.59 23.23 5.17
CA TYR O 165 51.90 24.50 4.90
C TYR O 165 50.42 24.30 4.62
N LEU O 166 50.01 23.08 4.29
CA LEU O 166 48.61 22.75 4.14
C LEU O 166 47.85 23.00 5.43
N PHE O 167 48.45 22.69 6.58
CA PHE O 167 47.76 22.73 7.89
C PHE O 167 48.27 23.87 8.77
N GLU O 168 49.03 24.83 8.25
CA GLU O 168 49.68 25.89 9.08
C GLU O 168 48.74 27.08 9.30
N THR O 169 48.66 27.61 10.51
CA THR O 169 47.75 28.71 10.88
C THR O 169 48.43 30.06 10.66
N GLU O 170 49.75 30.06 10.59
CA GLU O 170 50.54 31.30 10.41
C GLU O 170 51.95 30.95 9.96
N MET P 23 31.41 9.77 -41.39
CA MET P 23 31.77 10.73 -40.30
C MET P 23 33.29 10.93 -40.32
N GLU P 24 33.77 11.97 -39.66
CA GLU P 24 35.21 12.28 -39.73
C GLU P 24 35.84 12.11 -38.35
N PHE P 25 37.15 11.96 -38.29
CA PHE P 25 37.84 11.76 -37.02
C PHE P 25 39.05 12.67 -36.91
N ILE P 26 39.34 13.14 -35.71
CA ILE P 26 40.51 13.94 -35.41
C ILE P 26 41.39 13.16 -34.45
N VAL P 27 42.66 12.97 -34.80
CA VAL P 27 43.55 12.06 -34.10
C VAL P 27 44.84 12.78 -33.73
N TYR P 28 45.15 12.79 -32.43
CA TYR P 28 46.37 13.40 -31.93
C TYR P 28 47.52 12.41 -32.06
N LEU P 29 48.63 12.88 -32.62
CA LEU P 29 49.84 12.08 -32.79
C LEU P 29 50.84 12.56 -31.75
N ALA P 30 50.96 11.81 -30.66
CA ALA P 30 51.85 12.16 -29.55
C ALA P 30 53.15 11.40 -29.75
N GLY P 31 54.28 11.96 -29.35
CA GLY P 31 55.56 11.26 -29.43
C GLY P 31 56.76 12.13 -29.68
N GLU P 32 57.91 11.50 -29.87
CA GLU P 32 59.17 12.20 -30.19
C GLU P 32 59.00 12.90 -31.54
N ILE P 33 59.52 14.12 -31.71
CA ILE P 33 59.42 14.90 -32.98
C ILE P 33 60.76 14.86 -33.73
N HIS P 34 61.72 14.07 -33.26
CA HIS P 34 63.07 13.99 -33.87
C HIS P 34 63.00 13.19 -35.18
N SER P 35 61.99 12.34 -35.35
CA SER P 35 61.81 11.48 -36.54
C SER P 35 60.59 11.95 -37.33
N ASN P 36 60.43 11.51 -38.57
CA ASN P 36 59.22 11.80 -39.39
C ASN P 36 58.32 10.57 -39.32
N TRP P 37 58.11 10.02 -38.14
CA TRP P 37 57.15 8.91 -37.96
C TRP P 37 55.78 9.47 -38.32
N ARG P 38 55.54 10.74 -38.06
CA ARG P 38 54.21 11.30 -38.26
C ARG P 38 53.88 11.42 -39.74
N GLU P 39 54.86 11.79 -40.57
CA GLU P 39 54.60 11.95 -41.99
C GLU P 39 54.26 10.62 -42.64
N GLU P 40 54.90 9.53 -42.20
CA GLU P 40 54.63 8.16 -42.72
C GLU P 40 53.18 7.80 -42.40
N ILE P 41 52.76 7.99 -41.14
CA ILE P 41 51.36 7.70 -40.73
C ILE P 41 50.48 8.54 -41.65
N LYS P 42 50.71 9.84 -41.73
CA LYS P 42 49.82 10.76 -42.47
C LYS P 42 49.72 10.35 -43.93
N GLU P 43 50.81 9.89 -44.56
CA GLU P 43 50.81 9.59 -46.00
C GLU P 43 50.08 8.28 -46.25
N LYS P 44 50.31 7.26 -45.45
CA LYS P 44 49.68 5.93 -45.64
C LYS P 44 48.18 6.10 -45.42
N THR P 45 47.77 6.98 -44.51
CA THR P 45 46.35 7.23 -44.26
C THR P 45 45.69 7.88 -45.47
N LYS P 46 46.33 8.91 -46.04
CA LYS P 46 45.79 9.60 -47.21
C LYS P 46 45.63 8.64 -48.38
N SER P 47 46.62 7.76 -48.59
CA SER P 47 46.53 6.79 -49.68
C SER P 47 45.28 5.95 -49.57
N LEU P 48 44.95 5.51 -48.35
CA LEU P 48 43.73 4.74 -48.13
C LEU P 48 42.47 5.60 -48.08
N LYS P 49 42.61 6.93 -48.21
CA LYS P 49 41.47 7.85 -48.27
C LYS P 49 40.61 7.83 -46.99
N LEU P 50 41.22 7.57 -45.81
CA LEU P 50 40.42 7.45 -44.59
C LEU P 50 39.99 8.82 -44.06
N PRO P 51 38.75 8.95 -43.60
CA PRO P 51 38.28 10.27 -43.16
C PRO P 51 38.90 10.67 -41.83
N ILE P 52 40.23 10.80 -41.80
CA ILE P 52 40.97 11.12 -40.59
C ILE P 52 41.81 12.36 -40.83
N THR P 53 41.76 13.30 -39.88
CA THR P 53 42.62 14.47 -39.88
C THR P 53 43.48 14.44 -38.62
N PHE P 54 44.80 14.55 -38.81
CA PHE P 54 45.75 14.40 -37.71
C PHE P 54 46.17 15.75 -37.15
N VAL P 55 46.34 15.80 -35.83
CA VAL P 55 46.87 16.97 -35.14
C VAL P 55 48.00 16.47 -34.26
N GLY P 56 48.85 17.39 -33.82
CA GLY P 56 49.91 17.03 -32.93
C GLY P 56 50.74 18.22 -32.52
N PRO P 57 51.86 17.97 -31.84
CA PRO P 57 52.67 19.07 -31.33
C PRO P 57 53.46 19.71 -32.47
N MET P 58 54.14 20.80 -32.13
CA MET P 58 55.04 21.44 -33.09
C MET P 58 56.22 20.52 -33.37
N GLU P 59 56.46 20.22 -34.65
CA GLU P 59 57.43 19.19 -35.02
C GLU P 59 58.85 19.71 -35.19
N ASN P 60 59.04 21.03 -35.28
CA ASN P 60 60.37 21.63 -35.31
C ASN P 60 60.91 21.65 -33.89
N HIS P 61 61.98 20.90 -33.62
CA HIS P 61 62.46 20.80 -32.25
C HIS P 61 62.99 22.14 -31.76
N ASP P 62 63.62 22.91 -32.64
CA ASP P 62 64.21 24.17 -32.16
C ASP P 62 63.15 25.23 -31.93
N ARG P 63 62.14 25.25 -32.80
CA ARG P 63 61.00 26.17 -32.68
C ARG P 63 60.30 25.86 -31.35
N SER P 64 60.21 24.57 -31.00
CA SER P 64 59.49 24.17 -29.79
C SER P 64 60.25 24.58 -28.54
N ASP P 65 61.59 24.46 -28.55
CA ASP P 65 62.35 24.76 -27.34
C ASP P 65 62.40 26.26 -27.06
N ASN P 66 62.30 27.08 -28.10
CA ASN P 66 62.54 28.52 -27.99
C ASN P 66 61.27 29.36 -27.98
N ILE P 67 60.12 28.77 -28.29
CA ILE P 67 58.88 29.54 -28.47
C ILE P 67 58.54 30.37 -27.24
N GLY P 68 58.93 29.89 -26.05
CA GLY P 68 58.63 30.66 -24.85
C GLY P 68 59.40 31.96 -24.79
N GLU P 69 60.66 31.98 -25.23
CA GLU P 69 61.52 33.19 -25.20
C GLU P 69 61.19 34.04 -26.41
N GLU P 70 60.66 33.45 -27.46
CA GLU P 70 60.26 34.18 -28.68
C GLU P 70 59.03 35.00 -28.37
N ILE P 71 58.14 34.47 -27.54
CA ILE P 71 56.86 35.14 -27.22
C ILE P 71 57.04 36.00 -25.97
N MET P 72 57.47 35.45 -24.84
CA MET P 72 57.51 36.19 -23.55
C MET P 72 58.87 36.84 -23.32
N GLY P 73 59.82 36.70 -24.25
CA GLY P 73 61.09 37.43 -24.17
C GLY P 73 62.21 36.78 -23.39
N VAL P 74 63.34 37.47 -23.27
CA VAL P 74 64.57 36.92 -22.63
C VAL P 74 64.22 36.36 -21.24
N GLN P 75 64.70 35.18 -20.88
CA GLN P 75 64.42 34.53 -19.57
C GLN P 75 65.74 34.45 -18.78
N PRO P 76 65.72 34.63 -17.46
CA PRO P 76 66.95 34.65 -16.66
C PRO P 76 67.75 33.34 -16.66
N ASN P 77 67.10 32.17 -16.51
CA ASN P 77 67.81 30.86 -16.41
C ASN P 77 67.20 29.85 -17.40
N ALA P 78 67.78 28.65 -17.53
CA ALA P 78 67.33 27.64 -18.49
C ALA P 78 66.04 26.94 -18.03
N VAL P 79 65.92 26.66 -16.74
CA VAL P 79 64.67 26.12 -16.21
C VAL P 79 63.50 27.03 -16.57
N LEU P 80 63.75 28.35 -16.60
CA LEU P 80 62.69 29.30 -16.92
C LEU P 80 62.41 29.37 -18.42
N LYS P 81 63.47 29.32 -19.25
CA LYS P 81 63.25 29.25 -20.68
C LYS P 81 62.42 28.02 -21.05
N ASP P 82 62.58 26.94 -20.31
CA ASP P 82 61.83 25.72 -20.59
C ASP P 82 60.39 25.81 -20.10
N ASP P 83 60.16 26.42 -18.92
CA ASP P 83 58.80 26.53 -18.40
C ASP P 83 57.95 27.50 -19.22
N LYS P 84 58.57 28.53 -19.80
CA LYS P 84 57.83 29.42 -20.69
C LYS P 84 57.48 28.72 -22.00
N ALA P 85 58.44 28.00 -22.59
CA ALA P 85 58.13 27.19 -23.77
C ALA P 85 57.04 26.16 -23.45
N SER P 86 57.02 25.64 -22.23
CA SER P 86 56.03 24.62 -21.88
C SER P 86 54.65 25.22 -21.65
N ASP P 87 54.58 26.49 -21.25
CA ASP P 87 53.30 27.20 -21.25
C ASP P 87 52.66 27.14 -22.64
N ILE P 88 53.45 27.43 -23.68
CA ILE P 88 52.89 27.52 -25.03
C ILE P 88 52.62 26.14 -25.61
N ASN P 89 53.52 25.18 -25.37
CA ASN P 89 53.33 23.86 -25.95
C ASN P 89 52.20 23.11 -25.26
N ASN P 90 52.13 23.20 -23.93
CA ASN P 90 50.98 22.62 -23.23
C ASN P 90 49.67 23.32 -23.61
N PHE P 91 49.72 24.62 -23.94
CA PHE P 91 48.55 25.27 -24.49
C PHE P 91 48.12 24.62 -25.81
N ARG P 92 49.08 24.43 -26.73
CA ARG P 92 48.73 23.84 -28.04
C ARG P 92 48.29 22.38 -27.89
N THR P 93 48.95 21.65 -27.00
CA THR P 93 48.60 20.25 -26.77
C THR P 93 47.16 20.13 -26.24
N ALA P 94 46.80 20.96 -25.27
CA ALA P 94 45.46 20.91 -24.68
C ALA P 94 44.38 21.29 -25.68
N VAL P 95 44.65 22.31 -26.50
CA VAL P 95 43.65 22.74 -27.48
C VAL P 95 43.43 21.65 -28.53
N LEU P 96 44.50 21.03 -29.02
CA LEU P 96 44.33 20.05 -30.09
C LEU P 96 43.80 18.72 -29.54
N MET P 97 44.27 18.32 -28.36
CA MET P 97 43.78 17.12 -27.70
C MET P 97 42.28 17.20 -27.42
N ASN P 98 41.79 18.38 -27.05
CA ASN P 98 40.36 18.54 -26.83
C ASN P 98 39.57 18.32 -28.11
N LYS P 99 40.17 18.61 -29.28
CA LYS P 99 39.53 18.26 -30.54
C LYS P 99 39.65 16.78 -30.88
N ALA P 100 40.59 16.06 -30.28
CA ALA P 100 40.92 14.71 -30.75
C ALA P 100 39.87 13.71 -30.31
N ASP P 101 39.39 12.91 -31.27
CA ASP P 101 38.54 11.79 -30.95
C ASP P 101 39.34 10.64 -30.33
N PHE P 102 40.55 10.41 -30.80
CA PHE P 102 41.38 9.38 -30.19
C PHE P 102 42.84 9.69 -30.52
N VAL P 103 43.74 8.88 -29.96
CA VAL P 103 45.16 9.26 -29.85
C VAL P 103 46.03 8.09 -30.29
N ILE P 104 47.09 8.41 -31.03
CA ILE P 104 48.18 7.48 -31.37
C ILE P 104 49.47 8.05 -30.78
N ALA P 105 50.13 7.27 -29.92
CA ALA P 105 51.38 7.63 -29.27
C ALA P 105 52.48 6.68 -29.70
N LEU P 106 53.62 7.22 -30.13
CA LEU P 106 54.73 6.40 -30.62
C LEU P 106 55.94 6.63 -29.72
N PHE P 107 56.55 5.54 -29.27
CA PHE P 107 57.77 5.57 -28.47
C PHE P 107 58.95 5.02 -29.28
N GLY P 108 60.10 5.68 -29.14
CA GLY P 108 61.30 5.27 -29.82
C GLY P 108 62.40 4.98 -28.82
N GLU P 109 63.55 4.55 -29.35
CA GLU P 109 64.62 4.08 -28.49
C GLU P 109 65.45 5.23 -27.90
N LYS P 110 65.20 6.46 -28.32
CA LYS P 110 65.99 7.61 -27.91
C LYS P 110 65.16 8.53 -27.05
N TYR P 111 65.83 9.28 -26.17
CA TYR P 111 65.24 10.38 -25.39
C TYR P 111 64.34 9.87 -24.26
N LYS P 112 64.14 10.70 -23.23
CA LYS P 112 63.36 10.27 -22.06
C LYS P 112 61.89 10.04 -22.42
N GLN P 113 61.31 10.89 -23.28
CA GLN P 113 59.94 10.73 -23.75
C GLN P 113 58.94 10.69 -22.61
N TRP P 114 59.20 11.44 -21.54
CA TRP P 114 58.18 11.64 -20.54
C TRP P 114 57.04 12.48 -21.09
N ASN P 115 57.31 13.31 -22.10
CA ASN P 115 56.21 14.01 -22.77
C ASN P 115 55.26 13.03 -23.45
N THR P 116 55.79 11.99 -24.10
CA THR P 116 54.91 11.02 -24.75
C THR P 116 54.09 10.25 -23.71
N ALA P 117 54.74 9.79 -22.64
CA ALA P 117 54.04 9.03 -21.62
C ALA P 117 52.96 9.88 -20.97
N MET P 118 53.18 11.19 -20.91
CA MET P 118 52.19 12.11 -20.36
C MET P 118 50.95 12.16 -21.24
N ASP P 119 51.14 12.37 -22.56
CA ASP P 119 50.01 12.50 -23.46
C ASP P 119 49.20 11.21 -23.51
N ALA P 120 49.89 10.09 -23.68
CA ALA P 120 49.21 8.79 -23.72
C ALA P 120 48.38 8.58 -22.46
N SER P 121 48.98 8.79 -21.29
CA SER P 121 48.26 8.61 -20.04
C SER P 121 47.06 9.54 -19.96
N TYR P 122 47.21 10.77 -20.48
CA TYR P 122 46.12 11.74 -20.51
C TYR P 122 44.97 11.25 -21.38
N ALA P 123 45.27 10.74 -22.58
CA ALA P 123 44.23 10.15 -23.43
C ALA P 123 43.43 9.11 -22.67
N ILE P 124 44.12 8.21 -21.99
CA ILE P 124 43.45 7.13 -21.26
C ILE P 124 42.59 7.72 -20.14
N ALA P 125 43.19 8.59 -19.33
CA ALA P 125 42.47 9.16 -18.20
C ALA P 125 41.18 9.82 -18.64
N LYS P 126 41.16 10.41 -19.83
CA LYS P 126 39.98 11.06 -20.37
C LYS P 126 39.11 10.12 -21.18
N GLY P 127 39.43 8.83 -21.22
CA GLY P 127 38.67 7.91 -22.04
C GLY P 127 38.76 8.15 -23.54
N LYS P 128 39.86 8.69 -24.03
CA LYS P 128 40.01 8.68 -25.49
C LYS P 128 40.74 7.42 -25.90
N PRO P 129 40.22 6.63 -26.83
CA PRO P 129 40.92 5.41 -27.24
C PRO P 129 42.37 5.70 -27.64
N LEU P 130 43.26 4.75 -27.33
CA LEU P 130 44.69 4.98 -27.51
C LEU P 130 45.37 3.83 -28.24
N ILE P 131 46.07 4.16 -29.33
CA ILE P 131 47.00 3.24 -29.97
C ILE P 131 48.42 3.63 -29.56
N ILE P 132 49.15 2.70 -28.94
CA ILE P 132 50.56 2.89 -28.65
C ILE P 132 51.37 2.13 -29.69
N ILE P 133 52.35 2.80 -30.30
CA ILE P 133 53.31 2.18 -31.21
C ILE P 133 54.66 2.13 -30.50
N ARG P 134 55.24 0.93 -30.38
CA ARG P 134 56.46 0.79 -29.60
C ARG P 134 57.20 -0.47 -30.01
N PRO P 135 58.53 -0.43 -30.11
CA PRO P 135 59.27 -1.67 -30.36
C PRO P 135 59.23 -2.60 -29.15
N GLU P 136 59.10 -3.90 -29.45
CA GLU P 136 59.03 -4.93 -28.42
C GLU P 136 60.17 -4.86 -27.42
N SER P 137 61.34 -4.38 -27.84
CA SER P 137 62.47 -4.25 -26.92
C SER P 137 62.22 -3.24 -25.83
N LEU P 138 61.21 -2.37 -26.00
CA LEU P 138 60.83 -1.42 -24.97
C LEU P 138 59.57 -1.85 -24.22
N HIS P 139 59.25 -3.16 -24.25
CA HIS P 139 58.00 -3.63 -23.64
C HIS P 139 58.03 -3.53 -22.12
N HIS P 140 59.18 -3.82 -21.48
CA HIS P 140 59.21 -3.80 -20.01
C HIS P 140 58.95 -2.40 -19.44
N PRO P 141 59.68 -1.34 -19.84
CA PRO P 141 59.44 -0.04 -19.21
C PRO P 141 58.09 0.56 -19.57
N LEU P 142 57.43 0.08 -20.62
CA LEU P 142 56.11 0.51 -21.02
C LEU P 142 54.98 -0.40 -20.51
N LYS P 143 55.27 -1.39 -19.66
CA LYS P 143 54.28 -2.44 -19.44
C LYS P 143 52.96 -1.88 -18.88
N GLU P 144 53.03 -0.98 -17.89
CA GLU P 144 51.79 -0.43 -17.32
C GLU P 144 51.02 0.41 -18.34
N LEU P 145 51.71 1.27 -19.07
CA LEU P 145 51.05 2.12 -20.07
C LEU P 145 50.44 1.28 -21.19
N SER P 146 51.17 0.27 -21.67
CA SER P 146 50.65 -0.51 -22.78
C SER P 146 49.49 -1.41 -22.34
N ASN P 147 49.54 -1.91 -21.10
CA ASN P 147 48.41 -2.66 -20.54
C ASN P 147 47.12 -1.84 -20.56
N LYS P 148 47.21 -0.51 -20.32
CA LYS P 148 46.05 0.38 -20.32
C LYS P 148 45.63 0.82 -21.72
N ALA P 149 46.51 0.75 -22.71
CA ALA P 149 46.12 1.21 -24.03
C ALA P 149 45.09 0.24 -24.63
N ASN P 150 44.30 0.75 -25.58
CA ASN P 150 43.43 -0.13 -26.37
C ASN P 150 44.25 -1.10 -27.22
N ILE P 151 45.28 -0.57 -27.91
CA ILE P 151 46.08 -1.32 -28.87
C ILE P 151 47.54 -0.96 -28.70
N THR P 152 48.41 -1.96 -28.61
CA THR P 152 49.87 -1.77 -28.69
C THR P 152 50.40 -2.56 -29.89
N VAL P 153 51.04 -1.86 -30.82
CA VAL P 153 51.64 -2.48 -31.99
C VAL P 153 53.12 -2.09 -32.04
N GLU P 154 53.85 -2.70 -32.97
CA GLU P 154 55.26 -2.38 -33.13
C GLU P 154 55.55 -1.45 -34.30
N THR P 155 54.69 -1.37 -35.31
CA THR P 155 54.98 -0.62 -36.52
C THR P 155 53.84 0.33 -36.90
N VAL P 156 54.21 1.36 -37.65
CA VAL P 156 53.23 2.26 -38.25
C VAL P 156 52.26 1.50 -39.12
N ASN P 157 52.75 0.50 -39.89
CA ASN P 157 51.87 -0.29 -40.76
C ASN P 157 50.78 -1.02 -39.96
N GLN P 158 51.13 -1.53 -38.78
CA GLN P 158 50.10 -2.25 -38.02
C GLN P 158 49.05 -1.30 -37.44
N ALA P 159 49.46 -0.09 -37.06
CA ALA P 159 48.49 0.91 -36.63
C ALA P 159 47.57 1.32 -37.77
N ILE P 160 48.11 1.40 -38.99
CA ILE P 160 47.31 1.74 -40.17
C ILE P 160 46.24 0.70 -40.40
N LYS P 161 46.57 -0.58 -40.22
CA LYS P 161 45.58 -1.63 -40.41
C LYS P 161 44.47 -1.52 -39.36
N ALA P 162 44.83 -1.13 -38.12
CA ALA P 162 43.82 -0.85 -37.10
C ALA P 162 42.95 0.34 -37.50
N LEU P 163 43.58 1.40 -38.04
CA LEU P 163 42.81 2.56 -38.52
C LEU P 163 41.84 2.18 -39.62
N SER P 164 42.27 1.35 -40.57
CA SER P 164 41.38 0.96 -41.66
C SER P 164 40.24 0.10 -41.17
N TYR P 165 40.52 -0.81 -40.24
CA TYR P 165 39.48 -1.70 -39.73
C TYR P 165 38.30 -0.93 -39.17
N LEU P 166 38.58 0.20 -38.54
CA LEU P 166 37.56 1.13 -38.08
C LEU P 166 36.45 1.27 -39.11
N PHE P 167 36.80 1.53 -40.37
CA PHE P 167 35.82 1.86 -41.42
C PHE P 167 35.45 0.68 -42.32
N GLU P 168 36.08 -0.47 -42.15
CA GLU P 168 35.89 -1.63 -43.05
C GLU P 168 34.48 -2.21 -42.90
N THR P 169 33.96 -2.88 -43.92
CA THR P 169 32.57 -3.40 -43.92
C THR P 169 32.58 -4.93 -43.96
N GLU P 170 33.70 -5.58 -44.28
CA GLU P 170 33.78 -7.06 -44.45
C GLU P 170 35.23 -7.51 -44.29
#